data_4RTI
# 
_entry.id   4RTI 
# 
_audit_conform.dict_name       mmcif_pdbx.dic 
_audit_conform.dict_version    5.381 
_audit_conform.dict_location   http://mmcif.pdb.org/dictionaries/ascii/mmcif_pdbx.dic 
# 
loop_
_database_2.database_id 
_database_2.database_code 
_database_2.pdbx_database_accession 
_database_2.pdbx_DOI 
PDB   4RTI         pdb_00004rti 10.2210/pdb4rti/pdb 
RCSB  RCSB087776   ?            ?                   
WWPDB D_1000087776 ?            ?                   
# 
_pdbx_database_related.db_name        PDB 
_pdbx_database_related.db_id          4RTH 
_pdbx_database_related.details        . 
_pdbx_database_related.content_type   unspecified 
# 
_pdbx_database_status.status_code                     REL 
_pdbx_database_status.entry_id                        4RTI 
_pdbx_database_status.recvd_initial_deposition_date   2014-11-15 
_pdbx_database_status.deposit_site                    RCSB 
_pdbx_database_status.process_site                    PDBJ 
_pdbx_database_status.methods_development_category    ? 
_pdbx_database_status.status_code_sf                  REL 
_pdbx_database_status.status_code_mr                  ? 
_pdbx_database_status.SG_entry                        ? 
_pdbx_database_status.status_code_cs                  ? 
_pdbx_database_status.pdb_format_compatible           Y 
_pdbx_database_status.status_code_nmr_data            ? 
# 
loop_
_audit_author.name 
_audit_author.pdbx_ordinal 
'Cao, P.'     1 
'Xie, Y.'     2 
'Li, M.'      3 
'Pan, X.W.'   4 
'Zhang, H.M.' 5 
'Zhao, X.L.'  6 
'Su, X.D.'    7 
'Cheng, T.'   8 
'Chang, W.'   9 
# 
_citation.id                        primary 
_citation.title                     
'Crystal structure analysis of extrinsic PsbP protein of photosystem II reveals a manganese-induced conformational change.' 
_citation.journal_abbrev            'Mol Plant' 
_citation.journal_volume            8 
_citation.page_first                664 
_citation.page_last                 666 
_citation.year                      2015 
_citation.journal_id_ASTM           ? 
_citation.country                   UK 
_citation.journal_id_ISSN           1752-9867 
_citation.journal_id_CSD            ? 
_citation.book_publisher            ? 
_citation.pdbx_database_id_PubMed   25704164 
_citation.pdbx_database_id_DOI      10.1016/j.molp.2015.01.002 
# 
loop_
_citation_author.citation_id 
_citation_author.name 
_citation_author.ordinal 
_citation_author.identifier_ORCID 
primary 'Cao, P.'   1 ? 
primary 'Xie, Y.'   2 ? 
primary 'Li, M.'    3 ? 
primary 'Pan, X.'   4 ? 
primary 'Zhang, H.' 5 ? 
primary 'Zhao, X.'  6 ? 
primary 'Su, X.'    7 ? 
primary 'Cheng, T.' 8 ? 
primary 'Chang, W.' 9 ? 
# 
_cell.entry_id           4RTI 
_cell.length_a           39.354 
_cell.length_b           45.394 
_cell.length_c           80.884 
_cell.angle_alpha        90.00 
_cell.angle_beta         90.00 
_cell.angle_gamma        90.00 
_cell.Z_PDB              4 
_cell.pdbx_unique_axis   ? 
_cell.length_a_esd       ? 
_cell.length_b_esd       ? 
_cell.length_c_esd       ? 
_cell.angle_alpha_esd    ? 
_cell.angle_beta_esd     ? 
_cell.angle_gamma_esd    ? 
# 
_symmetry.entry_id                         4RTI 
_symmetry.space_group_name_H-M             'P 21 21 21' 
_symmetry.pdbx_full_space_group_name_H-M   ? 
_symmetry.cell_setting                     ? 
_symmetry.Int_Tables_number                19 
_symmetry.space_group_name_Hall            ? 
# 
loop_
_entity.id 
_entity.type 
_entity.src_method 
_entity.pdbx_description 
_entity.formula_weight 
_entity.pdbx_number_of_molecules 
_entity.pdbx_ec 
_entity.pdbx_mutation 
_entity.pdbx_fragment 
_entity.details 
1 polymer     nat 'Oxygen-evolving enhancer protein 2, chloroplastic' 20233.523 1   ? ? 'UNP residues 82-267' ? 
2 non-polymer syn 'MANGANESE (II) ION'                                54.938    2   ? ? ?                     ? 
3 non-polymer syn 'CHLORIDE ION'                                      35.453    1   ? ? ?                     ? 
4 water       nat water                                               18.015    148 ? ? ?                     ? 
# 
_entity_name_com.entity_id   1 
_entity_name_com.name        
'OEE2, 23 kDa subunit of oxygen evolving system of photosystem II, 23 kDa thylakoid membrane protein, OEC 23 kDa subunit' 
# 
_entity_poly.entity_id                      1 
_entity_poly.type                           'polypeptide(L)' 
_entity_poly.nstd_linkage                   no 
_entity_poly.nstd_monomer                   no 
_entity_poly.pdbx_seq_one_letter_code       
;AYGEAANVFGKPKKNTEFMPYNGDGFKLLVPSKWNPSKEKEFPGQVLRYEDNFDATSNLSVLVQPTDKKSITDFGSPEDF
LSQVDYLLGKQAYFGKTDSEGGFDSGVVASANVLESSTPVVDGKQYYSITVLTRTADGDEGGKHQVIAATVKDGKLYICK
AQAGDKRWFKGAKKFVESATSSFSVA
;
_entity_poly.pdbx_seq_one_letter_code_can   
;AYGEAANVFGKPKKNTEFMPYNGDGFKLLVPSKWNPSKEKEFPGQVLRYEDNFDATSNLSVLVQPTDKKSITDFGSPEDF
LSQVDYLLGKQAYFGKTDSEGGFDSGVVASANVLESSTPVVDGKQYYSITVLTRTADGDEGGKHQVIAATVKDGKLYICK
AQAGDKRWFKGAKKFVESATSSFSVA
;
_entity_poly.pdbx_strand_id                 A 
_entity_poly.pdbx_target_identifier         ? 
# 
loop_
_entity_poly_seq.entity_id 
_entity_poly_seq.num 
_entity_poly_seq.mon_id 
_entity_poly_seq.hetero 
1 1   ALA n 
1 2   TYR n 
1 3   GLY n 
1 4   GLU n 
1 5   ALA n 
1 6   ALA n 
1 7   ASN n 
1 8   VAL n 
1 9   PHE n 
1 10  GLY n 
1 11  LYS n 
1 12  PRO n 
1 13  LYS n 
1 14  LYS n 
1 15  ASN n 
1 16  THR n 
1 17  GLU n 
1 18  PHE n 
1 19  MET n 
1 20  PRO n 
1 21  TYR n 
1 22  ASN n 
1 23  GLY n 
1 24  ASP n 
1 25  GLY n 
1 26  PHE n 
1 27  LYS n 
1 28  LEU n 
1 29  LEU n 
1 30  VAL n 
1 31  PRO n 
1 32  SER n 
1 33  LYS n 
1 34  TRP n 
1 35  ASN n 
1 36  PRO n 
1 37  SER n 
1 38  LYS n 
1 39  GLU n 
1 40  LYS n 
1 41  GLU n 
1 42  PHE n 
1 43  PRO n 
1 44  GLY n 
1 45  GLN n 
1 46  VAL n 
1 47  LEU n 
1 48  ARG n 
1 49  TYR n 
1 50  GLU n 
1 51  ASP n 
1 52  ASN n 
1 53  PHE n 
1 54  ASP n 
1 55  ALA n 
1 56  THR n 
1 57  SER n 
1 58  ASN n 
1 59  LEU n 
1 60  SER n 
1 61  VAL n 
1 62  LEU n 
1 63  VAL n 
1 64  GLN n 
1 65  PRO n 
1 66  THR n 
1 67  ASP n 
1 68  LYS n 
1 69  LYS n 
1 70  SER n 
1 71  ILE n 
1 72  THR n 
1 73  ASP n 
1 74  PHE n 
1 75  GLY n 
1 76  SER n 
1 77  PRO n 
1 78  GLU n 
1 79  ASP n 
1 80  PHE n 
1 81  LEU n 
1 82  SER n 
1 83  GLN n 
1 84  VAL n 
1 85  ASP n 
1 86  TYR n 
1 87  LEU n 
1 88  LEU n 
1 89  GLY n 
1 90  LYS n 
1 91  GLN n 
1 92  ALA n 
1 93  TYR n 
1 94  PHE n 
1 95  GLY n 
1 96  LYS n 
1 97  THR n 
1 98  ASP n 
1 99  SER n 
1 100 GLU n 
1 101 GLY n 
1 102 GLY n 
1 103 PHE n 
1 104 ASP n 
1 105 SER n 
1 106 GLY n 
1 107 VAL n 
1 108 VAL n 
1 109 ALA n 
1 110 SER n 
1 111 ALA n 
1 112 ASN n 
1 113 VAL n 
1 114 LEU n 
1 115 GLU n 
1 116 SER n 
1 117 SER n 
1 118 THR n 
1 119 PRO n 
1 120 VAL n 
1 121 VAL n 
1 122 ASP n 
1 123 GLY n 
1 124 LYS n 
1 125 GLN n 
1 126 TYR n 
1 127 TYR n 
1 128 SER n 
1 129 ILE n 
1 130 THR n 
1 131 VAL n 
1 132 LEU n 
1 133 THR n 
1 134 ARG n 
1 135 THR n 
1 136 ALA n 
1 137 ASP n 
1 138 GLY n 
1 139 ASP n 
1 140 GLU n 
1 141 GLY n 
1 142 GLY n 
1 143 LYS n 
1 144 HIS n 
1 145 GLN n 
1 146 VAL n 
1 147 ILE n 
1 148 ALA n 
1 149 ALA n 
1 150 THR n 
1 151 VAL n 
1 152 LYS n 
1 153 ASP n 
1 154 GLY n 
1 155 LYS n 
1 156 LEU n 
1 157 TYR n 
1 158 ILE n 
1 159 CYS n 
1 160 LYS n 
1 161 ALA n 
1 162 GLN n 
1 163 ALA n 
1 164 GLY n 
1 165 ASP n 
1 166 LYS n 
1 167 ARG n 
1 168 TRP n 
1 169 PHE n 
1 170 LYS n 
1 171 GLY n 
1 172 ALA n 
1 173 LYS n 
1 174 LYS n 
1 175 PHE n 
1 176 VAL n 
1 177 GLU n 
1 178 SER n 
1 179 ALA n 
1 180 THR n 
1 181 SER n 
1 182 SER n 
1 183 PHE n 
1 184 SER n 
1 185 VAL n 
1 186 ALA n 
# 
_entity_src_nat.entity_id                  1 
_entity_src_nat.pdbx_src_id                1 
_entity_src_nat.pdbx_alt_source_flag       sample 
_entity_src_nat.pdbx_beg_seq_num           ? 
_entity_src_nat.pdbx_end_seq_num           ? 
_entity_src_nat.common_name                Spinach 
_entity_src_nat.pdbx_organism_scientific   'Spinacia oleracea' 
_entity_src_nat.pdbx_ncbi_taxonomy_id      3562 
_entity_src_nat.genus                      ? 
_entity_src_nat.species                    ? 
_entity_src_nat.strain                     ? 
_entity_src_nat.tissue                     ? 
_entity_src_nat.tissue_fraction            ? 
_entity_src_nat.pdbx_secretion             ? 
_entity_src_nat.pdbx_fragment              ? 
_entity_src_nat.pdbx_variant               ? 
_entity_src_nat.pdbx_cell_line             ? 
_entity_src_nat.pdbx_atcc                  ? 
_entity_src_nat.pdbx_cellular_location     ? 
_entity_src_nat.pdbx_organ                 ? 
_entity_src_nat.pdbx_organelle             ? 
_entity_src_nat.pdbx_cell                  ? 
_entity_src_nat.pdbx_plasmid_name          ? 
_entity_src_nat.pdbx_plasmid_details       ? 
_entity_src_nat.details                    ? 
# 
_struct_ref.id                         1 
_struct_ref.db_name                    UNP 
_struct_ref.db_code                    PSBP_SPIOL 
_struct_ref.pdbx_db_accession          P12302 
_struct_ref.entity_id                  1 
_struct_ref.pdbx_seq_one_letter_code   
;AYGEAANVFGKPKKNTEFMPYNGDGFKLLVPSKWNPSKEKEFPGQVLRYEDNFDATSNLSVLVQPTDKKSITDFGSPEDF
LSQVDYLLGKQAYFGKTDSEGGFDSGVVASANVLESSTPVVDGKQYYSITVLTRTADGDEGGKHQVIAATVKDGKLYICK
AQAGDKRWFKGAKKFVESATSSFSVA
;
_struct_ref.pdbx_align_begin           82 
_struct_ref.pdbx_db_isoform            ? 
# 
_struct_ref_seq.align_id                      1 
_struct_ref_seq.ref_id                        1 
_struct_ref_seq.pdbx_PDB_id_code              4RTI 
_struct_ref_seq.pdbx_strand_id                A 
_struct_ref_seq.seq_align_beg                 1 
_struct_ref_seq.pdbx_seq_align_beg_ins_code   ? 
_struct_ref_seq.seq_align_end                 186 
_struct_ref_seq.pdbx_seq_align_end_ins_code   ? 
_struct_ref_seq.pdbx_db_accession             P12302 
_struct_ref_seq.db_align_beg                  82 
_struct_ref_seq.pdbx_db_align_beg_ins_code    ? 
_struct_ref_seq.db_align_end                  267 
_struct_ref_seq.pdbx_db_align_end_ins_code    ? 
_struct_ref_seq.pdbx_auth_seq_align_beg       1 
_struct_ref_seq.pdbx_auth_seq_align_end       186 
# 
loop_
_chem_comp.id 
_chem_comp.type 
_chem_comp.mon_nstd_flag 
_chem_comp.name 
_chem_comp.pdbx_synonyms 
_chem_comp.formula 
_chem_comp.formula_weight 
ALA 'L-peptide linking' y ALANINE              ? 'C3 H7 N O2'     89.093  
ARG 'L-peptide linking' y ARGININE             ? 'C6 H15 N4 O2 1' 175.209 
ASN 'L-peptide linking' y ASPARAGINE           ? 'C4 H8 N2 O3'    132.118 
ASP 'L-peptide linking' y 'ASPARTIC ACID'      ? 'C4 H7 N O4'     133.103 
CL  non-polymer         . 'CHLORIDE ION'       ? 'Cl -1'          35.453  
CYS 'L-peptide linking' y CYSTEINE             ? 'C3 H7 N O2 S'   121.158 
GLN 'L-peptide linking' y GLUTAMINE            ? 'C5 H10 N2 O3'   146.144 
GLU 'L-peptide linking' y 'GLUTAMIC ACID'      ? 'C5 H9 N O4'     147.129 
GLY 'peptide linking'   y GLYCINE              ? 'C2 H5 N O2'     75.067  
HIS 'L-peptide linking' y HISTIDINE            ? 'C6 H10 N3 O2 1' 156.162 
HOH non-polymer         . WATER                ? 'H2 O'           18.015  
ILE 'L-peptide linking' y ISOLEUCINE           ? 'C6 H13 N O2'    131.173 
LEU 'L-peptide linking' y LEUCINE              ? 'C6 H13 N O2'    131.173 
LYS 'L-peptide linking' y LYSINE               ? 'C6 H15 N2 O2 1' 147.195 
MET 'L-peptide linking' y METHIONINE           ? 'C5 H11 N O2 S'  149.211 
MN  non-polymer         . 'MANGANESE (II) ION' ? 'Mn 2'           54.938  
PHE 'L-peptide linking' y PHENYLALANINE        ? 'C9 H11 N O2'    165.189 
PRO 'L-peptide linking' y PROLINE              ? 'C5 H9 N O2'     115.130 
SER 'L-peptide linking' y SERINE               ? 'C3 H7 N O3'     105.093 
THR 'L-peptide linking' y THREONINE            ? 'C4 H9 N O3'     119.119 
TRP 'L-peptide linking' y TRYPTOPHAN           ? 'C11 H12 N2 O2'  204.225 
TYR 'L-peptide linking' y TYROSINE             ? 'C9 H11 N O3'    181.189 
VAL 'L-peptide linking' y VALINE               ? 'C5 H11 N O2'    117.146 
# 
_exptl.entry_id          4RTI 
_exptl.method            'X-RAY DIFFRACTION' 
_exptl.crystals_number   1 
# 
_exptl_crystal.id                    1 
_exptl_crystal.density_meas          ? 
_exptl_crystal.density_Matthews      1.79 
_exptl_crystal.density_percent_sol   31.10 
_exptl_crystal.description           ? 
_exptl_crystal.F_000                 ? 
_exptl_crystal.preparation           ? 
# 
_exptl_crystal_grow.crystal_id      1 
_exptl_crystal_grow.method          'VAPOR DIFFUSION, SITTING DROP' 
_exptl_crystal_grow.temp            291 
_exptl_crystal_grow.temp_details    ? 
_exptl_crystal_grow.pH              7.0 
_exptl_crystal_grow.pdbx_details    '0.1M Magnesium Formate, 15% PEG 3350, pH 7.0, VAPOR DIFFUSION, SITTING DROP, temperature 291K' 
_exptl_crystal_grow.pdbx_pH_range   . 
# 
_diffrn.id                     1 
_diffrn.ambient_temp           100 
_diffrn.ambient_temp_details   ? 
_diffrn.crystal_id             1 
# 
_diffrn_detector.diffrn_id              1 
_diffrn_detector.detector               CCD 
_diffrn_detector.type                   'ADSC QUANTUM 315' 
_diffrn_detector.pdbx_collection_date   2013-11-08 
_diffrn_detector.details                ? 
# 
_diffrn_radiation.diffrn_id                        1 
_diffrn_radiation.wavelength_id                    1 
_diffrn_radiation.pdbx_monochromatic_or_laue_m_l   M 
_diffrn_radiation.monochromator                    GRAPHITE 
_diffrn_radiation.pdbx_diffrn_protocol             'SINGLE WAVELENGTH' 
_diffrn_radiation.pdbx_scattering_type             x-ray 
# 
_diffrn_radiation_wavelength.id           1 
_diffrn_radiation_wavelength.wavelength   0.98 
_diffrn_radiation_wavelength.wt           1.0 
# 
_diffrn_source.diffrn_id                   1 
_diffrn_source.source                      SYNCHROTRON 
_diffrn_source.type                        'SSRF BEAMLINE BL17U' 
_diffrn_source.pdbx_synchrotron_site       SSRF 
_diffrn_source.pdbx_synchrotron_beamline   BL17U 
_diffrn_source.pdbx_wavelength             ? 
_diffrn_source.pdbx_wavelength_list        0.98 
# 
_reflns.entry_id                     4RTI 
_reflns.observed_criterion_sigma_I   1.5 
_reflns.observed_criterion_sigma_F   1.5 
_reflns.d_resolution_low             30 
_reflns.d_resolution_high            1.8 
_reflns.number_obs                   13943 
_reflns.number_all                   13971 
_reflns.percent_possible_obs         99.8 
_reflns.pdbx_Rmerge_I_obs            0.066 
_reflns.pdbx_Rsym_value              ? 
_reflns.pdbx_netI_over_sigmaI        27.8 
_reflns.B_iso_Wilson_estimate        ? 
_reflns.pdbx_redundancy              5.6 
_reflns.R_free_details               ? 
_reflns.limit_h_max                  ? 
_reflns.limit_h_min                  ? 
_reflns.limit_k_max                  ? 
_reflns.limit_k_min                  ? 
_reflns.limit_l_max                  ? 
_reflns.limit_l_min                  ? 
_reflns.observed_criterion_F_max     ? 
_reflns.observed_criterion_F_min     ? 
_reflns.pdbx_chi_squared             ? 
_reflns.pdbx_scaling_rejects         ? 
_reflns.pdbx_ordinal                 1 
_reflns.pdbx_diffrn_id               1 
# 
_reflns_shell.d_res_high                  1.80 
_reflns_shell.d_res_low                   1.83 
_reflns_shell.percent_possible_all        100 
_reflns_shell.Rmerge_I_obs                0.662 
_reflns_shell.pdbx_Rsym_value             ? 
_reflns_shell.meanI_over_sigI_obs         2.6 
_reflns_shell.pdbx_redundancy             ? 
_reflns_shell.percent_possible_obs        ? 
_reflns_shell.number_unique_all           ? 
_reflns_shell.number_measured_all         ? 
_reflns_shell.number_measured_obs         ? 
_reflns_shell.number_unique_obs           ? 
_reflns_shell.pdbx_chi_squared            ? 
_reflns_shell.pdbx_rejects                ? 
_reflns_shell.pdbx_netI_over_sigmaI_obs   ? 
_reflns_shell.number_possible             ? 
_reflns_shell.Rmerge_F_all                ? 
_reflns_shell.Rmerge_F_obs                ? 
_reflns_shell.Rmerge_I_all                ? 
_reflns_shell.meanI_over_sigI_all         ? 
_reflns_shell.pdbx_Rrim_I_all             ? 
_reflns_shell.pdbx_Rpim_I_all             ? 
_reflns_shell.pdbx_ordinal                1 
_reflns_shell.pdbx_diffrn_id              1 
# 
_refine.entry_id                                 4RTI 
_refine.ls_number_reflns_obs                     13126 
_refine.ls_number_reflns_all                     13267 
_refine.pdbx_ls_sigma_I                          ? 
_refine.pdbx_ls_sigma_F                          1.0 
_refine.pdbx_data_cutoff_high_absF               ? 
_refine.pdbx_data_cutoff_low_absF                ? 
_refine.pdbx_data_cutoff_high_rms_absF           ? 
_refine.ls_d_res_low                             30 
_refine.ls_d_res_high                            1.80 
_refine.ls_percent_reflns_obs                    98.94 
_refine.ls_R_factor_obs                          0.17800 
_refine.ls_R_factor_all                          0.178 
_refine.ls_R_factor_R_work                       0.17561 
_refine.ls_R_factor_R_free                       0.22769 
_refine.ls_R_factor_R_free_error                 ? 
_refine.ls_R_factor_R_free_error_details         ? 
_refine.ls_percent_reflns_R_free                 5.2 
_refine.ls_number_reflns_R_free                  720 
_refine.ls_number_parameters                     ? 
_refine.ls_number_restraints                     ? 
_refine.occupancy_min                            ? 
_refine.occupancy_max                            ? 
_refine.correlation_coeff_Fo_to_Fc               0.961 
_refine.correlation_coeff_Fo_to_Fc_free          0.941 
_refine.B_iso_mean                               25.237 
_refine.aniso_B[1][1]                            0.06 
_refine.aniso_B[2][2]                            -0.06 
_refine.aniso_B[3][3]                            -0.01 
_refine.aniso_B[1][2]                            0.00 
_refine.aniso_B[1][3]                            0.00 
_refine.aniso_B[2][3]                            0.00 
_refine.solvent_model_details                    MASK 
_refine.solvent_model_param_ksol                 ? 
_refine.solvent_model_param_bsol                 ? 
_refine.pdbx_solvent_vdw_probe_radii             1.20 
_refine.pdbx_solvent_ion_probe_radii             0.80 
_refine.pdbx_solvent_shrinkage_radii             0.80 
_refine.pdbx_ls_cross_valid_method               THROUGHOUT 
_refine.details                                  ? 
_refine.pdbx_starting_model                      1V2B 
_refine.pdbx_method_to_determine_struct          'MOLECULAR REPLACEMENT' 
_refine.pdbx_isotropic_thermal_model             ? 
_refine.pdbx_stereochemistry_target_values       'MAXIMUM LIKELIHOOD' 
_refine.pdbx_stereochem_target_val_spec_case     ? 
_refine.pdbx_R_Free_selection_details            RANDOM 
_refine.pdbx_overall_ESU_R                       0.148 
_refine.pdbx_overall_ESU_R_Free                  0.142 
_refine.overall_SU_ML                            0.095 
_refine.pdbx_overall_phase_error                 ? 
_refine.overall_SU_B                             3.093 
_refine.overall_SU_R_Cruickshank_DPI             ? 
_refine.ls_redundancy_reflns_obs                 ? 
_refine.B_iso_min                                ? 
_refine.B_iso_max                                ? 
_refine.overall_SU_R_free                        ? 
_refine.ls_wR_factor_R_free                      ? 
_refine.ls_wR_factor_R_work                      ? 
_refine.overall_FOM_free_R_set                   ? 
_refine.overall_FOM_work_R_set                   ? 
_refine.pdbx_diffrn_id                           1 
_refine.pdbx_refine_id                           'X-RAY DIFFRACTION' 
_refine.pdbx_TLS_residual_ADP_flag               ? 
_refine.pdbx_overall_SU_R_free_Cruickshank_DPI   ? 
_refine.pdbx_overall_SU_R_Blow_DPI               ? 
_refine.pdbx_overall_SU_R_free_Blow_DPI          ? 
# 
_refine_hist.pdbx_refine_id                   'X-RAY DIFFRACTION' 
_refine_hist.cycle_id                         LAST 
_refine_hist.pdbx_number_atoms_protein        1349 
_refine_hist.pdbx_number_atoms_nucleic_acid   0 
_refine_hist.pdbx_number_atoms_ligand         3 
_refine_hist.number_atoms_solvent             148 
_refine_hist.number_atoms_total               1500 
_refine_hist.d_res_high                       1.80 
_refine_hist.d_res_low                        30 
# 
loop_
_refine_ls_restr.type 
_refine_ls_restr.dev_ideal 
_refine_ls_restr.dev_ideal_target 
_refine_ls_restr.weight 
_refine_ls_restr.number 
_refine_ls_restr.pdbx_restraint_function 
_refine_ls_restr.pdbx_refine_id 
r_bond_refined_d             0.008  0.020  ? 1379 ? 'X-RAY DIFFRACTION' 
r_bond_other_d               0.006  0.020  ? 1284 ? 'X-RAY DIFFRACTION' 
r_angle_refined_deg          1.160  1.957  ? 1861 ? 'X-RAY DIFFRACTION' 
r_angle_other_deg            0.704  3.000  ? 2981 ? 'X-RAY DIFFRACTION' 
r_dihedral_angle_1_deg       6.146  5.000  ? 174  ? 'X-RAY DIFFRACTION' 
r_dihedral_angle_2_deg       42.021 25.500 ? 60   ? 'X-RAY DIFFRACTION' 
r_dihedral_angle_3_deg       13.019 15.000 ? 235  ? 'X-RAY DIFFRACTION' 
r_dihedral_angle_4_deg       9.023  15.000 ? 3    ? 'X-RAY DIFFRACTION' 
r_chiral_restr               0.074  0.200  ? 200  ? 'X-RAY DIFFRACTION' 
r_gen_planes_refined         0.005  0.021  ? 1569 ? 'X-RAY DIFFRACTION' 
r_gen_planes_other           0.001  0.020  ? 304  ? 'X-RAY DIFFRACTION' 
r_nbd_refined                ?      ?      ? ?    ? 'X-RAY DIFFRACTION' 
r_nbd_other                  ?      ?      ? ?    ? 'X-RAY DIFFRACTION' 
r_nbtor_refined              ?      ?      ? ?    ? 'X-RAY DIFFRACTION' 
r_nbtor_other                ?      ?      ? ?    ? 'X-RAY DIFFRACTION' 
r_xyhbond_nbd_refined        ?      ?      ? ?    ? 'X-RAY DIFFRACTION' 
r_xyhbond_nbd_other          ?      ?      ? ?    ? 'X-RAY DIFFRACTION' 
r_metal_ion_refined          ?      ?      ? ?    ? 'X-RAY DIFFRACTION' 
r_metal_ion_other            ?      ?      ? ?    ? 'X-RAY DIFFRACTION' 
r_symmetry_vdw_refined       ?      ?      ? ?    ? 'X-RAY DIFFRACTION' 
r_symmetry_vdw_other         ?      ?      ? ?    ? 'X-RAY DIFFRACTION' 
r_symmetry_hbond_refined     ?      ?      ? ?    ? 'X-RAY DIFFRACTION' 
r_symmetry_hbond_other       ?      ?      ? ?    ? 'X-RAY DIFFRACTION' 
r_symmetry_metal_ion_refined ?      ?      ? ?    ? 'X-RAY DIFFRACTION' 
r_symmetry_metal_ion_other   ?      ?      ? ?    ? 'X-RAY DIFFRACTION' 
r_mcbond_it                  1.739  2.361  ? 699  ? 'X-RAY DIFFRACTION' 
r_mcbond_other               1.685  2.358  ? 698  ? 'X-RAY DIFFRACTION' 
r_mcangle_it                 2.950  3.525  ? 872  ? 'X-RAY DIFFRACTION' 
r_mcangle_other              2.952  3.528  ? 873  ? 'X-RAY DIFFRACTION' 
r_scbond_it                  1.959  2.549  ? 680  ? 'X-RAY DIFFRACTION' 
r_scbond_other               1.957  2.550  ? 681  ? 'X-RAY DIFFRACTION' 
r_scangle_it                 ?      ?      ? ?    ? 'X-RAY DIFFRACTION' 
r_scangle_other              3.152  3.700  ? 990  ? 'X-RAY DIFFRACTION' 
r_long_range_B_refined       5.663  19.725 ? 1629 ? 'X-RAY DIFFRACTION' 
r_long_range_B_other         5.518  19.348 ? 1581 ? 'X-RAY DIFFRACTION' 
r_rigid_bond_restr           ?      ?      ? ?    ? 'X-RAY DIFFRACTION' 
r_sphericity_free            ?      ?      ? ?    ? 'X-RAY DIFFRACTION' 
r_sphericity_bonded          ?      ?      ? ?    ? 'X-RAY DIFFRACTION' 
# 
_refine_ls_shell.pdbx_refine_id                   'X-RAY DIFFRACTION' 
_refine_ls_shell.pdbx_total_number_of_bins_used   20 
_refine_ls_shell.d_res_high                       1.800 
_refine_ls_shell.d_res_low                        1.847 
_refine_ls_shell.number_reflns_R_work             838 
_refine_ls_shell.R_factor_R_work                  0.216 
_refine_ls_shell.percent_reflns_obs               90.20 
_refine_ls_shell.R_factor_R_free                  0.270 
_refine_ls_shell.R_factor_R_free_error            ? 
_refine_ls_shell.percent_reflns_R_free            ? 
_refine_ls_shell.number_reflns_R_free             55 
_refine_ls_shell.number_reflns_all                ? 
_refine_ls_shell.R_factor_all                     ? 
_refine_ls_shell.number_reflns_obs                ? 
_refine_ls_shell.redundancy_reflns_obs            ? 
# 
_struct.entry_id                  4RTI 
_struct.title                     'The crystal structure of PsbP from Spinacia oleracea' 
_struct.pdbx_model_details        ? 
_struct.pdbx_CASP_flag            ? 
_struct.pdbx_model_type_details   ? 
# 
_struct_keywords.entry_id        4RTI 
_struct_keywords.pdbx_keywords   PHOTOSYNTHESIS 
_struct_keywords.text            
'beta-sandwich folding, membrane-extrinsic protein of photosystem II, PHOTOSYNTHESIS, Manganese-binding' 
# 
loop_
_struct_asym.id 
_struct_asym.pdbx_blank_PDB_chainid_flag 
_struct_asym.pdbx_modified 
_struct_asym.entity_id 
_struct_asym.details 
A N N 1 ? 
B N N 2 ? 
C N N 2 ? 
D N N 3 ? 
E N N 4 ? 
# 
_struct_biol.id        1 
_struct_biol.details   ? 
# 
loop_
_struct_conf.conf_type_id 
_struct_conf.id 
_struct_conf.pdbx_PDB_helix_id 
_struct_conf.beg_label_comp_id 
_struct_conf.beg_label_asym_id 
_struct_conf.beg_label_seq_id 
_struct_conf.pdbx_beg_PDB_ins_code 
_struct_conf.end_label_comp_id 
_struct_conf.end_label_asym_id 
_struct_conf.end_label_seq_id 
_struct_conf.pdbx_end_PDB_ins_code 
_struct_conf.beg_auth_comp_id 
_struct_conf.beg_auth_asym_id 
_struct_conf.beg_auth_seq_id 
_struct_conf.end_auth_comp_id 
_struct_conf.end_auth_asym_id 
_struct_conf.end_auth_seq_id 
_struct_conf.pdbx_PDB_helix_class 
_struct_conf.details 
_struct_conf.pdbx_PDB_helix_length 
HELX_P HELX_P1 1 SER A 70  ? GLY A 75  ? SER A 70  GLY A 75  5 ? 6  
HELX_P HELX_P2 2 SER A 76  ? VAL A 84  ? SER A 76  VAL A 84  1 ? 9  
HELX_P HELX_P3 3 ASP A 85  ? LEU A 88  ? ASP A 85  LEU A 88  5 ? 4  
HELX_P HELX_P4 4 ASP A 165 ? LYS A 170 ? ASP A 165 LYS A 170 1 ? 6  
HELX_P HELX_P5 5 GLY A 171 ? PHE A 183 ? GLY A 171 PHE A 183 1 ? 13 
# 
_struct_conf_type.id          HELX_P 
_struct_conf_type.criteria    ? 
_struct_conf_type.reference   ? 
# 
loop_
_struct_conn.id 
_struct_conn.conn_type_id 
_struct_conn.pdbx_leaving_atom_flag 
_struct_conn.pdbx_PDB_id 
_struct_conn.ptnr1_label_asym_id 
_struct_conn.ptnr1_label_comp_id 
_struct_conn.ptnr1_label_seq_id 
_struct_conn.ptnr1_label_atom_id 
_struct_conn.pdbx_ptnr1_label_alt_id 
_struct_conn.pdbx_ptnr1_PDB_ins_code 
_struct_conn.pdbx_ptnr1_standard_comp_id 
_struct_conn.ptnr1_symmetry 
_struct_conn.ptnr2_label_asym_id 
_struct_conn.ptnr2_label_comp_id 
_struct_conn.ptnr2_label_seq_id 
_struct_conn.ptnr2_label_atom_id 
_struct_conn.pdbx_ptnr2_label_alt_id 
_struct_conn.pdbx_ptnr2_PDB_ins_code 
_struct_conn.ptnr1_auth_asym_id 
_struct_conn.ptnr1_auth_comp_id 
_struct_conn.ptnr1_auth_seq_id 
_struct_conn.ptnr2_auth_asym_id 
_struct_conn.ptnr2_auth_comp_id 
_struct_conn.ptnr2_auth_seq_id 
_struct_conn.ptnr2_symmetry 
_struct_conn.pdbx_ptnr3_label_atom_id 
_struct_conn.pdbx_ptnr3_label_seq_id 
_struct_conn.pdbx_ptnr3_label_comp_id 
_struct_conn.pdbx_ptnr3_label_asym_id 
_struct_conn.pdbx_ptnr3_label_alt_id 
_struct_conn.pdbx_ptnr3_PDB_ins_code 
_struct_conn.details 
_struct_conn.pdbx_dist_value 
_struct_conn.pdbx_value_order 
_struct_conn.pdbx_role 
metalc1 metalc ? ? A ASP 98  OD2 ? ? ? 1_555 C MN  . MN ? ? A ASP 98  A MN  802 1_555 ? ? ? ? ? ? ? 1.964 ? ? 
metalc2 metalc ? ? A ASP 98  OD1 ? ? ? 1_555 C MN  . MN ? ? A ASP 98  A MN  802 1_555 ? ? ? ? ? ? ? 2.757 ? ? 
metalc3 metalc ? ? A HIS 144 NE2 ? ? ? 1_555 B MN  . MN ? ? A HIS 144 A MN  801 1_555 ? ? ? ? ? ? ? 1.995 ? ? 
metalc4 metalc ? ? A ASP 165 OD1 ? ? ? 1_555 B MN  . MN ? ? A ASP 165 A MN  801 1_555 ? ? ? ? ? ? ? 1.864 ? ? 
metalc5 metalc ? ? B MN  .   MN  ? ? ? 1_555 D CL  . CL ? ? A MN  801 A CL  803 1_555 ? ? ? ? ? ? ? 2.000 ? ? 
metalc6 metalc ? ? C MN  .   MN  ? ? ? 1_555 E HOH . O  ? ? A MN  802 A HOH 903 1_555 ? ? ? ? ? ? ? 2.130 ? ? 
# 
_struct_conn_type.id          metalc 
_struct_conn_type.criteria    ? 
_struct_conn_type.reference   ? 
# 
loop_
_struct_sheet.id 
_struct_sheet.type 
_struct_sheet.number_strands 
_struct_sheet.details 
A ? 3 ? 
B ? 7 ? 
C ? 2 ? 
D ? 2 ? 
# 
loop_
_struct_sheet_order.sheet_id 
_struct_sheet_order.range_id_1 
_struct_sheet_order.range_id_2 
_struct_sheet_order.offset 
_struct_sheet_order.sense 
A 1 2 ? anti-parallel 
A 2 3 ? anti-parallel 
B 1 2 ? anti-parallel 
B 2 3 ? anti-parallel 
B 3 4 ? anti-parallel 
B 4 5 ? anti-parallel 
B 5 6 ? anti-parallel 
B 6 7 ? anti-parallel 
C 1 2 ? anti-parallel 
D 1 2 ? anti-parallel 
# 
loop_
_struct_sheet_range.sheet_id 
_struct_sheet_range.id 
_struct_sheet_range.beg_label_comp_id 
_struct_sheet_range.beg_label_asym_id 
_struct_sheet_range.beg_label_seq_id 
_struct_sheet_range.pdbx_beg_PDB_ins_code 
_struct_sheet_range.end_label_comp_id 
_struct_sheet_range.end_label_asym_id 
_struct_sheet_range.end_label_seq_id 
_struct_sheet_range.pdbx_end_PDB_ins_code 
_struct_sheet_range.beg_auth_comp_id 
_struct_sheet_range.beg_auth_asym_id 
_struct_sheet_range.beg_auth_seq_id 
_struct_sheet_range.end_auth_comp_id 
_struct_sheet_range.end_auth_asym_id 
_struct_sheet_range.end_auth_seq_id 
A 1 PHE A 18  ? ASN A 22  ? PHE A 18  ASN A 22  
A 2 PHE A 26  ? PRO A 31  ? PHE A 26  PRO A 31  
A 3 SER A 184 ? VAL A 185 ? SER A 184 VAL A 185 
B 1 ASN A 35  ? PRO A 36  ? ASN A 35  PRO A 36  
B 2 GLN A 45  ? ASP A 51  ? GLN A 45  ASP A 51  
B 3 ASP A 54  ? PRO A 65  ? ASP A 54  PRO A 65  
B 4 LYS A 155 ? GLY A 164 ? LYS A 155 GLY A 164 
B 5 LYS A 143 ? LYS A 152 ? LYS A 143 LYS A 152 
B 6 TYR A 127 ? ARG A 134 ? TYR A 127 ARG A 134 
B 7 SER A 110 ? SER A 117 ? SER A 110 SER A 117 
C 1 GLY A 95  ? LYS A 96  ? GLY A 95  LYS A 96  
C 2 SER A 105 ? GLY A 106 ? SER A 105 GLY A 106 
D 1 VAL A 120 ? VAL A 121 ? VAL A 120 VAL A 121 
D 2 LYS A 124 ? GLN A 125 ? LYS A 124 GLN A 125 
# 
loop_
_pdbx_struct_sheet_hbond.sheet_id 
_pdbx_struct_sheet_hbond.range_id_1 
_pdbx_struct_sheet_hbond.range_id_2 
_pdbx_struct_sheet_hbond.range_1_label_atom_id 
_pdbx_struct_sheet_hbond.range_1_label_comp_id 
_pdbx_struct_sheet_hbond.range_1_label_asym_id 
_pdbx_struct_sheet_hbond.range_1_label_seq_id 
_pdbx_struct_sheet_hbond.range_1_PDB_ins_code 
_pdbx_struct_sheet_hbond.range_1_auth_atom_id 
_pdbx_struct_sheet_hbond.range_1_auth_comp_id 
_pdbx_struct_sheet_hbond.range_1_auth_asym_id 
_pdbx_struct_sheet_hbond.range_1_auth_seq_id 
_pdbx_struct_sheet_hbond.range_2_label_atom_id 
_pdbx_struct_sheet_hbond.range_2_label_comp_id 
_pdbx_struct_sheet_hbond.range_2_label_asym_id 
_pdbx_struct_sheet_hbond.range_2_label_seq_id 
_pdbx_struct_sheet_hbond.range_2_PDB_ins_code 
_pdbx_struct_sheet_hbond.range_2_auth_atom_id 
_pdbx_struct_sheet_hbond.range_2_auth_comp_id 
_pdbx_struct_sheet_hbond.range_2_auth_asym_id 
_pdbx_struct_sheet_hbond.range_2_auth_seq_id 
A 1 2 N MET A 19  ? N MET A 19  O VAL A 30  ? O VAL A 30  
A 2 3 N LYS A 27  ? N LYS A 27  O SER A 184 ? O SER A 184 
B 1 2 N ASN A 35  ? N ASN A 35  O GLU A 50  ? O GLU A 50  
B 2 3 N VAL A 46  ? N VAL A 46  O VAL A 61  ? O VAL A 61  
B 3 4 N GLN A 64  ? N GLN A 64  O LEU A 156 ? O LEU A 156 
B 4 5 O ALA A 163 ? O ALA A 163 N HIS A 144 ? N HIS A 144 
B 5 6 O GLN A 145 ? O GLN A 145 N VAL A 131 ? N VAL A 131 
B 6 7 O THR A 130 ? O THR A 130 N GLU A 115 ? N GLU A 115 
C 1 2 N GLY A 95  ? N GLY A 95  O GLY A 106 ? O GLY A 106 
D 1 2 N VAL A 121 ? N VAL A 121 O LYS A 124 ? O LYS A 124 
# 
loop_
_struct_site.id 
_struct_site.pdbx_evidence_code 
_struct_site.pdbx_auth_asym_id 
_struct_site.pdbx_auth_comp_id 
_struct_site.pdbx_auth_seq_id 
_struct_site.pdbx_auth_ins_code 
_struct_site.pdbx_num_residues 
_struct_site.details 
AC1 Software A MN 801 ? 4 'BINDING SITE FOR RESIDUE MN A 801' 
AC2 Software A MN 802 ? 4 'BINDING SITE FOR RESIDUE MN A 802' 
AC3 Software A CL 803 ? 5 'BINDING SITE FOR RESIDUE CL A 803' 
# 
loop_
_struct_site_gen.id 
_struct_site_gen.site_id 
_struct_site_gen.pdbx_num_res 
_struct_site_gen.label_comp_id 
_struct_site_gen.label_asym_id 
_struct_site_gen.label_seq_id 
_struct_site_gen.pdbx_auth_ins_code 
_struct_site_gen.auth_comp_id 
_struct_site_gen.auth_asym_id 
_struct_site_gen.auth_seq_id 
_struct_site_gen.label_atom_id 
_struct_site_gen.label_alt_id 
_struct_site_gen.symmetry 
_struct_site_gen.details 
1  AC1 4 ASP A 79  ? ASP A 79  . ? 3_746 ? 
2  AC1 4 HIS A 144 ? HIS A 144 . ? 1_555 ? 
3  AC1 4 ASP A 165 ? ASP A 165 . ? 1_555 ? 
4  AC1 4 CL  D .   ? CL  A 803 . ? 1_555 ? 
5  AC2 4 ASP A 24  ? ASP A 24  . ? 2_665 ? 
6  AC2 4 ASP A 73  ? ASP A 73  . ? 3_746 ? 
7  AC2 4 ASP A 98  ? ASP A 98  . ? 1_555 ? 
8  AC2 4 HOH E .   ? HOH A 903 . ? 1_555 ? 
9  AC3 5 ASP A 79  ? ASP A 79  . ? 3_746 ? 
10 AC3 5 HIS A 144 ? HIS A 144 . ? 1_555 ? 
11 AC3 5 ASP A 165 ? ASP A 165 . ? 1_555 ? 
12 AC3 5 MN  B .   ? MN  A 801 . ? 1_555 ? 
13 AC3 5 HOH E .   ? HOH A 966 . ? 1_555 ? 
# 
_atom_sites.entry_id                    4RTI 
_atom_sites.fract_transf_matrix[1][1]   0.01110559 
_atom_sites.fract_transf_matrix[1][2]   0.00390237 
_atom_sites.fract_transf_matrix[1][3]   -0.02251900 
_atom_sites.fract_transf_matrix[2][1]   0.00360681 
_atom_sites.fract_transf_matrix[2][2]   -0.02164210 
_atom_sites.fract_transf_matrix[2][3]   -0.00197166 
_atom_sites.fract_transf_matrix[3][1]   -0.01093392 
_atom_sites.fract_transf_matrix[3][2]   -0.00131028 
_atom_sites.fract_transf_matrix[3][3]   -0.00561929 
_atom_sites.fract_transf_vector[1]      0.821043 
_atom_sites.fract_transf_vector[2]      0.477139 
_atom_sites.fract_transf_vector[3]      0.629994 
# 
loop_
_atom_type.symbol 
C  
CL 
MN 
N  
O  
S  
# 
loop_
_atom_site.group_PDB 
_atom_site.id 
_atom_site.type_symbol 
_atom_site.label_atom_id 
_atom_site.label_alt_id 
_atom_site.label_comp_id 
_atom_site.label_asym_id 
_atom_site.label_entity_id 
_atom_site.label_seq_id 
_atom_site.pdbx_PDB_ins_code 
_atom_site.Cartn_x 
_atom_site.Cartn_y 
_atom_site.Cartn_z 
_atom_site.occupancy 
_atom_site.B_iso_or_equiv 
_atom_site.pdbx_formal_charge 
_atom_site.auth_seq_id 
_atom_site.auth_comp_id 
_atom_site.auth_asym_id 
_atom_site.auth_atom_id 
_atom_site.pdbx_PDB_model_num 
ATOM   1    N  N   . PRO A 1 12  ? 23.804  14.122  11.883  1.00 74.89 ? 12   PRO A N   1 
ATOM   2    C  CA  . PRO A 1 12  ? 22.460  13.919  11.359  1.00 75.23 ? 12   PRO A CA  1 
ATOM   3    C  C   . PRO A 1 12  ? 21.375  14.407  12.320  1.00 75.22 ? 12   PRO A C   1 
ATOM   4    O  O   . PRO A 1 12  ? 21.197  13.836  13.397  1.00 77.48 ? 12   PRO A O   1 
ATOM   5    C  CB  . PRO A 1 12  ? 22.391  12.395  11.168  1.00 73.40 ? 12   PRO A CB  1 
ATOM   6    C  CG  . PRO A 1 12  ? 23.819  11.941  11.057  1.00 74.54 ? 12   PRO A CG  1 
ATOM   7    C  CD  . PRO A 1 12  ? 24.731  13.098  11.382  1.00 74.63 ? 12   PRO A CD  1 
ATOM   8    N  N   . LYS A 1 13  ? 20.663  15.457  11.924  1.00 74.31 ? 13   LYS A N   1 
ATOM   9    C  CA  . LYS A 1 13  ? 19.624  16.060  12.765  1.00 72.52 ? 13   LYS A CA  1 
ATOM   10   C  C   . LYS A 1 13  ? 18.252  15.452  12.462  1.00 68.55 ? 13   LYS A C   1 
ATOM   11   O  O   . LYS A 1 13  ? 18.056  14.835  11.413  1.00 68.19 ? 13   LYS A O   1 
ATOM   12   C  CB  . LYS A 1 13  ? 19.601  17.575  12.551  1.00 73.23 ? 13   LYS A CB  1 
ATOM   13   C  CG  . LYS A 1 13  ? 18.701  18.344  13.506  1.00 72.79 ? 13   LYS A CG  1 
ATOM   14   C  CD  . LYS A 1 13  ? 18.727  19.836  13.226  1.00 73.41 ? 13   LYS A CD  1 
ATOM   15   C  CE  . LYS A 1 13  ? 18.092  20.170  11.884  1.00 71.99 ? 13   LYS A CE  1 
ATOM   16   N  NZ  . LYS A 1 13  ? 16.647  19.812  11.838  1.00 72.37 ? 13   LYS A NZ  1 
ATOM   17   N  N   . LYS A 1 14  ? 17.315  15.617  13.391  1.00 62.12 ? 14   LYS A N   1 
ATOM   18   C  CA  . LYS A 1 14  ? 15.973  15.069  13.245  1.00 57.46 ? 14   LYS A CA  1 
ATOM   19   C  C   . LYS A 1 14  ? 15.088  15.901  12.323  1.00 51.74 ? 14   LYS A C   1 
ATOM   20   O  O   . LYS A 1 14  ? 14.935  17.112  12.499  1.00 50.12 ? 14   LYS A O   1 
ATOM   21   C  CB  . LYS A 1 14  ? 15.301  14.939  14.608  1.00 59.08 ? 14   LYS A CB  1 
ATOM   22   C  CG  . LYS A 1 14  ? 15.957  13.912  15.519  1.00 60.43 ? 14   LYS A CG  1 
ATOM   23   C  CD  . LYS A 1 14  ? 15.036  13.512  16.668  1.00 61.34 ? 14   LYS A CD  1 
ATOM   24   C  CE  . LYS A 1 14  ? 13.748  12.869  16.166  1.00 61.18 ? 14   LYS A CE  1 
ATOM   25   N  NZ  . LYS A 1 14  ? 13.370  11.650  16.934  1.00 60.82 ? 14   LYS A NZ  1 
ATOM   26   N  N   . ASN A 1 15  ? 14.513  15.228  11.330  1.00 46.39 ? 15   ASN A N   1 
ATOM   27   C  CA  . ASN A 1 15  ? 13.518  15.828  10.453  1.00 39.72 ? 15   ASN A CA  1 
ATOM   28   C  C   . ASN A 1 15  ? 12.200  15.842  11.203  1.00 39.07 ? 15   ASN A C   1 
ATOM   29   O  O   . ASN A 1 15  ? 11.831  14.844  11.837  1.00 37.59 ? 15   ASN A O   1 
ATOM   30   C  CB  . ASN A 1 15  ? 13.410  15.012  9.158   1.00 37.82 ? 15   ASN A CB  1 
ATOM   31   C  CG  . ASN A 1 15  ? 12.507  15.662  8.111   1.00 34.69 ? 15   ASN A CG  1 
ATOM   32   O  OD1 . ASN A 1 15  ? 11.359  16.015  8.384   1.00 34.31 ? 15   ASN A OD1 1 
ATOM   33   N  ND2 . ASN A 1 15  ? 13.019  15.793  6.898   1.00 33.83 ? 15   ASN A ND2 1 
ATOM   34   N  N   . THR A 1 16  ? 11.481  16.956  11.136  1.00 36.23 ? 16   THR A N   1 
ATOM   35   C  CA  . THR A 1 16  ? 10.228  17.087  11.897  1.00 35.90 ? 16   THR A CA  1 
ATOM   36   C  C   . THR A 1 16  ? 9.002   16.660  11.082  1.00 33.68 ? 16   THR A C   1 
ATOM   37   O  O   . THR A 1 16  ? 7.881   16.710  11.593  1.00 33.02 ? 16   THR A O   1 
ATOM   38   C  CB  . THR A 1 16  ? 10.009  18.529  12.424  1.00 36.36 ? 16   THR A CB  1 
ATOM   39   O  OG1 . THR A 1 16  ? 9.800   19.418  11.329  1.00 36.95 ? 16   THR A OG1 1 
ATOM   40   C  CG2 . THR A 1 16  ? 11.207  19.007  13.245  1.00 38.32 ? 16   THR A CG2 1 
ATOM   41   N  N   . GLU A 1 17  ? 9.222   16.245  9.831   1.00 30.97 ? 17   GLU A N   1 
ATOM   42   C  CA  . GLU A 1 17  ? 8.134   15.802  8.938   1.00 29.88 ? 17   GLU A CA  1 
ATOM   43   C  C   . GLU A 1 17  ? 8.191   14.328  8.535   1.00 27.16 ? 17   GLU A C   1 
ATOM   44   O  O   . GLU A 1 17  ? 7.176   13.619  8.591   1.00 23.55 ? 17   GLU A O   1 
ATOM   45   C  CB  . GLU A 1 17  ? 8.129   16.639  7.667   1.00 31.22 ? 17   GLU A CB  1 
ATOM   46   C  CG  . GLU A 1 17  ? 7.152   17.781  7.694   1.00 34.65 ? 17   GLU A CG  1 
ATOM   47   C  CD  . GLU A 1 17  ? 6.767   18.186  6.299   1.00 36.91 ? 17   GLU A CD  1 
ATOM   48   O  OE1 . GLU A 1 17  ? 5.554   18.197  6.004   1.00 37.26 ? 17   GLU A OE1 1 
ATOM   49   O  OE2 . GLU A 1 17  ? 7.690   18.450  5.500   1.00 38.88 ? 17   GLU A OE2 1 
ATOM   50   N  N   . PHE A 1 18  ? 9.366   13.885  8.099   1.00 25.06 ? 18   PHE A N   1 
ATOM   51   C  CA  . PHE A 1 18  ? 9.588   12.486  7.722   1.00 25.02 ? 18   PHE A CA  1 
ATOM   52   C  C   . PHE A 1 18  ? 10.613  11.824  8.647   1.00 25.19 ? 18   PHE A C   1 
ATOM   53   O  O   . PHE A 1 18  ? 11.642  12.418  8.985   1.00 24.48 ? 18   PHE A O   1 
ATOM   54   C  CB  . PHE A 1 18  ? 10.089  12.375  6.281   1.00 25.65 ? 18   PHE A CB  1 
ATOM   55   C  CG  . PHE A 1 18  ? 9.163   12.984  5.242   1.00 25.58 ? 18   PHE A CG  1 
ATOM   56   C  CD1 . PHE A 1 18  ? 8.091   12.267  4.737   1.00 27.87 ? 18   PHE A CD1 1 
ATOM   57   C  CD2 . PHE A 1 18  ? 9.408   14.253  4.730   1.00 26.73 ? 18   PHE A CD2 1 
ATOM   58   C  CE1 . PHE A 1 18  ? 7.265   12.808  3.764   1.00 27.92 ? 18   PHE A CE1 1 
ATOM   59   C  CE2 . PHE A 1 18  ? 8.581   14.803  3.758   1.00 26.91 ? 18   PHE A CE2 1 
ATOM   60   C  CZ  . PHE A 1 18  ? 7.505   14.082  3.280   1.00 27.08 ? 18   PHE A CZ  1 
ATOM   61   N  N   . MET A 1 19  ? 10.330  10.590  9.043   1.00 22.09 ? 19   MET A N   1 
ATOM   62   C  CA  . MET A 1 19  ? 11.209  9.825   9.923   1.00 21.94 ? 19   MET A CA  1 
ATOM   63   C  C   . MET A 1 19  ? 11.652  8.539   9.238   1.00 19.74 ? 19   MET A C   1 
ATOM   64   O  O   . MET A 1 19  ? 10.828  7.643   9.018   1.00 17.11 ? 19   MET A O   1 
ATOM   65   C  CB  . MET A 1 19  ? 10.497  9.479   11.221  1.00 23.90 ? 19   MET A CB  1 
ATOM   66   C  CG  . MET A 1 19  ? 11.351  8.728   12.237  1.00 27.98 ? 19   MET A CG  1 
ATOM   67   S  SD  . MET A 1 19  ? 12.881  9.572   12.756  1.00 40.96 ? 19   MET A SD  1 
ATOM   68   C  CE  . MET A 1 19  ? 12.260  11.207  13.181  1.00 38.18 ? 19   MET A CE  1 
ATOM   69   N  N   . PRO A 1 20  ? 12.950  8.434   8.914   1.00 18.72 ? 20   PRO A N   1 
ATOM   70   C  CA  . PRO A 1 20  ? 13.475  7.179   8.398   1.00 17.49 ? 20   PRO A CA  1 
ATOM   71   C  C   . PRO A 1 20  ? 13.254  6.081   9.427   1.00 16.94 ? 20   PRO A C   1 
ATOM   72   O  O   . PRO A 1 20  ? 13.419  6.320   10.626  1.00 16.94 ? 20   PRO A O   1 
ATOM   73   C  CB  . PRO A 1 20  ? 14.967  7.472   8.220   1.00 18.24 ? 20   PRO A CB  1 
ATOM   74   C  CG  . PRO A 1 20  ? 15.037  8.947   8.024   1.00 19.02 ? 20   PRO A CG  1 
ATOM   75   C  CD  . PRO A 1 20  ? 13.980  9.486   8.939   1.00 19.26 ? 20   PRO A CD  1 
ATOM   76   N  N   . TYR A 1 21  ? 12.851  4.917   8.952   1.00 15.73 ? 21   TYR A N   1 
ATOM   77   C  CA  . TYR A 1 21  ? 12.588  3.753   9.813   1.00 15.34 ? 21   TYR A CA  1 
ATOM   78   C  C   . TYR A 1 21  ? 13.322  2.581   9.200   1.00 16.25 ? 21   TYR A C   1 
ATOM   79   O  O   . TYR A 1 21  ? 13.192  2.331   8.014   1.00 15.25 ? 21   TYR A O   1 
ATOM   80   C  CB  . TYR A 1 21  ? 11.099  3.496   9.909   1.00 15.11 ? 21   TYR A CB  1 
ATOM   81   C  CG  . TYR A 1 21  ? 10.703  2.263   10.726  1.00 14.80 ? 21   TYR A CG  1 
ATOM   82   C  CD1 . TYR A 1 21  ? 10.853  0.982   10.212  1.00 15.81 ? 21   TYR A CD1 1 
ATOM   83   C  CD2 . TYR A 1 21  ? 10.177  2.391   11.992  1.00 16.25 ? 21   TYR A CD2 1 
ATOM   84   C  CE1 . TYR A 1 21  ? 10.477  -0.141  10.943  1.00 15.81 ? 21   TYR A CE1 1 
ATOM   85   C  CE2 . TYR A 1 21  ? 9.809   1.276   12.738  1.00 16.13 ? 21   TYR A CE2 1 
ATOM   86   C  CZ  . TYR A 1 21  ? 9.965   0.018   12.211  1.00 16.30 ? 21   TYR A CZ  1 
ATOM   87   O  OH  . TYR A 1 21  ? 9.554   -1.083  12.953  1.00 16.47 ? 21   TYR A OH  1 
ATOM   88   N  N   . ASN A 1 22  ? 14.117  1.880   10.015  1.00 16.61 ? 22   ASN A N   1 
ATOM   89   C  CA  . ASN A 1 22  ? 14.788  0.666   9.584   1.00 17.80 ? 22   ASN A CA  1 
ATOM   90   C  C   . ASN A 1 22  ? 14.165  -0.549  10.249  1.00 17.29 ? 22   ASN A C   1 
ATOM   91   O  O   . ASN A 1 22  ? 14.103  -0.612  11.464  1.00 17.11 ? 22   ASN A O   1 
ATOM   92   C  CB  . ASN A 1 22  ? 16.265  0.715   9.944   1.00 19.08 ? 22   ASN A CB  1 
ATOM   93   C  CG  . ASN A 1 22  ? 17.114  1.227   8.812   1.00 22.27 ? 22   ASN A CG  1 
ATOM   94   O  OD1 . ASN A 1 22  ? 17.505  0.469   7.899   1.00 28.08 ? 22   ASN A OD1 1 
ATOM   95   N  ND2 . ASN A 1 22  ? 17.415  2.486   8.859   1.00 22.90 ? 22   ASN A ND2 1 
ATOM   96   N  N   . GLY A 1 23  ? 13.688  -1.494  9.434   1.00 16.85 ? 23   GLY A N   1 
ATOM   97   C  CA  . GLY A 1 23  ? 13.199  -2.760  9.924   1.00 17.81 ? 23   GLY A CA  1 
ATOM   98   C  C   . GLY A 1 23  ? 14.103  -3.879  9.464   1.00 18.93 ? 23   GLY A C   1 
ATOM   99   O  O   . GLY A 1 23  ? 15.220  -3.645  8.978   1.00 18.88 ? 23   GLY A O   1 
ATOM   100  N  N   . ASP A 1 24  ? 13.626  -5.113  9.601   1.00 18.73 ? 24   ASP A N   1 
ATOM   101  C  CA  . ASP A 1 24  ? 14.444  -6.250  9.212   1.00 20.73 ? 24   ASP A CA  1 
ATOM   102  C  C   . ASP A 1 24  ? 14.315  -6.478  7.717   1.00 20.45 ? 24   ASP A C   1 
ATOM   103  O  O   . ASP A 1 24  ? 13.278  -6.945  7.245   1.00 22.35 ? 24   ASP A O   1 
ATOM   104  C  CB  . ASP A 1 24  ? 14.046  -7.492  10.011  1.00 21.66 ? 24   ASP A CB  1 
ATOM   105  C  CG  . ASP A 1 24  ? 14.071  -7.243  11.513  1.00 22.51 ? 24   ASP A CG  1 
ATOM   106  O  OD1 . ASP A 1 24  ? 15.106  -6.771  12.047  1.00 22.21 ? 24   ASP A OD1 1 
ATOM   107  O  OD2 . ASP A 1 24  ? 13.012  -7.472  12.154  1.00 25.57 ? 24   ASP A OD2 1 
ATOM   108  N  N   . GLY A 1 25  ? 15.365  -6.105  6.989   1.00 20.67 ? 25   GLY A N   1 
ATOM   109  C  CA  . GLY A 1 25  ? 15.426  -6.293  5.542   1.00 22.00 ? 25   GLY A CA  1 
ATOM   110  C  C   . GLY A 1 25  ? 14.898  -5.127  4.732   1.00 20.38 ? 25   GLY A C   1 
ATOM   111  O  O   . GLY A 1 25  ? 14.964  -5.153  3.521   1.00 20.59 ? 25   GLY A O   1 
ATOM   112  N  N   . PHE A 1 26  ? 14.384  -4.095  5.387   1.00 19.01 ? 26   PHE A N   1 
ATOM   113  C  CA  . PHE A 1 26  ? 13.758  -2.975  4.666   1.00 18.14 ? 26   PHE A CA  1 
ATOM   114  C  C   . PHE A 1 26  ? 13.904  -1.666  5.429   1.00 18.02 ? 26   PHE A C   1 
ATOM   115  O  O   . PHE A 1 26  ? 14.163  -1.662  6.623   1.00 18.56 ? 26   PHE A O   1 
ATOM   116  C  CB  . PHE A 1 26  ? 12.258  -3.242  4.427   1.00 17.44 ? 26   PHE A CB  1 
ATOM   117  C  CG  . PHE A 1 26  ? 11.427  -3.183  5.676   1.00 16.77 ? 26   PHE A CG  1 
ATOM   118  C  CD1 . PHE A 1 26  ? 10.857  -1.993  6.100   1.00 15.77 ? 26   PHE A CD1 1 
ATOM   119  C  CD2 . PHE A 1 26  ? 11.236  -4.318  6.452   1.00 16.45 ? 26   PHE A CD2 1 
ATOM   120  C  CE1 . PHE A 1 26  ? 10.116  -1.922  7.269   1.00 15.80 ? 26   PHE A CE1 1 
ATOM   121  C  CE2 . PHE A 1 26  ? 10.499  -4.260  7.627   1.00 16.44 ? 26   PHE A CE2 1 
ATOM   122  C  CZ  . PHE A 1 26  ? 9.937   -3.070  8.042   1.00 16.14 ? 26   PHE A CZ  1 
ATOM   123  N  N   . LYS A 1 27  ? 13.692  -0.568  4.714   1.00 16.37 ? 27   LYS A N   1 
ATOM   124  C  CA  . LYS A 1 27  ? 13.585  0.754   5.321   1.00 16.53 ? 27   LYS A CA  1 
ATOM   125  C  C   . LYS A 1 27  ? 12.548  1.574   4.556   1.00 15.24 ? 27   LYS A C   1 
ATOM   126  O  O   . LYS A 1 27  ? 12.161  1.226   3.455   1.00 14.93 ? 27   LYS A O   1 
ATOM   127  C  CB  . LYS A 1 27  ? 14.932  1.470   5.343   1.00 18.01 ? 27   LYS A CB  1 
ATOM   128  C  CG  . LYS A 1 27  ? 15.457  1.919   3.977   1.00 20.54 ? 27   LYS A CG  1 
ATOM   129  C  CD  . LYS A 1 27  ? 16.826  2.562   4.108   1.00 22.99 ? 27   LYS A CD  1 
ATOM   130  C  CE  . LYS A 1 27  ? 17.361  3.039   2.769   1.00 25.58 ? 27   LYS A CE  1 
ATOM   131  N  NZ  . LYS A 1 27  ? 17.676  1.894   1.862   1.00 28.78 ? 27   LYS A NZ  1 
ATOM   132  N  N   . LEU A 1 28  ? 12.086  2.645   5.177   1.00 15.05 ? 28   LEU A N   1 
ATOM   133  C  CA  . LEU A 1 28  ? 11.117  3.534   4.558   1.00 15.73 ? 28   LEU A CA  1 
ATOM   134  C  C   . LEU A 1 28  ? 11.025  4.819   5.379   1.00 15.97 ? 28   LEU A C   1 
ATOM   135  O  O   . LEU A 1 28  ? 11.541  4.882   6.480   1.00 16.51 ? 28   LEU A O   1 
ATOM   136  C  CB  . LEU A 1 28  ? 9.742   2.869   4.440   1.00 16.44 ? 28   LEU A CB  1 
ATOM   137  C  CG  . LEU A 1 28  ? 8.876   2.857   5.697   1.00 16.23 ? 28   LEU A CG  1 
ATOM   138  C  CD1 . LEU A 1 28  ? 7.417   2.615   5.363   1.00 15.94 ? 28   LEU A CD1 1 
ATOM   139  C  CD2 . LEU A 1 28  ? 9.399   1.825   6.687   1.00 16.76 ? 28   LEU A CD2 1 
ATOM   140  N  N   . LEU A 1 29  ? 10.394  5.837   4.805   1.00 16.27 ? 29   LEU A N   1 
ATOM   141  C  CA  . LEU A 1 29  ? 10.049  7.052   5.533   1.00 16.23 ? 29   LEU A CA  1 
ATOM   142  C  C   . LEU A 1 29  ? 8.643   6.981   6.097   1.00 17.14 ? 29   LEU A C   1 
ATOM   143  O  O   . LEU A 1 29  ? 7.661   6.748   5.364   1.00 18.00 ? 29   LEU A O   1 
ATOM   144  C  CB  . LEU A 1 29  ? 10.141  8.255   4.587   1.00 17.26 ? 29   LEU A CB  1 
ATOM   145  C  CG  . LEU A 1 29  ? 11.484  8.534   3.925   1.00 17.92 ? 29   LEU A CG  1 
ATOM   146  C  CD1 . LEU A 1 29  ? 11.384  9.799   3.059   1.00 19.08 ? 29   LEU A CD1 1 
ATOM   147  C  CD2 . LEU A 1 29  ? 12.562  8.690   4.986   1.00 18.65 ? 29   LEU A CD2 1 
ATOM   148  N  N   . VAL A 1 30  ? 8.545   7.221   7.394   1.00 16.90 ? 30   VAL A N   1 
ATOM   149  C  CA  . VAL A 1 30  ? 7.287   7.275   8.096   1.00 18.83 ? 30   VAL A CA  1 
ATOM   150  C  C   . VAL A 1 30  ? 7.006   8.733   8.469   1.00 18.79 ? 30   VAL A C   1 
ATOM   151  O  O   . VAL A 1 30  ? 7.933   9.462   8.842   1.00 19.06 ? 30   VAL A O   1 
ATOM   152  C  CB  . VAL A 1 30  ? 7.382   6.416   9.376   1.00 19.77 ? 30   VAL A CB  1 
ATOM   153  C  CG1 . VAL A 1 30  ? 6.159   6.622   10.251  1.00 20.34 ? 30   VAL A CG1 1 
ATOM   154  C  CG2 . VAL A 1 30  ? 7.532   4.966   8.994   1.00 20.24 ? 30   VAL A CG2 1 
ATOM   155  N  N   . PRO A 1 31  ? 5.747   9.175   8.345   1.00 18.43 ? 31   PRO A N   1 
ATOM   156  C  CA  . PRO A 1 31  ? 5.420   10.538  8.762   1.00 19.49 ? 31   PRO A CA  1 
ATOM   157  C  C   . PRO A 1 31  ? 5.705   10.725  10.247  1.00 20.03 ? 31   PRO A C   1 
ATOM   158  O  O   . PRO A 1 31  ? 5.262   9.909   11.070  1.00 20.32 ? 31   PRO A O   1 
ATOM   159  C  CB  . PRO A 1 31  ? 3.926   10.654  8.454   1.00 19.82 ? 31   PRO A CB  1 
ATOM   160  C  CG  . PRO A 1 31  ? 3.690   9.637   7.384   1.00 19.10 ? 31   PRO A CG  1 
ATOM   161  C  CD  . PRO A 1 31  ? 4.588   8.497   7.736   1.00 19.12 ? 31   PRO A CD  1 
ATOM   162  N  N   . SER A 1 32  ? 6.481   11.754  10.580  1.00 20.90 ? 32   SER A N   1 
ATOM   163  C  CA  . SER A 1 32  ? 6.893   11.997  11.970  1.00 23.12 ? 32   SER A CA  1 
ATOM   164  C  C   . SER A 1 32  ? 5.727   12.156  12.942  1.00 23.39 ? 32   SER A C   1 
ATOM   165  O  O   . SER A 1 32  ? 5.817   11.742  14.094  1.00 23.17 ? 32   SER A O   1 
ATOM   166  C  CB  . SER A 1 32  ? 7.780   13.235  12.049  1.00 24.64 ? 32   SER A CB  1 
ATOM   167  O  OG  . SER A 1 32  ? 8.937   13.067  11.260  1.00 27.42 ? 32   SER A OG  1 
ATOM   168  N  N   . LYS A 1 33  ? 4.636   12.753  12.483  1.00 23.29 ? 33   LYS A N   1 
ATOM   169  C  CA  . LYS A 1 33  ? 3.498   13.001  13.350  1.00 23.74 ? 33   LYS A CA  1 
ATOM   170  C  C   . LYS A 1 33  ? 2.568   11.792  13.469  1.00 22.46 ? 33   LYS A C   1 
ATOM   171  O  O   . LYS A 1 33  ? 1.619   11.828  14.233  1.00 22.62 ? 33   LYS A O   1 
ATOM   172  C  CB  . LYS A 1 33  ? 2.710   14.225  12.887  1.00 25.60 ? 33   LYS A CB  1 
ATOM   173  C  CG  . LYS A 1 33  ? 3.488   15.533  12.922  1.00 28.13 ? 33   LYS A CG  1 
ATOM   174  C  CD  . LYS A 1 33  ? 4.018   15.849  14.319  1.00 30.70 ? 33   LYS A CD  1 
ATOM   175  C  CE  . LYS A 1 33  ? 4.506   17.294  14.448  1.00 33.33 ? 33   LYS A CE  1 
ATOM   176  N  NZ  . LYS A 1 33  ? 4.881   17.671  15.852  1.00 33.34 ? 33   LYS A NZ  1 
ATOM   177  N  N   . TRP A 1 34  ? 2.818   10.730  12.702  1.00 20.72 ? 34   TRP A N   1 
ATOM   178  C  CA  . TRP A 1 34  ? 2.033   9.507   12.862  1.00 19.47 ? 34   TRP A CA  1 
ATOM   179  C  C   . TRP A 1 34  ? 2.643   8.673   13.985  1.00 19.47 ? 34   TRP A C   1 
ATOM   180  O  O   . TRP A 1 34  ? 3.789   8.879   14.375  1.00 19.11 ? 34   TRP A O   1 
ATOM   181  C  CB  . TRP A 1 34  ? 1.989   8.692   11.574  1.00 19.25 ? 34   TRP A CB  1 
ATOM   182  C  CG  . TRP A 1 34  ? 1.212   9.350   10.457  1.00 18.99 ? 34   TRP A CG  1 
ATOM   183  C  CD1 . TRP A 1 34  ? 0.804   10.662  10.391  1.00 20.33 ? 34   TRP A CD1 1 
ATOM   184  C  CD2 . TRP A 1 34  ? 0.809   8.749   9.227   1.00 19.54 ? 34   TRP A CD2 1 
ATOM   185  N  NE1 . TRP A 1 34  ? 0.159   10.903  9.204   1.00 20.40 ? 34   TRP A NE1 1 
ATOM   186  C  CE2 . TRP A 1 34  ? 0.147   9.751   8.465   1.00 19.69 ? 34   TRP A CE2 1 
ATOM   187  C  CE3 . TRP A 1 34  ? 0.953   7.471   8.676   1.00 18.69 ? 34   TRP A CE3 1 
ATOM   188  C  CZ2 . TRP A 1 34  ? -0.371  9.506   7.195   1.00 19.25 ? 34   TRP A CZ2 1 
ATOM   189  C  CZ3 . TRP A 1 34  ? 0.419   7.222   7.411   1.00 18.71 ? 34   TRP A CZ3 1 
ATOM   190  C  CH2 . TRP A 1 34  ? -0.242  8.233   6.692   1.00 18.42 ? 34   TRP A CH2 1 
ATOM   191  N  N   . ASN A 1 35  ? 1.862   7.727   14.475  1.00 18.29 ? 35   ASN A N   1 
ATOM   192  C  CA  . ASN A 1 35  ? 2.265   6.851   15.566  1.00 20.32 ? 35   ASN A CA  1 
ATOM   193  C  C   . ASN A 1 35  ? 2.059   5.370   15.253  1.00 21.20 ? 35   ASN A C   1 
ATOM   194  O  O   . ASN A 1 35  ? 1.188   5.008   14.450  1.00 18.94 ? 35   ASN A O   1 
ATOM   195  C  CB  . ASN A 1 35  ? 1.514   7.226   16.828  1.00 21.64 ? 35   ASN A CB  1 
ATOM   196  C  CG  . ASN A 1 35  ? 1.911   8.597   17.331  1.00 23.12 ? 35   ASN A CG  1 
ATOM   197  O  OD1 . ASN A 1 35  ? 3.072   8.820   17.681  1.00 23.14 ? 35   ASN A OD1 1 
ATOM   198  N  ND2 . ASN A 1 35  ? 0.955   9.545   17.340  1.00 24.52 ? 35   ASN A ND2 1 
ATOM   199  N  N   . PRO A 1 36  ? 2.876   4.504   15.879  1.00 21.54 ? 36   PRO A N   1 
ATOM   200  C  CA  . PRO A 1 36  ? 2.736   3.077   15.663  1.00 21.61 ? 36   PRO A CA  1 
ATOM   201  C  C   . PRO A 1 36  ? 1.396   2.547   16.171  1.00 21.17 ? 36   PRO A C   1 
ATOM   202  O  O   . PRO A 1 36  ? 0.850   3.039   17.162  1.00 21.00 ? 36   PRO A O   1 
ATOM   203  C  CB  . PRO A 1 36  ? 3.904   2.478   16.451  1.00 23.19 ? 36   PRO A CB  1 
ATOM   204  C  CG  . PRO A 1 36  ? 4.295   3.516   17.442  1.00 23.34 ? 36   PRO A CG  1 
ATOM   205  C  CD  . PRO A 1 36  ? 3.966   4.833   16.823  1.00 22.56 ? 36   PRO A CD  1 
ATOM   206  N  N   . SER A 1 37  ? 0.874   1.553   15.469  1.00 21.52 ? 37   SER A N   1 
ATOM   207  C  CA  . SER A 1 37  ? -0.403  0.951   15.788  1.00 21.85 ? 37   SER A CA  1 
ATOM   208  C  C   . SER A 1 37  ? -0.177  -0.510  16.084  1.00 23.56 ? 37   SER A C   1 
ATOM   209  O  O   . SER A 1 37  ? 0.588   -1.169  15.390  1.00 23.64 ? 37   SER A O   1 
ATOM   210  C  CB  . SER A 1 37  ? -1.370  1.093   14.611  1.00 22.45 ? 37   SER A CB  1 
ATOM   211  O  OG  . SER A 1 37  ? -2.457  0.187   14.711  1.00 22.63 ? 37   SER A OG  1 
ATOM   212  N  N   . LYS A 1 38  ? -0.876  -1.011  17.088  1.00 24.83 ? 38   LYS A N   1 
ATOM   213  C  CA  . LYS A 1 38  ? -0.784  -2.416  17.470  1.00 27.98 ? 38   LYS A CA  1 
ATOM   214  C  C   . LYS A 1 38  ? -1.873  -3.259  16.819  1.00 27.70 ? 38   LYS A C   1 
ATOM   215  O  O   . LYS A 1 38  ? -1.950  -4.462  17.057  1.00 27.73 ? 38   LYS A O   1 
ATOM   216  C  CB  . LYS A 1 38  ? -0.856  -2.547  18.993  1.00 31.43 ? 38   LYS A CB  1 
ATOM   217  C  CG  . LYS A 1 38  ? 0.286   -1.824  19.682  1.00 33.25 ? 38   LYS A CG  1 
ATOM   218  C  CD  . LYS A 1 38  ? 0.568   -2.387  21.050  1.00 35.99 ? 38   LYS A CD  1 
ATOM   219  C  CE  . LYS A 1 38  ? 1.990   -2.065  21.479  1.00 36.50 ? 38   LYS A CE  1 
ATOM   220  N  NZ  . LYS A 1 38  ? 2.225   -2.521  22.872  1.00 38.34 ? 38   LYS A NZ  1 
ATOM   221  N  N   . GLU A 1 39  ? -2.710  -2.632  15.997  1.00 26.62 ? 39   GLU A N   1 
ATOM   222  C  CA  . GLU A 1 39  ? -3.746  -3.356  15.273  1.00 27.89 ? 39   GLU A CA  1 
ATOM   223  C  C   . GLU A 1 39  ? -3.097  -4.298  14.258  1.00 26.69 ? 39   GLU A C   1 
ATOM   224  O  O   . GLU A 1 39  ? -2.226  -3.900  13.513  1.00 27.79 ? 39   GLU A O   1 
ATOM   225  C  CB  . GLU A 1 39  ? -4.681  -2.390  14.545  1.00 29.66 ? 39   GLU A CB  1 
ATOM   226  C  CG  . GLU A 1 39  ? -5.783  -3.087  13.764  1.00 33.28 ? 39   GLU A CG  1 
ATOM   227  C  CD  . GLU A 1 39  ? -6.527  -2.167  12.812  1.00 35.66 ? 39   GLU A CD  1 
ATOM   228  O  OE1 . GLU A 1 39  ? -6.619  -0.953  13.091  1.00 38.06 ? 39   GLU A OE1 1 
ATOM   229  O  OE2 . GLU A 1 39  ? -7.029  -2.677  11.781  1.00 40.80 ? 39   GLU A OE2 1 
ATOM   230  N  N   . LYS A 1 40  ? -3.533  -5.547  14.254  1.00 24.72 ? 40   LYS A N   1 
ATOM   231  C  CA  . LYS A 1 40  ? -3.054  -6.541  13.312  1.00 26.07 ? 40   LYS A CA  1 
ATOM   232  C  C   . LYS A 1 40  ? -4.019  -6.571  12.127  1.00 25.47 ? 40   LYS A C   1 
ATOM   233  O  O   . LYS A 1 40  ? -5.061  -7.227  12.171  1.00 26.49 ? 40   LYS A O   1 
ATOM   234  C  CB  . LYS A 1 40  ? -2.975  -7.905  14.000  1.00 29.05 ? 40   LYS A CB  1 
ATOM   235  C  CG  . LYS A 1 40  ? -2.651  -9.051  13.069  1.00 32.23 ? 40   LYS A CG  1 
ATOM   236  C  CD  . LYS A 1 40  ? -1.391  -8.804  12.253  1.00 32.42 ? 40   LYS A CD  1 
ATOM   237  C  CE  . LYS A 1 40  ? -0.946  -10.093 11.575  1.00 35.20 ? 40   LYS A CE  1 
ATOM   238  N  NZ  . LYS A 1 40  ? -0.805  -11.208 12.566  1.00 35.52 ? 40   LYS A NZ  1 
ATOM   239  N  N   . GLU A 1 41  ? -3.679  -5.855  11.067  1.00 22.70 ? 41   GLU A N   1 
ATOM   240  C  CA  . GLU A 1 41  ? -4.612  -5.671  9.964   1.00 22.23 ? 41   GLU A CA  1 
ATOM   241  C  C   . GLU A 1 41  ? -4.503  -6.726  8.860   1.00 21.49 ? 41   GLU A C   1 
ATOM   242  O  O   . GLU A 1 41  ? -5.511  -7.145  8.310   1.00 21.85 ? 41   GLU A O   1 
ATOM   243  C  CB  . GLU A 1 41  ? -4.439  -4.274  9.357   1.00 23.25 ? 41   GLU A CB  1 
ATOM   244  C  CG  . GLU A 1 41  ? -5.526  -3.935  8.350   1.00 24.04 ? 41   GLU A CG  1 
ATOM   245  C  CD  . GLU A 1 41  ? -5.505  -2.496  7.883   1.00 24.68 ? 41   GLU A CD  1 
ATOM   246  O  OE1 . GLU A 1 41  ? -4.532  -1.774  8.179   1.00 23.15 ? 41   GLU A OE1 1 
ATOM   247  O  OE2 . GLU A 1 41  ? -6.465  -2.100  7.195   1.00 25.88 ? 41   GLU A OE2 1 
ATOM   248  N  N   . PHE A 1 42  ? -3.286  -7.135  8.531   1.00 20.41 ? 42   PHE A N   1 
ATOM   249  C  CA  . PHE A 1 42  ? -3.035  -7.975  7.365   1.00 21.42 ? 42   PHE A CA  1 
ATOM   250  C  C   . PHE A 1 42  ? -2.069  -9.101  7.719   1.00 21.31 ? 42   PHE A C   1 
ATOM   251  O  O   . PHE A 1 42  ? -1.291  -8.964  8.661   1.00 19.96 ? 42   PHE A O   1 
ATOM   252  C  CB  . PHE A 1 42  ? -2.405  -7.150  6.227   1.00 21.90 ? 42   PHE A CB  1 
ATOM   253  C  CG  . PHE A 1 42  ? -3.276  -6.035  5.710   1.00 21.87 ? 42   PHE A CG  1 
ATOM   254  C  CD1 . PHE A 1 42  ? -4.482  -6.308  5.064   1.00 21.92 ? 42   PHE A CD1 1 
ATOM   255  C  CD2 . PHE A 1 42  ? -2.867  -4.714  5.819   1.00 22.23 ? 42   PHE A CD2 1 
ATOM   256  C  CE1 . PHE A 1 42  ? -5.271  -5.286  4.580   1.00 21.76 ? 42   PHE A CE1 1 
ATOM   257  C  CE2 . PHE A 1 42  ? -3.649  -3.684  5.339   1.00 22.07 ? 42   PHE A CE2 1 
ATOM   258  C  CZ  . PHE A 1 42  ? -4.852  -3.966  4.710   1.00 22.71 ? 42   PHE A CZ  1 
ATOM   259  N  N   . PRO A 1 43  ? -2.066  -10.184 6.923   1.00 23.76 ? 43   PRO A N   1 
ATOM   260  C  CA  . PRO A 1 43  ? -1.086  -11.263 7.098   1.00 23.66 ? 43   PRO A CA  1 
ATOM   261  C  C   . PRO A 1 43  ? 0.336   -10.776 6.917   1.00 22.26 ? 43   PRO A C   1 
ATOM   262  O  O   . PRO A 1 43  ? 0.627   -10.038 5.961   1.00 21.74 ? 43   PRO A O   1 
ATOM   263  C  CB  . PRO A 1 43  ? -1.436  -12.253 5.979   1.00 25.28 ? 43   PRO A CB  1 
ATOM   264  C  CG  . PRO A 1 43  ? -2.844  -11.956 5.613   1.00 26.07 ? 43   PRO A CG  1 
ATOM   265  C  CD  . PRO A 1 43  ? -3.053  -10.504 5.870   1.00 25.50 ? 43   PRO A CD  1 
ATOM   266  N  N   . GLY A 1 44  ? 1.208   -11.155 7.844   1.00 20.19 ? 44   GLY A N   1 
ATOM   267  C  CA  . GLY A 1 44  ? 2.626   -10.848 7.730   1.00 19.81 ? 44   GLY A CA  1 
ATOM   268  C  C   . GLY A 1 44  ? 2.975   -9.436  8.121   1.00 18.37 ? 44   GLY A C   1 
ATOM   269  O  O   . GLY A 1 44  ? 4.066   -8.960  7.852   1.00 18.29 ? 44   GLY A O   1 
ATOM   270  N  N   . GLN A 1 45  ? 2.047   -8.752  8.774   1.00 18.67 ? 45   GLN A N   1 
ATOM   271  C  CA  . GLN A 1 45  ? 2.297   -7.396  9.208   1.00 19.42 ? 45   GLN A CA  1 
ATOM   272  C  C   . GLN A 1 45  ? 3.482   -7.288  10.155  1.00 19.27 ? 45   GLN A C   1 
ATOM   273  O  O   . GLN A 1 45  ? 3.560   -8.015  11.137  1.00 18.50 ? 45   GLN A O   1 
ATOM   274  C  CB  . GLN A 1 45  ? 1.075   -6.875  9.896   1.00 20.76 ? 45   GLN A CB  1 
ATOM   275  C  CG  . GLN A 1 45  ? 1.147   -5.401  10.175  1.00 22.40 ? 45   GLN A CG  1 
ATOM   276  C  CD  . GLN A 1 45  ? -0.152  -4.920  10.704  1.00 23.82 ? 45   GLN A CD  1 
ATOM   277  O  OE1 . GLN A 1 45  ? -1.185  -5.079  10.054  1.00 24.52 ? 45   GLN A OE1 1 
ATOM   278  N  NE2 . GLN A 1 45  ? -0.129  -4.357  11.907  1.00 25.92 ? 45   GLN A NE2 1 
ATOM   279  N  N   . VAL A 1 46  ? 4.418   -6.394  9.847   1.00 18.17 ? 46   VAL A N   1 
ATOM   280  C  CA  . VAL A 1 46  ? 5.581   -6.158  10.738  1.00 18.11 ? 46   VAL A CA  1 
ATOM   281  C  C   . VAL A 1 46  ? 5.693   -4.694  11.159  1.00 17.77 ? 46   VAL A C   1 
ATOM   282  O  O   . VAL A 1 46  ? 6.518   -4.338  12.004  1.00 18.07 ? 46   VAL A O   1 
ATOM   283  C  CB  . VAL A 1 46  ? 6.919   -6.598  10.086  1.00 17.92 ? 46   VAL A CB  1 
ATOM   284  C  CG1 . VAL A 1 46  ? 6.922   -8.089  9.819   1.00 17.87 ? 46   VAL A CG1 1 
ATOM   285  C  CG2 . VAL A 1 46  ? 7.186   -5.814  8.813   1.00 17.40 ? 46   VAL A CG2 1 
ATOM   286  N  N   . LEU A 1 47  ? 4.890   -3.839  10.532  1.00 17.88 ? 47   LEU A N   1 
ATOM   287  C  CA  . LEU A 1 47  ? 4.828   -2.429  10.890  1.00 18.10 ? 47   LEU A CA  1 
ATOM   288  C  C   . LEU A 1 47  ? 3.448   -1.884  10.574  1.00 17.66 ? 47   LEU A C   1 
ATOM   289  O  O   . LEU A 1 47  ? 2.836   -2.250  9.565   1.00 17.03 ? 47   LEU A O   1 
ATOM   290  C  CB  . LEU A 1 47  ? 5.910   -1.642  10.135  1.00 19.37 ? 47   LEU A CB  1 
ATOM   291  C  CG  . LEU A 1 47  ? 6.011   -0.156  10.421  1.00 20.47 ? 47   LEU A CG  1 
ATOM   292  C  CD1 . LEU A 1 47  ? 6.361   0.037   11.892  1.00 22.10 ? 47   LEU A CD1 1 
ATOM   293  C  CD2 . LEU A 1 47  ? 7.039   0.526   9.543   1.00 21.17 ? 47   LEU A CD2 1 
ATOM   294  N  N   . ARG A 1 48  ? 2.938   -1.020  11.450  1.00 16.78 ? 48   ARG A N   1 
ATOM   295  C  CA  . ARG A 1 48  ? 1.739   -0.247  11.142  1.00 17.09 ? 48   ARG A CA  1 
ATOM   296  C  C   . ARG A 1 48  ? 1.796   1.103   11.841  1.00 16.39 ? 48   ARG A C   1 
ATOM   297  O  O   . ARG A 1 48  ? 2.059   1.158   13.036  1.00 16.87 ? 48   ARG A O   1 
ATOM   298  C  CB  . ARG A 1 48  ? 0.480   -1.003  11.548  1.00 17.58 ? 48   ARG A CB  1 
ATOM   299  C  CG  . ARG A 1 48  ? -0.810  -0.354  11.071  1.00 19.09 ? 48   ARG A CG  1 
ATOM   300  C  CD  . ARG A 1 48  ? -2.022  -1.225  11.361  1.00 20.47 ? 48   ARG A CD  1 
ATOM   301  N  NE  . ARG A 1 48  ? -3.185  -0.754  10.603  1.00 21.50 ? 48   ARG A NE  1 
ATOM   302  C  CZ  . ARG A 1 48  ? -3.980  0.240   10.964  1.00 22.49 ? 48   ARG A CZ  1 
ATOM   303  N  NH1 . ARG A 1 48  ? -3.785  0.892   12.103  1.00 23.22 ? 48   ARG A NH1 1 
ATOM   304  N  NH2 . ARG A 1 48  ? -4.982  0.582   10.174  1.00 23.71 ? 48   ARG A NH2 1 
ATOM   305  N  N   . TYR A 1 49  ? 1.671   2.186   11.061  1.00 16.07 ? 49   TYR A N   1 
ATOM   306  C  CA  . TYR A 1 49  ? 1.614   3.547   11.593  1.00 17.26 ? 49   TYR A CA  1 
ATOM   307  C  C   . TYR A 1 49  ? 0.303   4.191   11.175  1.00 17.51 ? 49   TYR A C   1 
ATOM   308  O  O   . TYR A 1 49  ? -0.235  3.879   10.117  1.00 16.86 ? 49   TYR A O   1 
ATOM   309  C  CB  . TYR A 1 49  ? 2.778   4.397   11.090  1.00 18.22 ? 49   TYR A CB  1 
ATOM   310  C  CG  . TYR A 1 49  ? 3.959   4.392   12.025  1.00 19.38 ? 49   TYR A CG  1 
ATOM   311  C  CD1 . TYR A 1 49  ? 4.778   3.280   12.133  1.00 21.12 ? 49   TYR A CD1 1 
ATOM   312  C  CD2 . TYR A 1 49  ? 4.269   5.513   12.798  1.00 21.31 ? 49   TYR A CD2 1 
ATOM   313  C  CE1 . TYR A 1 49  ? 5.867   3.280   12.994  1.00 22.10 ? 49   TYR A CE1 1 
ATOM   314  C  CE2 . TYR A 1 49  ? 5.364   5.513   13.652  1.00 22.20 ? 49   TYR A CE2 1 
ATOM   315  C  CZ  . TYR A 1 49  ? 6.151   4.385   13.746  1.00 23.14 ? 49   TYR A CZ  1 
ATOM   316  O  OH  . TYR A 1 49  ? 7.263   4.347   14.589  1.00 26.34 ? 49   TYR A OH  1 
ATOM   317  N  N   . GLU A 1 50  ? -0.224  5.078   12.009  1.00 17.61 ? 50   GLU A N   1 
ATOM   318  C  CA  . GLU A 1 50  ? -1.464  5.766   11.671  1.00 19.38 ? 50   GLU A CA  1 
ATOM   319  C  C   . GLU A 1 50  ? -1.462  7.205   12.160  1.00 19.57 ? 50   GLU A C   1 
ATOM   320  O  O   . GLU A 1 50  ? -0.711  7.561   13.076  1.00 18.47 ? 50   GLU A O   1 
ATOM   321  C  CB  . GLU A 1 50  ? -2.664  5.014   12.229  1.00 21.19 ? 50   GLU A CB  1 
ATOM   322  C  CG  . GLU A 1 50  ? -2.780  5.083   13.736  1.00 22.76 ? 50   GLU A CG  1 
ATOM   323  C  CD  . GLU A 1 50  ? -3.753  4.068   14.297  1.00 25.71 ? 50   GLU A CD  1 
ATOM   324  O  OE1 . GLU A 1 50  ? -4.598  3.518   13.538  1.00 28.76 ? 50   GLU A OE1 1 
ATOM   325  O  OE2 . GLU A 1 50  ? -3.643  3.797   15.501  1.00 27.58 ? 50   GLU A OE2 1 
ATOM   326  N  N   . ASP A 1 51  ? -2.257  8.034   11.487  1.00 18.24 ? 51   ASP A N   1 
ATOM   327  C  CA  . ASP A 1 51  ? -2.529  9.379   11.930  1.00 18.55 ? 51   ASP A CA  1 
ATOM   328  C  C   . ASP A 1 51  ? -3.625  9.231   12.953  1.00 18.50 ? 51   ASP A C   1 
ATOM   329  O  O   . ASP A 1 51  ? -4.759  8.905   12.612  1.00 20.14 ? 51   ASP A O   1 
ATOM   330  C  CB  . ASP A 1 51  ? -2.987  10.255  10.769  1.00 18.72 ? 51   ASP A CB  1 
ATOM   331  C  CG  . ASP A 1 51  ? -3.279  11.688  11.173  1.00 21.20 ? 51   ASP A CG  1 
ATOM   332  O  OD1 . ASP A 1 51  ? -3.294  11.993  12.383  1.00 21.30 ? 51   ASP A OD1 1 
ATOM   333  O  OD2 . ASP A 1 51  ? -3.486  12.521  10.258  1.00 21.93 ? 51   ASP A OD2 1 
ATOM   334  N  N   . ASN A 1 52  ? -3.306  9.458   14.220  1.00 18.42 ? 52   ASN A N   1 
ATOM   335  C  CA  . ASN A 1 52  ? -4.306  9.259   15.255  1.00 19.15 ? 52   ASN A CA  1 
ATOM   336  C  C   . ASN A 1 52  ? -5.470  10.218  15.163  1.00 19.89 ? 52   ASN A C   1 
ATOM   337  O  O   . ASN A 1 52  ? -6.527  9.968   15.743  1.00 20.17 ? 52   ASN A O   1 
ATOM   338  C  CB  . ASN A 1 52  ? -3.692  9.384   16.635  1.00 19.79 ? 52   ASN A CB  1 
ATOM   339  C  CG  . ASN A 1 52  ? -2.664  8.329   16.877  1.00 21.24 ? 52   ASN A CG  1 
ATOM   340  O  OD1 . ASN A 1 52  ? -1.496  8.505   16.550  1.00 23.79 ? 52   ASN A OD1 1 
ATOM   341  N  ND2 . ASN A 1 52  ? -3.083  7.217   17.418  1.00 21.56 ? 52   ASN A ND2 1 
ATOM   342  N  N   . PHE A 1 53  ? -5.276  11.316  14.457  1.00 19.49 ? 53   PHE A N   1 
ATOM   343  C  CA  . PHE A 1 53  ? -6.355  12.255  14.261  1.00 20.44 ? 53   PHE A CA  1 
ATOM   344  C  C   . PHE A 1 53  ? -7.100  12.011  12.951  1.00 22.61 ? 53   PHE A C   1 
ATOM   345  O  O   . PHE A 1 53  ? -7.964  12.797  12.590  1.00 26.02 ? 53   PHE A O   1 
ATOM   346  C  CB  . PHE A 1 53  ? -5.834  13.676  14.333  1.00 20.51 ? 53   PHE A CB  1 
ATOM   347  C  CG  . PHE A 1 53  ? -5.289  14.048  15.682  1.00 20.44 ? 53   PHE A CG  1 
ATOM   348  C  CD1 . PHE A 1 53  ? -6.143  14.296  16.739  1.00 21.52 ? 53   PHE A CD1 1 
ATOM   349  C  CD2 . PHE A 1 53  ? -3.925  14.178  15.883  1.00 21.70 ? 53   PHE A CD2 1 
ATOM   350  C  CE1 . PHE A 1 53  ? -5.657  14.665  17.975  1.00 21.31 ? 53   PHE A CE1 1 
ATOM   351  C  CE2 . PHE A 1 53  ? -3.426  14.553  17.115  1.00 22.61 ? 53   PHE A CE2 1 
ATOM   352  C  CZ  . PHE A 1 53  ? -4.301  14.786  18.167  1.00 21.11 ? 53   PHE A CZ  1 
ATOM   353  N  N   . ASP A 1 54  ? -6.773  10.938  12.241  1.00 22.16 ? 54   ASP A N   1 
ATOM   354  C  CA  . ASP A 1 54  ? -7.586  10.479  11.112  1.00 24.45 ? 54   ASP A CA  1 
ATOM   355  C  C   . ASP A 1 54  ? -7.131  9.093   10.743  1.00 24.37 ? 54   ASP A C   1 
ATOM   356  O  O   . ASP A 1 54  ? -6.229  8.942   9.956   1.00 23.57 ? 54   ASP A O   1 
ATOM   357  C  CB  . ASP A 1 54  ? -7.420  11.415  9.908   1.00 26.01 ? 54   ASP A CB  1 
ATOM   358  C  CG  . ASP A 1 54  ? -8.409  11.104  8.782   1.00 29.98 ? 54   ASP A CG  1 
ATOM   359  O  OD1 . ASP A 1 54  ? -8.917  9.969   8.697   1.00 30.85 ? 54   ASP A OD1 1 
ATOM   360  O  OD2 . ASP A 1 54  ? -8.706  12.016  8.004   1.00 35.36 ? 54   ASP A OD2 1 
ATOM   361  N  N   . ALA A 1 55  ? -7.747  8.072   11.315  1.00 26.92 ? 55   ALA A N   1 
ATOM   362  C  CA  . ALA A 1 55  ? -7.141  6.737   11.270  1.00 29.81 ? 55   ALA A CA  1 
ATOM   363  C  C   . ALA A 1 55  ? -7.225  6.064   9.900   1.00 28.98 ? 55   ALA A C   1 
ATOM   364  O  O   . ALA A 1 55  ? -6.508  5.076   9.649   1.00 29.33 ? 55   ALA A O   1 
ATOM   365  C  CB  . ALA A 1 55  ? -7.720  5.840   12.349  1.00 32.68 ? 55   ALA A CB  1 
ATOM   366  N  N   . THR A 1 56  ? -8.066  6.615   9.019   1.00 27.65 ? 56   THR A N   1 
ATOM   367  C  CA  . THR A 1 56  ? -8.026  6.250   7.596   1.00 26.18 ? 56   THR A CA  1 
ATOM   368  C  C   . THR A 1 56  ? -6.739  6.673   6.888   1.00 23.63 ? 56   THR A C   1 
ATOM   369  O  O   . THR A 1 56  ? -6.471  6.212   5.778   1.00 23.04 ? 56   THR A O   1 
ATOM   370  C  CB  . THR A 1 56  ? -9.220  6.799   6.790   1.00 26.37 ? 56   THR A CB  1 
ATOM   371  O  OG1 . THR A 1 56  ? -9.083  8.203   6.568   1.00 29.54 ? 56   THR A OG1 1 
ATOM   372  C  CG2 . THR A 1 56  ? -10.497 6.499   7.471   1.00 25.57 ? 56   THR A CG2 1 
ATOM   373  N  N   . SER A 1 57  ? -5.943  7.529   7.515   1.00 20.23 ? 57   SER A N   1 
ATOM   374  C  CA  . SER A 1 57  ? -4.577  7.740   7.092   1.00 19.23 ? 57   SER A CA  1 
ATOM   375  C  C   . SER A 1 57  ? -3.671  6.785   7.842   1.00 19.78 ? 57   SER A C   1 
ATOM   376  O  O   . SER A 1 57  ? -3.526  6.891   9.056   1.00 18.37 ? 57   SER A O   1 
ATOM   377  C  CB  . SER A 1 57  ? -4.131  9.183   7.347   1.00 18.88 ? 57   SER A CB  1 
ATOM   378  O  OG  . SER A 1 57  ? -4.730  10.060  6.418   1.00 20.06 ? 57   SER A OG  1 
ATOM   379  N  N   . ASN A 1 58  ? -3.064  5.850   7.129   1.00 17.99 ? 58   ASN A N   1 
ATOM   380  C  CA  . ASN A 1 58  ? -2.236  4.842   7.782   1.00 18.02 ? 58   ASN A CA  1 
ATOM   381  C  C   . ASN A 1 58  ? -1.334  4.161   6.797   1.00 18.11 ? 58   ASN A C   1 
ATOM   382  O  O   . ASN A 1 58  ? -1.480  4.345   5.582   1.00 17.42 ? 58   ASN A O   1 
ATOM   383  C  CB  . ASN A 1 58  ? -3.081  3.798   8.512   1.00 19.20 ? 58   ASN A CB  1 
ATOM   384  C  CG  . ASN A 1 58  ? -4.004  3.018   7.585   1.00 20.35 ? 58   ASN A CG  1 
ATOM   385  O  OD1 . ASN A 1 58  ? -3.565  2.254   6.737   1.00 19.49 ? 58   ASN A OD1 1 
ATOM   386  N  ND2 . ASN A 1 58  ? -5.288  3.197   7.765   1.00 21.37 ? 58   ASN A ND2 1 
ATOM   387  N  N   . LEU A 1 59  ? -0.375  3.421   7.312   1.00 17.33 ? 59   LEU A N   1 
ATOM   388  C  CA  . LEU A 1 59  ? 0.524   2.643   6.470   1.00 17.71 ? 59   LEU A CA  1 
ATOM   389  C  C   . LEU A 1 59  ? 0.881   1.347   7.162   1.00 17.12 ? 59   LEU A C   1 
ATOM   390  O  O   . LEU A 1 59  ? 0.917   1.284   8.384   1.00 17.68 ? 59   LEU A O   1 
ATOM   391  C  CB  . LEU A 1 59  ? 1.772   3.438   6.117   1.00 18.76 ? 59   LEU A CB  1 
ATOM   392  C  CG  . LEU A 1 59  ? 2.898   3.702   7.112   1.00 18.74 ? 59   LEU A CG  1 
ATOM   393  C  CD1 . LEU A 1 59  ? 3.791   2.480   7.284   1.00 20.17 ? 59   LEU A CD1 1 
ATOM   394  C  CD2 . LEU A 1 59  ? 3.745   4.906   6.705   1.00 20.31 ? 59   LEU A CD2 1 
ATOM   395  N  N   . SER A 1 60  ? 1.196   0.320   6.365   1.00 16.84 ? 60   SER A N   1 
ATOM   396  C  CA  . SER A 1 60  ? 1.588   -0.966  6.886   1.00 17.11 ? 60   SER A CA  1 
ATOM   397  C  C   . SER A 1 60  ? 2.721   -1.478  6.024   1.00 16.57 ? 60   SER A C   1 
ATOM   398  O  O   . SER A 1 60  ? 2.803   -1.149  4.829   1.00 15.60 ? 60   SER A O   1 
ATOM   399  C  CB  . SER A 1 60  ? 0.436   -1.981  6.846   1.00 18.98 ? 60   SER A CB  1 
ATOM   400  O  OG  . SER A 1 60  ? -0.776  -1.412  7.281   1.00 22.94 ? 60   SER A OG  1 
ATOM   401  N  N   . VAL A 1 61  ? 3.593   -2.252  6.642   1.00 15.42 ? 61   VAL A N   1 
ATOM   402  C  CA  . VAL A 1 61  ? 4.604   -3.020  5.927   1.00 15.55 ? 61   VAL A CA  1 
ATOM   403  C  C   . VAL A 1 61  ? 4.323   -4.480  6.256   1.00 16.31 ? 61   VAL A C   1 
ATOM   404  O  O   . VAL A 1 61  ? 4.166   -4.852  7.422   1.00 16.07 ? 61   VAL A O   1 
ATOM   405  C  CB  . VAL A 1 61  ? 6.027   -2.644  6.342   1.00 15.88 ? 61   VAL A CB  1 
ATOM   406  C  CG1 . VAL A 1 61  ? 7.051   -3.566  5.682   1.00 15.69 ? 61   VAL A CG1 1 
ATOM   407  C  CG2 . VAL A 1 61  ? 6.307   -1.196  5.969   1.00 16.01 ? 61   VAL A CG2 1 
ATOM   408  N  N   . LEU A 1 62  ? 4.252   -5.295  5.216   1.00 15.50 ? 62   LEU A N   1 
ATOM   409  C  CA  . LEU A 1 62  ? 4.018   -6.715  5.369   1.00 15.97 ? 62   LEU A CA  1 
ATOM   410  C  C   . LEU A 1 62  ? 5.190   -7.474  4.774   1.00 16.53 ? 62   LEU A C   1 
ATOM   411  O  O   . LEU A 1 62  ? 5.743   -7.061  3.763   1.00 15.56 ? 62   LEU A O   1 
ATOM   412  C  CB  . LEU A 1 62  ? 2.751   -7.118  4.624   1.00 16.11 ? 62   LEU A CB  1 
ATOM   413  C  CG  . LEU A 1 62  ? 1.542   -6.199  4.694   1.00 16.80 ? 62   LEU A CG  1 
ATOM   414  C  CD1 . LEU A 1 62  ? 0.394   -6.850  3.929   1.00 16.86 ? 62   LEU A CD1 1 
ATOM   415  C  CD2 . LEU A 1 62  ? 1.128   -5.891  6.115   1.00 17.38 ? 62   LEU A CD2 1 
ATOM   416  N  N   . VAL A 1 63  ? 5.569   -8.565  5.425   1.00 16.42 ? 63   VAL A N   1 
ATOM   417  C  CA  . VAL A 1 63  ? 6.568   -9.475  4.912   1.00 17.01 ? 63   VAL A CA  1 
ATOM   418  C  C   . VAL A 1 63  ? 6.001   -10.885 4.966   1.00 17.44 ? 63   VAL A C   1 
ATOM   419  O  O   . VAL A 1 63  ? 5.691   -11.391 6.040   1.00 17.03 ? 63   VAL A O   1 
ATOM   420  C  CB  . VAL A 1 63  ? 7.878   -9.399  5.711   1.00 17.58 ? 63   VAL A CB  1 
ATOM   421  C  CG1 . VAL A 1 63  ? 8.900   -10.368 5.124   1.00 18.50 ? 63   VAL A CG1 1 
ATOM   422  C  CG2 . VAL A 1 63  ? 8.432   -7.986  5.674   1.00 17.21 ? 63   VAL A CG2 1 
ATOM   423  N  N   . GLN A 1 64  ? 5.814   -11.488 3.793   1.00 17.40 ? 64   GLN A N   1 
ATOM   424  C  CA  . GLN A 1 64  ? 5.134   -12.777 3.694   1.00 17.31 ? 64   GLN A CA  1 
ATOM   425  C  C   . GLN A 1 64  ? 6.004   -13.764 2.916   1.00 17.83 ? 64   GLN A C   1 
ATOM   426  O  O   . GLN A 1 64  ? 6.813   -13.361 2.086   1.00 16.95 ? 64   GLN A O   1 
ATOM   427  C  CB  . GLN A 1 64  ? 3.799   -12.649 2.970   1.00 17.64 ? 64   GLN A CB  1 
ATOM   428  C  CG  . GLN A 1 64  ? 2.860   -11.574 3.488   1.00 18.22 ? 64   GLN A CG  1 
ATOM   429  C  CD  . GLN A 1 64  ? 1.703   -11.306 2.543   1.00 19.83 ? 64   GLN A CD  1 
ATOM   430  O  OE1 . GLN A 1 64  ? 1.701   -11.765 1.393   1.00 20.42 ? 64   GLN A OE1 1 
ATOM   431  N  NE2 . GLN A 1 64  ? 0.703   -10.567 3.026   1.00 20.22 ? 64   GLN A NE2 1 
ATOM   432  N  N   . PRO A 1 65  ? 5.828   -15.067 3.168   1.00 18.50 ? 65   PRO A N   1 
ATOM   433  C  CA  . PRO A 1 65  ? 6.549   -16.014 2.338   1.00 18.71 ? 65   PRO A CA  1 
ATOM   434  C  C   . PRO A 1 65  ? 5.970   -15.948 0.934   1.00 18.86 ? 65   PRO A C   1 
ATOM   435  O  O   . PRO A 1 65  ? 4.785   -15.659 0.785   1.00 19.39 ? 65   PRO A O   1 
ATOM   436  C  CB  . PRO A 1 65  ? 6.197   -17.359 2.964   1.00 20.05 ? 65   PRO A CB  1 
ATOM   437  C  CG  . PRO A 1 65  ? 4.824   -17.135 3.529   1.00 19.93 ? 65   PRO A CG  1 
ATOM   438  C  CD  . PRO A 1 65  ? 4.877   -15.738 4.073   1.00 19.84 ? 65   PRO A CD  1 
ATOM   439  N  N   . THR A 1 66  ? 6.786   -16.232 -0.066  1.00 19.07 ? 66   THR A N   1 
ATOM   440  C  CA  . THR A 1 66  ? 6.299   -16.365 -1.428  1.00 21.13 ? 66   THR A CA  1 
ATOM   441  C  C   . THR A 1 66  ? 7.085   -17.428 -2.145  1.00 21.99 ? 66   THR A C   1 
ATOM   442  O  O   . THR A 1 66  ? 8.270   -17.621 -1.886  1.00 21.18 ? 66   THR A O   1 
ATOM   443  C  CB  . THR A 1 66  ? 6.393   -15.033 -2.241  1.00 22.00 ? 66   THR A CB  1 
ATOM   444  O  OG1 . THR A 1 66  ? 5.863   -15.239 -3.553  1.00 23.84 ? 66   THR A OG1 1 
ATOM   445  C  CG2 . THR A 1 66  ? 7.811   -14.570 -2.359  1.00 21.88 ? 66   THR A CG2 1 
ATOM   446  N  N   . ASP A 1 67  ? 6.391   -18.120 -3.042  1.00 25.50 ? 67   ASP A N   1 
ATOM   447  C  CA  . ASP A 1 67  ? 7.002   -19.058 -3.978  1.00 29.54 ? 67   ASP A CA  1 
ATOM   448  C  C   . ASP A 1 67  ? 7.706   -18.366 -5.156  1.00 29.87 ? 67   ASP A C   1 
ATOM   449  O  O   . ASP A 1 67  ? 8.404   -19.021 -5.921  1.00 29.44 ? 67   ASP A O   1 
ATOM   450  C  CB  . ASP A 1 67  ? 5.931   -20.001 -4.546  1.00 33.72 ? 67   ASP A CB  1 
ATOM   451  C  CG  . ASP A 1 67  ? 5.242   -20.840 -3.470  1.00 39.04 ? 67   ASP A CG  1 
ATOM   452  O  OD1 . ASP A 1 67  ? 5.774   -20.949 -2.335  1.00 41.99 ? 67   ASP A OD1 1 
ATOM   453  O  OD2 . ASP A 1 67  ? 4.159   -21.395 -3.769  1.00 42.41 ? 67   ASP A OD2 1 
ATOM   454  N  N   . LYS A 1 68  ? 7.517   -17.058 -5.306  1.00 28.98 ? 68   LYS A N   1 
ATOM   455  C  CA  . LYS A 1 68  ? 8.106   -16.311 -6.434  1.00 27.10 ? 68   LYS A CA  1 
ATOM   456  C  C   . LYS A 1 68  ? 9.545   -15.902 -6.192  1.00 26.51 ? 68   LYS A C   1 
ATOM   457  O  O   . LYS A 1 68  ? 10.006  -15.843 -5.053  1.00 27.44 ? 68   LYS A O   1 
ATOM   458  C  CB  . LYS A 1 68  ? 7.295   -15.052 -6.752  1.00 28.19 ? 68   LYS A CB  1 
ATOM   459  C  CG  . LYS A 1 68  ? 5.785   -15.159 -6.749  1.00 29.65 ? 68   LYS A CG  1 
ATOM   460  C  CD  . LYS A 1 68  ? 5.224   -16.099 -7.785  1.00 31.10 ? 68   LYS A CD  1 
ATOM   461  C  CE  . LYS A 1 68  ? 3.724   -16.283 -7.561  1.00 32.56 ? 68   LYS A CE  1 
ATOM   462  N  NZ  . LYS A 1 68  ? 3.187   -17.430 -8.348  1.00 34.98 ? 68   LYS A NZ  1 
ATOM   463  N  N   . LYS A 1 69  ? 10.260  -15.595 -7.272  1.00 25.33 ? 69   LYS A N   1 
ATOM   464  C  CA  . LYS A 1 69  ? 11.616  -15.059 -7.188  1.00 24.65 ? 69   LYS A CA  1 
ATOM   465  C  C   . LYS A 1 69  ? 11.678  -13.562 -7.328  1.00 24.88 ? 69   LYS A C   1 
ATOM   466  O  O   . LYS A 1 69  ? 12.590  -12.918 -6.813  1.00 28.58 ? 69   LYS A O   1 
ATOM   467  C  CB  . LYS A 1 69  ? 12.524  -15.666 -8.282  1.00 24.84 ? 69   LYS A CB  1 
ATOM   468  C  CG  . LYS A 1 69  ? 13.062  -17.027 -7.941  1.00 27.18 ? 69   LYS A CG  1 
ATOM   469  C  CD  . LYS A 1 69  ? 13.909  -17.027 -6.692  1.00 28.33 ? 69   LYS A CD  1 
ATOM   470  C  CE  . LYS A 1 69  ? 14.394  -18.433 -6.424  1.00 29.97 ? 69   LYS A CE  1 
ATOM   471  N  NZ  . LYS A 1 69  ? 15.319  -18.482 -5.273  1.00 31.22 ? 69   LYS A NZ  1 
ATOM   472  N  N   . SER A 1 70  ? 10.729  -13.010 -8.066  1.00 21.21 ? 70   SER A N   1 
ATOM   473  C  CA  . SER A 1 70  ? 10.728  -11.595 -8.416  1.00 20.60 ? 70   SER A CA  1 
ATOM   474  C  C   . SER A 1 70  ? 9.293   -11.115 -8.421  1.00 18.58 ? 70   SER A C   1 
ATOM   475  O  O   . SER A 1 70  ? 8.379   -11.909 -8.642  1.00 16.70 ? 70   SER A O   1 
ATOM   476  C  CB  . SER A 1 70  ? 11.341  -11.415 -9.798  1.00 22.24 ? 70   SER A CB  1 
ATOM   477  O  OG  . SER A 1 70  ? 10.927  -10.227 -10.450 1.00 28.02 ? 70   SER A OG  1 
ATOM   478  N  N   . ILE A 1 71  ? 9.087   -9.822  -8.207  1.00 17.74 ? 71   ILE A N   1 
ATOM   479  C  CA  . ILE A 1 71  ? 7.735   -9.277  -8.260  1.00 17.21 ? 71   ILE A CA  1 
ATOM   480  C  C   . ILE A 1 71  ? 7.137   -9.485  -9.655  1.00 17.12 ? 71   ILE A C   1 
ATOM   481  O  O   . ILE A 1 71  ? 5.917   -9.604  -9.807  1.00 17.14 ? 71   ILE A O   1 
ATOM   482  C  CB  . ILE A 1 71  ? 7.687   -7.782  -7.847  1.00 17.39 ? 71   ILE A CB  1 
ATOM   483  C  CG1 . ILE A 1 71  ? 6.264   -7.371  -7.462  1.00 18.25 ? 71   ILE A CG1 1 
ATOM   484  C  CG2 . ILE A 1 71  ? 8.261   -6.889  -8.925  1.00 17.60 ? 71   ILE A CG2 1 
ATOM   485  C  CD1 . ILE A 1 71  ? 5.813   -7.921  -6.127  1.00 19.22 ? 71   ILE A CD1 1 
ATOM   486  N  N   . THR A 1 72  ? 7.987   -9.601  -10.670 1.00 17.44 ? 72   THR A N   1 
ATOM   487  C  CA  . THR A 1 72  ? 7.496   -9.772  -12.038 1.00 18.14 ? 72   THR A CA  1 
ATOM   488  C  C   . THR A 1 72  ? 6.858   -11.148 -12.246 1.00 17.75 ? 72   THR A C   1 
ATOM   489  O  O   . THR A 1 72  ? 6.111   -11.357 -13.195 1.00 17.63 ? 72   THR A O   1 
ATOM   490  C  CB  . THR A 1 72  ? 8.584   -9.544  -13.089 1.00 20.41 ? 72   THR A CB  1 
ATOM   491  O  OG1 . THR A 1 72  ? 9.599   -10.518 -12.923 1.00 22.82 ? 72   THR A OG1 1 
ATOM   492  C  CG2 . THR A 1 72  ? 9.200   -8.182  -12.938 1.00 21.10 ? 72   THR A CG2 1 
ATOM   493  N  N   . ASP A 1 73  ? 7.140   -12.086 -11.348 1.00 17.16 ? 73   ASP A N   1 
ATOM   494  C  CA  . ASP A 1 73  ? 6.556   -13.412 -11.410 1.00 17.60 ? 73   ASP A CA  1 
ATOM   495  C  C   . ASP A 1 73  ? 5.058   -13.414 -11.128 1.00 18.58 ? 73   ASP A C   1 
ATOM   496  O  O   . ASP A 1 73  ? 4.360   -14.391 -11.442 1.00 18.04 ? 73   ASP A O   1 
ATOM   497  C  CB  . ASP A 1 73  ? 7.279   -14.358 -10.460 1.00 17.39 ? 73   ASP A CB  1 
ATOM   498  C  CG  . ASP A 1 73  ? 8.685   -14.689 -10.941 1.00 17.57 ? 73   ASP A CG  1 
ATOM   499  O  OD1 . ASP A 1 73  ? 8.863   -14.831 -12.169 1.00 18.90 ? 73   ASP A OD1 1 
ATOM   500  O  OD2 . ASP A 1 73  ? 9.607   -14.788 -10.103 1.00 18.85 ? 73   ASP A OD2 1 
ATOM   501  N  N   . PHE A 1 74  ? 4.566   -12.328 -10.538 1.00 16.84 ? 74   PHE A N   1 
ATOM   502  C  CA  . PHE A 1 74  ? 3.147   -12.163 -10.318 1.00 18.44 ? 74   PHE A CA  1 
ATOM   503  C  C   . PHE A 1 74  ? 2.435   -11.709 -11.596 1.00 18.42 ? 74   PHE A C   1 
ATOM   504  O  O   . PHE A 1 74  ? 1.201   -11.757 -11.674 1.00 20.27 ? 74   PHE A O   1 
ATOM   505  C  CB  . PHE A 1 74  ? 2.899   -11.144 -9.194  1.00 18.51 ? 74   PHE A CB  1 
ATOM   506  C  CG  . PHE A 1 74  ? 3.220   -11.662 -7.829  1.00 19.28 ? 74   PHE A CG  1 
ATOM   507  C  CD1 . PHE A 1 74  ? 2.282   -12.387 -7.116  1.00 20.84 ? 74   PHE A CD1 1 
ATOM   508  C  CD2 . PHE A 1 74  ? 4.464   -11.444 -7.255  1.00 19.45 ? 74   PHE A CD2 1 
ATOM   509  C  CE1 . PHE A 1 74  ? 2.575   -12.877 -5.858  1.00 21.92 ? 74   PHE A CE1 1 
ATOM   510  C  CE2 . PHE A 1 74  ? 4.760   -11.936 -6.001  1.00 20.51 ? 74   PHE A CE2 1 
ATOM   511  C  CZ  . PHE A 1 74  ? 3.811   -12.644 -5.296  1.00 20.58 ? 74   PHE A CZ  1 
ATOM   512  N  N   . GLY A 1 75  ? 3.195   -11.231 -12.571 1.00 17.63 ? 75   GLY A N   1 
ATOM   513  C  CA  . GLY A 1 75  ? 2.634   -10.627 -13.763 1.00 16.81 ? 75   GLY A CA  1 
ATOM   514  C  C   . GLY A 1 75  ? 2.894   -9.136  -13.729 1.00 17.30 ? 75   GLY A C   1 
ATOM   515  O  O   . GLY A 1 75  ? 3.921   -8.705  -13.230 1.00 18.46 ? 75   GLY A O   1 
ATOM   516  N  N   . SER A 1 76  ? 1.967   -8.347  -14.269 1.00 17.01 ? 76   SER A N   1 
ATOM   517  C  CA  . SER A 1 76  ? 2.095   -6.890  -14.288 1.00 16.35 ? 76   SER A CA  1 
ATOM   518  C  C   . SER A 1 76  ? 1.672   -6.321  -12.926 1.00 15.54 ? 76   SER A C   1 
ATOM   519  O  O   . SER A 1 76  ? 1.174   -7.069  -12.074 1.00 14.17 ? 76   SER A O   1 
ATOM   520  C  CB  . SER A 1 76  ? 1.199   -6.310  -15.382 1.00 17.03 ? 76   SER A CB  1 
ATOM   521  O  OG  . SER A 1 76  ? -0.175  -6.508  -15.066 1.00 16.18 ? 76   SER A OG  1 
ATOM   522  N  N   . PRO A 1 77  ? 1.886   -5.007  -12.702 1.00 14.86 ? 77   PRO A N   1 
ATOM   523  C  CA  . PRO A 1 77  ? 1.390   -4.409  -11.460 1.00 14.83 ? 77   PRO A CA  1 
ATOM   524  C  C   . PRO A 1 77  ? -0.112  -4.622  -11.233 1.00 15.23 ? 77   PRO A C   1 
ATOM   525  O  O   . PRO A 1 77  ? -0.538  -4.901  -10.132 1.00 15.46 ? 77   PRO A O   1 
ATOM   526  C  CB  . PRO A 1 77  ? 1.702   -2.925  -11.653 1.00 15.51 ? 77   PRO A CB  1 
ATOM   527  C  CG  . PRO A 1 77  ? 2.963   -2.942  -12.457 1.00 15.28 ? 77   PRO A CG  1 
ATOM   528  C  CD  . PRO A 1 77  ? 2.743   -4.051  -13.443 1.00 15.34 ? 77   PRO A CD  1 
ATOM   529  N  N   . GLU A 1 78  ? -0.891  -4.486  -12.295 1.00 16.43 ? 78   GLU A N   1 
ATOM   530  C  CA  . GLU A 1 78  ? -2.322  -4.764  -12.265 1.00 16.82 ? 78   GLU A CA  1 
ATOM   531  C  C   . GLU A 1 78  ? -2.647  -6.215  -11.885 1.00 16.35 ? 78   GLU A C   1 
ATOM   532  O  O   . GLU A 1 78  ? -3.559  -6.470  -11.088 1.00 16.16 ? 78   GLU A O   1 
ATOM   533  C  CB  . GLU A 1 78  ? -2.916  -4.408  -13.620 1.00 18.04 ? 78   GLU A CB  1 
ATOM   534  C  CG  . GLU A 1 78  ? -2.939  -2.916  -13.951 1.00 20.29 ? 78   GLU A CG  1 
ATOM   535  C  CD  . GLU A 1 78  ? -1.584  -2.254  -14.217 1.00 21.64 ? 78   GLU A CD  1 
ATOM   536  O  OE1 . GLU A 1 78  ? -0.590  -2.911  -14.647 1.00 20.94 ? 78   GLU A OE1 1 
ATOM   537  O  OE2 . GLU A 1 78  ? -1.500  -1.021  -13.981 1.00 24.14 ? 78   GLU A OE2 1 
ATOM   538  N  N   . ASP A 1 79  ? -1.907  -7.169  -12.443 1.00 15.16 ? 79   ASP A N   1 
ATOM   539  C  CA  . ASP A 1 79  ? -2.038  -8.565  -12.016 1.00 15.70 ? 79   ASP A CA  1 
ATOM   540  C  C   . ASP A 1 79  ? -1.722  -8.737  -10.536 1.00 15.15 ? 79   ASP A C   1 
ATOM   541  O  O   . ASP A 1 79  ? -2.429  -9.433  -9.800  1.00 14.96 ? 79   ASP A O   1 
ATOM   542  C  CB  . ASP A 1 79  ? -1.083  -9.459  -12.805 1.00 15.53 ? 79   ASP A CB  1 
ATOM   543  C  CG  . ASP A 1 79  ? -1.369  -9.476  -14.270 1.00 16.31 ? 79   ASP A CG  1 
ATOM   544  O  OD1 . ASP A 1 79  ? -2.556  -9.390  -14.647 1.00 17.82 ? 79   ASP A OD1 1 
ATOM   545  O  OD2 . ASP A 1 79  ? -0.398  -9.590  -15.070 1.00 17.86 ? 79   ASP A OD2 1 
ATOM   546  N  N   . PHE A 1 80  ? -0.620  -8.148  -10.116 1.00 14.65 ? 80   PHE A N   1 
ATOM   547  C  CA  . PHE A 1 80  ? -0.204  -8.225  -8.719  1.00 15.51 ? 80   PHE A CA  1 
ATOM   548  C  C   . PHE A 1 80  ? -1.319  -7.703  -7.801  1.00 16.34 ? 80   PHE A C   1 
ATOM   549  O  O   . PHE A 1 80  ? -1.667  -8.330  -6.812  1.00 16.77 ? 80   PHE A O   1 
ATOM   550  C  CB  . PHE A 1 80  ? 1.064   -7.427  -8.494  1.00 15.98 ? 80   PHE A CB  1 
ATOM   551  C  CG  . PHE A 1 80  ? 1.476   -7.355  -7.045  1.00 16.34 ? 80   PHE A CG  1 
ATOM   552  C  CD1 . PHE A 1 80  ? 1.938   -8.477  -6.393  1.00 16.77 ? 80   PHE A CD1 1 
ATOM   553  C  CD2 . PHE A 1 80  ? 1.402   -6.165  -6.345  1.00 17.78 ? 80   PHE A CD2 1 
ATOM   554  C  CE1 . PHE A 1 80  ? 2.310   -8.434  -5.055  1.00 17.48 ? 80   PHE A CE1 1 
ATOM   555  C  CE2 . PHE A 1 80  ? 1.772   -6.108  -5.007  1.00 17.99 ? 80   PHE A CE2 1 
ATOM   556  C  CZ  . PHE A 1 80  ? 2.235   -7.242  -4.363  1.00 17.19 ? 80   PHE A CZ  1 
ATOM   557  N  N   . LEU A 1 81  ? -1.885  -6.567  -8.164  1.00 17.72 ? 81   LEU A N   1 
ATOM   558  C  CA  . LEU A 1 81  ? -2.961  -5.970  -7.358  1.00 19.51 ? 81   LEU A CA  1 
ATOM   559  C  C   . LEU A 1 81  ? -4.132  -6.959  -7.212  1.00 21.16 ? 81   LEU A C   1 
ATOM   560  O  O   . LEU A 1 81  ? -4.688  -7.109  -6.144  1.00 20.13 ? 81   LEU A O   1 
ATOM   561  C  CB  . LEU A 1 81  ? -3.440  -4.663  -7.992  1.00 19.30 ? 81   LEU A CB  1 
ATOM   562  C  CG  . LEU A 1 81  ? -4.598  -3.953  -7.275  1.00 19.98 ? 81   LEU A CG  1 
ATOM   563  C  CD1 . LEU A 1 81  ? -4.081  -3.472  -5.938  1.00 19.83 ? 81   LEU A CD1 1 
ATOM   564  C  CD2 . LEU A 1 81  ? -5.148  -2.798  -8.093  1.00 21.12 ? 81   LEU A CD2 1 
ATOM   565  N  N   . SER A 1 82  ? -4.476  -7.662  -8.285  1.00 22.29 ? 82   SER A N   1 
ATOM   566  C  CA  . SER A 1 82  ? -5.553  -8.640  -8.203  1.00 24.84 ? 82   SER A CA  1 
ATOM   567  C  C   . SER A 1 82  ? -5.226  -9.793  -7.238  1.00 23.45 ? 82   SER A C   1 
ATOM   568  O  O   . SER A 1 82  ? -6.125  -10.389 -6.680  1.00 27.35 ? 82   SER A O   1 
ATOM   569  C  CB  . SER A 1 82  ? -5.885  -9.201  -9.588  1.00 26.95 ? 82   SER A CB  1 
ATOM   570  O  OG  . SER A 1 82  ? -7.000  -10.064 -9.470  1.00 31.38 ? 82   SER A OG  1 
ATOM   571  N  N   . GLN A 1 83  ? -3.953  -10.093 -7.045  1.00 21.24 ? 83   GLN A N   1 
ATOM   572  C  CA  . GLN A 1 83  ? -3.527  -11.191 -6.167  1.00 21.44 ? 83   GLN A CA  1 
ATOM   573  C  C   . GLN A 1 83  ? -3.364  -10.769 -4.700  1.00 22.78 ? 83   GLN A C   1 
ATOM   574  O  O   . GLN A 1 83  ? -3.251  -11.616 -3.812  1.00 24.00 ? 83   GLN A O   1 
ATOM   575  C  CB  . GLN A 1 83  ? -2.235  -11.818 -6.695  1.00 21.52 ? 83   GLN A CB  1 
ATOM   576  C  CG  . GLN A 1 83  ? -2.458  -12.609 -7.979  1.00 22.00 ? 83   GLN A CG  1 
ATOM   577  C  CD  . GLN A 1 83  ? -1.169  -12.926 -8.726  1.00 21.12 ? 83   GLN A CD  1 
ATOM   578  O  OE1 . GLN A 1 83  ? -0.481  -13.908 -8.447  1.00 20.49 ? 83   GLN A OE1 1 
ATOM   579  N  NE2 . GLN A 1 83  ? -0.848  -12.098 -9.694  1.00 19.04 ? 83   GLN A NE2 1 
ATOM   580  N  N   . VAL A 1 84  ? -3.354  -9.465  -4.452  1.00 21.11 ? 84   VAL A N   1 
ATOM   581  C  CA  . VAL A 1 84  ? -3.323  -8.925  -3.094  1.00 20.08 ? 84   VAL A CA  1 
ATOM   582  C  C   . VAL A 1 84  ? -4.504  -7.989  -2.834  1.00 20.93 ? 84   VAL A C   1 
ATOM   583  O  O   . VAL A 1 84  ? -4.438  -7.105  -1.965  1.00 18.75 ? 84   VAL A O   1 
ATOM   584  C  CB  . VAL A 1 84  ? -1.984  -8.206  -2.786  1.00 19.50 ? 84   VAL A CB  1 
ATOM   585  C  CG1 . VAL A 1 84  ? -0.821  -9.186  -2.884  1.00 21.24 ? 84   VAL A CG1 1 
ATOM   586  C  CG2 . VAL A 1 84  ? -1.739  -7.024  -3.721  1.00 18.52 ? 84   VAL A CG2 1 
ATOM   587  N  N   . ASP A 1 85  ? -5.622  -8.196  -3.532  1.00 21.35 ? 85   ASP A N   1 
ATOM   588  C  CA  . ASP A 1 85  ? -6.709  -7.230  -3.398  1.00 23.24 ? 85   ASP A CA  1 
ATOM   589  C  C   . ASP A 1 85  ? -7.367  -7.211  -2.014  1.00 22.35 ? 85   ASP A C   1 
ATOM   590  O  O   . ASP A 1 85  ? -8.133  -6.300  -1.728  1.00 21.18 ? 85   ASP A O   1 
ATOM   591  C  CB  . ASP A 1 85  ? -7.744  -7.369  -4.520  1.00 26.00 ? 85   ASP A CB  1 
ATOM   592  C  CG  . ASP A 1 85  ? -8.491  -8.670  -4.475  1.00 28.14 ? 85   ASP A CG  1 
ATOM   593  O  OD1 . ASP A 1 85  ? -8.057  -9.592  -3.751  1.00 29.92 ? 85   ASP A OD1 1 
ATOM   594  O  OD2 . ASP A 1 85  ? -9.522  -8.771  -5.178  1.00 30.13 ? 85   ASP A OD2 1 
ATOM   595  N  N   . TYR A 1 86  ? -7.053  -8.192  -1.149  1.00 20.85 ? 86   TYR A N   1 
ATOM   596  C  CA  . TYR A 1 86  ? -7.448  -8.107  0.271   1.00 22.12 ? 86   TYR A CA  1 
ATOM   597  C  C   . TYR A 1 86  ? -6.889  -6.836  0.921   1.00 21.25 ? 86   TYR A C   1 
ATOM   598  O  O   . TYR A 1 86  ? -7.403  -6.374  1.939   1.00 19.74 ? 86   TYR A O   1 
ATOM   599  C  CB  . TYR A 1 86  ? -6.982  -9.338  1.072   1.00 22.86 ? 86   TYR A CB  1 
ATOM   600  C  CG  . TYR A 1 86  ? -5.470  -9.509  1.109   1.00 22.82 ? 86   TYR A CG  1 
ATOM   601  C  CD1 . TYR A 1 86  ? -4.672  -8.759  1.985   1.00 22.79 ? 86   TYR A CD1 1 
ATOM   602  C  CD2 . TYR A 1 86  ? -4.834  -10.404 0.259   1.00 22.69 ? 86   TYR A CD2 1 
ATOM   603  C  CE1 . TYR A 1 86  ? -3.283  -8.905  1.999   1.00 23.58 ? 86   TYR A CE1 1 
ATOM   604  C  CE2 . TYR A 1 86  ? -3.454  -10.558 0.272   1.00 24.01 ? 86   TYR A CE2 1 
ATOM   605  C  CZ  . TYR A 1 86  ? -2.683  -9.807  1.139   1.00 23.67 ? 86   TYR A CZ  1 
ATOM   606  O  OH  . TYR A 1 86  ? -1.318  -9.954  1.137   1.00 26.03 ? 86   TYR A OH  1 
ATOM   607  N  N   . LEU A 1 87  ? -5.829  -6.274  0.344   1.00 20.75 ? 87   LEU A N   1 
ATOM   608  C  CA  . LEU A 1 87  ? -5.277  -5.016  0.840   1.00 21.86 ? 87   LEU A CA  1 
ATOM   609  C  C   . LEU A 1 87  ? -6.239  -3.847  0.676   1.00 22.63 ? 87   LEU A C   1 
ATOM   610  O  O   . LEU A 1 87  ? -6.158  -2.856  1.414   1.00 23.79 ? 87   LEU A O   1 
ATOM   611  C  CB  . LEU A 1 87  ? -3.963  -4.680  0.141   1.00 21.57 ? 87   LEU A CB  1 
ATOM   612  C  CG  . LEU A 1 87  ? -2.782  -5.595  0.414   1.00 21.68 ? 87   LEU A CG  1 
ATOM   613  C  CD1 . LEU A 1 87  ? -1.626  -5.255  -0.512  1.00 20.87 ? 87   LEU A CD1 1 
ATOM   614  C  CD2 . LEU A 1 87  ? -2.369  -5.482  1.867   1.00 23.12 ? 87   LEU A CD2 1 
ATOM   615  N  N   . LEU A 1 88  ? -7.137  -3.961  -0.292  1.00 21.66 ? 88   LEU A N   1 
ATOM   616  C  CA  . LEU A 1 88  ? -8.013  -2.865  -0.673  1.00 23.13 ? 88   LEU A CA  1 
ATOM   617  C  C   . LEU A 1 88  ? -9.290  -2.781  0.134   1.00 24.83 ? 88   LEU A C   1 
ATOM   618  O  O   . LEU A 1 88  ? -9.874  -1.715  0.246   1.00 25.76 ? 88   LEU A O   1 
ATOM   619  C  CB  . LEU A 1 88  ? -8.363  -2.963  -2.152  1.00 21.88 ? 88   LEU A CB  1 
ATOM   620  C  CG  . LEU A 1 88  ? -7.222  -2.839  -3.149  1.00 22.78 ? 88   LEU A CG  1 
ATOM   621  C  CD1 . LEU A 1 88  ? -7.752  -3.027  -4.572  1.00 23.99 ? 88   LEU A CD1 1 
ATOM   622  C  CD2 . LEU A 1 88  ? -6.497  -1.505  -3.015  1.00 21.72 ? 88   LEU A CD2 1 
ATOM   623  N  N   . GLY A 1 89  ? -9.728  -3.898  0.696   1.00 27.31 ? 89   GLY A N   1 
ATOM   624  C  CA  . GLY A 1 89  ? -10.982 -3.908  1.436   1.00 28.53 ? 89   GLY A CA  1 
ATOM   625  C  C   . GLY A 1 89  ? -11.294 -5.260  2.037   1.00 29.97 ? 89   GLY A C   1 
ATOM   626  O  O   . GLY A 1 89  ? -10.644 -6.252  1.721   1.00 29.26 ? 89   GLY A O   1 
ATOM   627  N  N   . LYS A 1 90  ? -12.315 -5.287  2.886   1.00 32.19 ? 90   LYS A N   1 
ATOM   628  C  CA  . LYS A 1 90  ? -12.682 -6.503  3.615   1.00 33.69 ? 90   LYS A CA  1 
ATOM   629  C  C   . LYS A 1 90  ? -14.036 -7.065  3.207   1.00 31.73 ? 90   LYS A C   1 
ATOM   630  O  O   . LYS A 1 90  ? -14.722 -7.689  4.024   1.00 32.66 ? 90   LYS A O   1 
ATOM   631  C  CB  . LYS A 1 90  ? -12.675 -6.223  5.111   1.00 37.43 ? 90   LYS A CB  1 
ATOM   632  C  CG  . LYS A 1 90  ? -11.552 -5.295  5.549   1.00 41.08 ? 90   LYS A CG  1 
ATOM   633  C  CD  . LYS A 1 90  ? -11.218 -5.477  7.018   1.00 44.95 ? 90   LYS A CD  1 
ATOM   634  C  CE  . LYS A 1 90  ? -12.452 -5.359  7.904   1.00 48.04 ? 90   LYS A CE  1 
ATOM   635  N  NZ  . LYS A 1 90  ? -12.103 -5.437  9.350   1.00 49.17 ? 90   LYS A NZ  1 
ATOM   636  N  N   . GLN A 1 91  ? -14.423 -6.851  1.952   1.00 28.31 ? 91   GLN A N   1 
ATOM   637  C  CA  . GLN A 1 91  ? -15.677 -7.387  1.432   1.00 27.06 ? 91   GLN A CA  1 
ATOM   638  C  C   . GLN A 1 91  ? -15.739 -8.897  1.643   1.00 27.42 ? 91   GLN A C   1 
ATOM   639  O  O   . GLN A 1 91  ? -14.779 -9.606  1.354   1.00 26.21 ? 91   GLN A O   1 
ATOM   640  C  CB  . GLN A 1 91  ? -15.791 -7.066  -0.046  1.00 25.94 ? 91   GLN A CB  1 
ATOM   641  C  CG  . GLN A 1 91  ? -17.145 -7.317  -0.667  1.00 25.15 ? 91   GLN A CG  1 
ATOM   642  C  CD  . GLN A 1 91  ? -17.208 -6.751  -2.070  1.00 25.74 ? 91   GLN A CD  1 
ATOM   643  O  OE1 . GLN A 1 91  ? -16.854 -7.430  -3.037  1.00 25.93 ? 91   GLN A OE1 1 
ATOM   644  N  NE2 . GLN A 1 91  ? -17.618 -5.500  -2.188  1.00 25.26 ? 91   GLN A NE2 1 
ATOM   645  N  N   . ALA A 1 92  ? -16.886 -9.374  2.114   1.00 26.46 ? 92   ALA A N   1 
ATOM   646  C  CA  . ALA A 1 92  ? -17.047 -10.785 2.503   1.00 29.38 ? 92   ALA A CA  1 
ATOM   647  C  C   . ALA A 1 92  ? -17.338 -11.727 1.328   1.00 30.36 ? 92   ALA A C   1 
ATOM   648  O  O   . ALA A 1 92  ? -17.653 -12.895 1.536   1.00 33.51 ? 92   ALA A O   1 
ATOM   649  C  CB  . ALA A 1 92  ? -18.141 -10.915 3.548   1.00 29.09 ? 92   ALA A CB  1 
ATOM   650  N  N   . TYR A 1 93  ? -17.233 -11.221 0.104   1.00 29.28 ? 93   TYR A N   1 
ATOM   651  C  CA  . TYR A 1 93  ? -17.476 -12.022 -1.084  1.00 26.26 ? 93   TYR A CA  1 
ATOM   652  C  C   . TYR A 1 93  ? -16.622 -11.505 -2.206  1.00 26.94 ? 93   TYR A C   1 
ATOM   653  O  O   . TYR A 1 93  ? -16.255 -10.323 -2.211  1.00 25.37 ? 93   TYR A O   1 
ATOM   654  C  CB  . TYR A 1 93  ? -18.961 -11.959 -1.474  1.00 25.72 ? 93   TYR A CB  1 
ATOM   655  C  CG  . TYR A 1 93  ? -19.509 -10.554 -1.666  1.00 23.26 ? 93   TYR A CG  1 
ATOM   656  C  CD1 . TYR A 1 93  ? -20.056 -9.846  -0.607  1.00 23.47 ? 93   TYR A CD1 1 
ATOM   657  C  CD2 . TYR A 1 93  ? -19.508 -9.950  -2.917  1.00 24.47 ? 93   TYR A CD2 1 
ATOM   658  C  CE1 . TYR A 1 93  ? -20.571 -8.568  -0.767  1.00 23.58 ? 93   TYR A CE1 1 
ATOM   659  C  CE2 . TYR A 1 93  ? -20.023 -8.664  -3.098  1.00 23.76 ? 93   TYR A CE2 1 
ATOM   660  C  CZ  . TYR A 1 93  ? -20.554 -7.976  -2.015  1.00 23.02 ? 93   TYR A CZ  1 
ATOM   661  O  OH  . TYR A 1 93  ? -21.057 -6.706  -2.166  1.00 22.91 ? 93   TYR A OH  1 
ATOM   662  N  N   . PHE A 1 94  ? -16.278 -12.398 -3.132  1.00 26.27 ? 94   PHE A N   1 
ATOM   663  C  CA  . PHE A 1 94  ? -15.671 -12.015 -4.401  1.00 29.17 ? 94   PHE A CA  1 
ATOM   664  C  C   . PHE A 1 94  ? -16.769 -11.481 -5.319  1.00 27.83 ? 94   PHE A C   1 
ATOM   665  O  O   . PHE A 1 94  ? -17.782 -12.164 -5.561  1.00 25.32 ? 94   PHE A O   1 
ATOM   666  C  CB  . PHE A 1 94  ? -14.975 -13.214 -5.063  1.00 32.05 ? 94   PHE A CB  1 
ATOM   667  C  CG  . PHE A 1 94  ? -14.280 -12.875 -6.344  1.00 35.84 ? 94   PHE A CG  1 
ATOM   668  C  CD1 . PHE A 1 94  ? -12.972 -12.417 -6.338  1.00 37.89 ? 94   PHE A CD1 1 
ATOM   669  C  CD2 . PHE A 1 94  ? -14.935 -12.999 -7.558  1.00 39.39 ? 94   PHE A CD2 1 
ATOM   670  C  CE1 . PHE A 1 94  ? -12.325 -12.088 -7.514  1.00 40.41 ? 94   PHE A CE1 1 
ATOM   671  C  CE2 . PHE A 1 94  ? -14.296 -12.671 -8.738  1.00 41.08 ? 94   PHE A CE2 1 
ATOM   672  C  CZ  . PHE A 1 94  ? -12.989 -12.216 -8.721  1.00 40.86 ? 94   PHE A CZ  1 
ATOM   673  N  N   . GLY A 1 95  ? -16.564 -10.276 -5.846  1.00 26.33 ? 95   GLY A N   1 
ATOM   674  C  CA  . GLY A 1 95  ? -17.592 -9.619  -6.634  1.00 26.18 ? 95   GLY A CA  1 
ATOM   675  C  C   . GLY A 1 95  ? -17.087 -8.890  -7.856  1.00 25.89 ? 95   GLY A C   1 
ATOM   676  O  O   . GLY A 1 95  ? -15.968 -8.391  -7.889  1.00 26.65 ? 95   GLY A O   1 
ATOM   677  N  N   . LYS A 1 96  ? -17.935 -8.836  -8.871  1.00 23.10 ? 96   LYS A N   1 
ATOM   678  C  CA  . LYS A 1 96  ? -17.682 -8.063  -10.071 1.00 22.04 ? 96   LYS A CA  1 
ATOM   679  C  C   . LYS A 1 96  ? -17.928 -6.589  -9.726  1.00 21.74 ? 96   LYS A C   1 
ATOM   680  O  O   . LYS A 1 96  ? -18.903 -6.267  -9.076  1.00 18.62 ? 96   LYS A O   1 
ATOM   681  C  CB  . LYS A 1 96  ? -18.641 -8.541  -11.173 1.00 24.51 ? 96   LYS A CB  1 
ATOM   682  C  CG  . LYS A 1 96  ? -18.504 -7.856  -12.521 1.00 29.98 ? 96   LYS A CG  1 
ATOM   683  C  CD  . LYS A 1 96  ? -17.257 -8.295  -13.284 1.00 33.09 ? 96   LYS A CD  1 
ATOM   684  C  CE  . LYS A 1 96  ? -17.112 -7.550  -14.611 1.00 36.30 ? 96   LYS A CE  1 
ATOM   685  N  NZ  . LYS A 1 96  ? -17.432 -6.081  -14.540 1.00 38.60 ? 96   LYS A NZ  1 
ATOM   686  N  N   . THR A 1 97  ? -17.037 -5.693  -10.128 1.00 20.65 ? 97   THR A N   1 
ATOM   687  C  CA  . THR A 1 97  ? -17.321 -4.264  -10.013 1.00 20.85 ? 97   THR A CA  1 
ATOM   688  C  C   . THR A 1 97  ? -18.013 -3.832  -11.302 1.00 20.06 ? 97   THR A C   1 
ATOM   689  O  O   . THR A 1 97  ? -18.182 -4.622  -12.219 1.00 20.56 ? 97   THR A O   1 
ATOM   690  C  CB  . THR A 1 97  ? -16.051 -3.407  -9.812  1.00 20.31 ? 97   THR A CB  1 
ATOM   691  O  OG1 . THR A 1 97  ? -15.332 -3.339  -11.046 1.00 20.95 ? 97   THR A OG1 1 
ATOM   692  C  CG2 . THR A 1 97  ? -15.178 -3.969  -8.700  1.00 21.28 ? 97   THR A CG2 1 
ATOM   693  N  N   . ASP A 1 98  ? -18.388 -2.569  -11.405 1.00 19.33 ? 98   ASP A N   1 
ATOM   694  C  CA  . ASP A 1 98  ? -19.165 -2.148  -12.569 1.00 20.60 ? 98   ASP A CA  1 
ATOM   695  C  C   . ASP A 1 98  ? -18.298 -1.617  -13.702 1.00 23.50 ? 98   ASP A C   1 
ATOM   696  O  O   . ASP A 1 98  ? -18.813 -1.051  -14.670 1.00 23.10 ? 98   ASP A O   1 
ATOM   697  C  CB  . ASP A 1 98  ? -20.247 -1.126  -12.190 1.00 20.57 ? 98   ASP A CB  1 
ATOM   698  C  CG  . ASP A 1 98  ? -19.688 0.161   -11.601 1.00 20.55 ? 98   ASP A CG  1 
ATOM   699  O  OD1 . ASP A 1 98  ? -18.450 0.342   -11.494 1.00 21.03 ? 98   ASP A OD1 1 
ATOM   700  O  OD2 . ASP A 1 98  ? -20.510 0.997   -11.191 1.00 20.92 ? 98   ASP A OD2 1 
ATOM   701  N  N   . SER A 1 99  ? -16.986 -1.790  -13.585 1.00 25.60 ? 99   SER A N   1 
ATOM   702  C  CA  . SER A 1 99  ? -16.079 -1.355  -14.637 1.00 30.74 ? 99   SER A CA  1 
ATOM   703  C  C   . SER A 1 99  ? -16.065 -2.392  -15.771 1.00 33.95 ? 99   SER A C   1 
ATOM   704  O  O   . SER A 1 99  ? -16.192 -3.601  -15.529 1.00 33.60 ? 99   SER A O   1 
ATOM   705  C  CB  . SER A 1 99  ? -14.674 -1.134  -14.087 1.00 33.38 ? 99   SER A CB  1 
ATOM   706  O  OG  . SER A 1 99  ? -13.839 -0.574  -15.086 1.00 36.30 ? 99   SER A OG  1 
ATOM   707  N  N   . GLU A 1 100 ? -15.928 -1.900  -17.004 1.00 37.15 ? 100  GLU A N   1 
ATOM   708  C  CA  . GLU A 1 100 ? -15.847 -2.750  -18.204 1.00 40.11 ? 100  GLU A CA  1 
ATOM   709  C  C   . GLU A 1 100 ? -14.387 -2.999  -18.638 1.00 40.23 ? 100  GLU A C   1 
ATOM   710  O  O   . GLU A 1 100 ? -14.132 -3.525  -19.721 1.00 44.02 ? 100  GLU A O   1 
ATOM   711  C  CB  . GLU A 1 100 ? -16.628 -2.118  -19.378 1.00 43.24 ? 100  GLU A CB  1 
ATOM   712  C  CG  . GLU A 1 100 ? -18.160 -2.093  -19.268 1.00 45.86 ? 100  GLU A CG  1 
ATOM   713  C  CD  . GLU A 1 100 ? -18.734 -1.097  -18.245 1.00 50.23 ? 100  GLU A CD  1 
ATOM   714  O  OE1 . GLU A 1 100 ? -18.158 -0.889  -17.163 1.00 53.40 ? 100  GLU A OE1 1 
ATOM   715  O  OE2 . GLU A 1 100 ? -19.806 -0.514  -18.523 1.00 58.23 ? 100  GLU A OE2 1 
ATOM   716  N  N   . GLY A 1 101 ? -13.434 -2.604  -17.801 1.00 38.90 ? 101  GLY A N   1 
ATOM   717  C  CA  . GLY A 1 101 ? -12.011 -2.767  -18.091 1.00 37.33 ? 101  GLY A CA  1 
ATOM   718  C  C   . GLY A 1 101 ? -11.242 -2.353  -16.860 1.00 35.72 ? 101  GLY A C   1 
ATOM   719  O  O   . GLY A 1 101 ? -11.848 -1.891  -15.887 1.00 32.21 ? 101  GLY A O   1 
ATOM   720  N  N   . GLY A 1 102 ? -9.917  -2.518  -16.886 1.00 35.64 ? 102  GLY A N   1 
ATOM   721  C  CA  . GLY A 1 102 ? -9.090  -2.294  -15.695 1.00 36.48 ? 102  GLY A CA  1 
ATOM   722  C  C   . GLY A 1 102 ? -9.500  -3.241  -14.573 1.00 36.23 ? 102  GLY A C   1 
ATOM   723  O  O   . GLY A 1 102 ? -9.952  -4.353  -14.843 1.00 35.88 ? 102  GLY A O   1 
ATOM   724  N  N   . PHE A 1 103 ? -9.361  -2.799  -13.320 1.00 34.86 ? 103  PHE A N   1 
ATOM   725  C  CA  . PHE A 1 103 ? -9.846  -3.562  -12.167 1.00 34.57 ? 103  PHE A CA  1 
ATOM   726  C  C   . PHE A 1 103 ? -11.341 -3.743  -12.318 1.00 33.78 ? 103  PHE A C   1 
ATOM   727  O  O   . PHE A 1 103 ? -12.089 -2.759  -12.273 1.00 35.16 ? 103  PHE A O   1 
ATOM   728  C  CB  . PHE A 1 103 ? -9.541  -2.824  -10.845 1.00 35.01 ? 103  PHE A CB  1 
ATOM   729  C  CG  . PHE A 1 103 ? -9.732  -3.668  -9.604  1.00 33.17 ? 103  PHE A CG  1 
ATOM   730  C  CD1 . PHE A 1 103 ? -11.004 -3.896  -9.082  1.00 32.16 ? 103  PHE A CD1 1 
ATOM   731  C  CD2 . PHE A 1 103 ? -8.641  -4.216  -8.943  1.00 34.77 ? 103  PHE A CD2 1 
ATOM   732  C  CE1 . PHE A 1 103 ? -11.187 -4.670  -7.939  1.00 33.15 ? 103  PHE A CE1 1 
ATOM   733  C  CE2 . PHE A 1 103 ? -8.812  -4.992  -7.802  1.00 33.70 ? 103  PHE A CE2 1 
ATOM   734  C  CZ  . PHE A 1 103 ? -10.091 -5.219  -7.296  1.00 33.09 ? 103  PHE A CZ  1 
ATOM   735  N  N   . ASP A 1 104 ? -11.792 -4.985  -12.504 1.00 33.41 ? 104  ASP A N   1 
ATOM   736  C  CA  . ASP A 1 104 ? -13.225 -5.223  -12.744 1.00 32.10 ? 104  ASP A CA  1 
ATOM   737  C  C   . ASP A 1 104 ? -13.871 -6.210  -11.775 1.00 32.67 ? 104  ASP A C   1 
ATOM   738  O  O   . ASP A 1 104 ? -15.061 -6.483  -11.885 1.00 29.99 ? 104  ASP A O   1 
ATOM   739  C  CB  . ASP A 1 104 ? -13.468 -5.678  -14.182 1.00 34.27 ? 104  ASP A CB  1 
ATOM   740  C  CG  . ASP A 1 104 ? -13.087 -7.129  -14.415 1.00 35.69 ? 104  ASP A CG  1 
ATOM   741  O  OD1 . ASP A 1 104 ? -12.226 -7.677  -13.693 1.00 35.73 ? 104  ASP A OD1 1 
ATOM   742  O  OD2 . ASP A 1 104 ? -13.663 -7.731  -15.332 1.00 42.45 ? 104  ASP A OD2 1 
ATOM   743  N  N   . SER A 1 105 ? -13.100 -6.730  -10.834 1.00 31.71 ? 105  SER A N   1 
ATOM   744  C  CA  . SER A 1 105 ? -13.616 -7.678  -9.862  1.00 31.83 ? 105  SER A CA  1 
ATOM   745  C  C   . SER A 1 105 ? -12.618 -7.892  -8.725  1.00 32.66 ? 105  SER A C   1 
ATOM   746  O  O   . SER A 1 105 ? -11.418 -7.757  -8.913  1.00 35.26 ? 105  SER A O   1 
ATOM   747  C  CB  . SER A 1 105 ? -13.912 -9.024  -10.545 1.00 33.57 ? 105  SER A CB  1 
ATOM   748  O  OG  . SER A 1 105 ? -12.781 -9.467  -11.276 1.00 34.03 ? 105  SER A OG  1 
ATOM   749  N  N   . GLY A 1 106 ? -13.130 -8.233  -7.548  1.00 31.96 ? 106  GLY A N   1 
ATOM   750  C  CA  . GLY A 1 106 ? -12.291 -8.561  -6.402  1.00 30.09 ? 106  GLY A CA  1 
ATOM   751  C  C   . GLY A 1 106 ? -13.063 -8.450  -5.104  1.00 29.45 ? 106  GLY A C   1 
ATOM   752  O  O   . GLY A 1 106 ? -14.265 -8.717  -5.061  1.00 27.66 ? 106  GLY A O   1 
ATOM   753  N  N   . VAL A 1 107 ? -12.378 -8.018  -4.046  1.00 27.98 ? 107  VAL A N   1 
ATOM   754  C  CA  . VAL A 1 107 ? -12.986 -7.915  -2.711  1.00 28.11 ? 107  VAL A CA  1 
ATOM   755  C  C   . VAL A 1 107 ? -13.091 -6.482  -2.212  1.00 26.71 ? 107  VAL A C   1 
ATOM   756  O  O   . VAL A 1 107 ? -12.960 -6.208  -1.024  1.00 26.89 ? 107  VAL A O   1 
ATOM   757  C  CB  . VAL A 1 107 ? -12.245 -8.780  -1.663  1.00 29.64 ? 107  VAL A CB  1 
ATOM   758  C  CG1 . VAL A 1 107 ? -12.500 -10.258 -1.933  1.00 31.08 ? 107  VAL A CG1 1 
ATOM   759  C  CG2 . VAL A 1 107 ? -10.749 -8.454  -1.629  1.00 27.76 ? 107  VAL A CG2 1 
ATOM   760  N  N   . VAL A 1 108 ? -13.336 -5.564  -3.134  1.00 25.72 ? 108  VAL A N   1 
ATOM   761  C  CA  . VAL A 1 108 ? -13.780 -4.215  -2.808  1.00 25.09 ? 108  VAL A CA  1 
ATOM   762  C  C   . VAL A 1 108 ? -14.894 -3.865  -3.827  1.00 23.87 ? 108  VAL A C   1 
ATOM   763  O  O   . VAL A 1 108 ? -14.897 -4.383  -4.951  1.00 23.76 ? 108  VAL A O   1 
ATOM   764  C  CB  . VAL A 1 108 ? -12.604 -3.206  -2.831  1.00 27.37 ? 108  VAL A CB  1 
ATOM   765  C  CG1 . VAL A 1 108 ? -11.927 -3.159  -4.191  1.00 28.32 ? 108  VAL A CG1 1 
ATOM   766  C  CG2 . VAL A 1 108 ? -13.054 -1.826  -2.391  1.00 26.88 ? 108  VAL A CG2 1 
ATOM   767  N  N   . ALA A 1 109 ? -15.826 -3.018  -3.426  1.00 21.89 ? 109  ALA A N   1 
ATOM   768  C  CA  . ALA A 1 109 ? -17.022 -2.743  -4.225  1.00 23.05 ? 109  ALA A CA  1 
ATOM   769  C  C   . ALA A 1 109 ? -16.700 -1.995  -5.515  1.00 21.95 ? 109  ALA A C   1 
ATOM   770  O  O   . ALA A 1 109 ? -17.355 -2.195  -6.530  1.00 20.94 ? 109  ALA A O   1 
ATOM   771  C  CB  . ALA A 1 109 ? -18.039 -1.963  -3.401  1.00 24.06 ? 109  ALA A CB  1 
ATOM   772  N  N   . SER A 1 110 ? -15.700 -1.123  -5.452  1.00 22.20 ? 110  SER A N   1 
ATOM   773  C  CA  . SER A 1 110 ? -15.301 -0.300  -6.586  1.00 21.97 ? 110  SER A CA  1 
ATOM   774  C  C   . SER A 1 110 ? -13.831 0.064   -6.448  1.00 21.95 ? 110  SER A C   1 
ATOM   775  O  O   . SER A 1 110 ? -13.406 0.458   -5.369  1.00 20.49 ? 110  SER A O   1 
ATOM   776  C  CB  . SER A 1 110 ? -16.144 0.967   -6.607  1.00 23.75 ? 110  SER A CB  1 
ATOM   777  O  OG  . SER A 1 110 ? -15.715 1.876   -7.614  1.00 25.92 ? 110  SER A OG  1 
ATOM   778  N  N   . ALA A 1 111 ? -13.072 -0.064  -7.534  1.00 20.87 ? 111  ALA A N   1 
ATOM   779  C  CA  . ALA A 1 111 ? -11.653 0.285   -7.554  1.00 21.28 ? 111  ALA A CA  1 
ATOM   780  C  C   . ALA A 1 111 ? -11.259 0.828   -8.904  1.00 21.21 ? 111  ALA A C   1 
ATOM   781  O  O   . ALA A 1 111 ? -11.562 0.231   -9.953  1.00 21.83 ? 111  ALA A O   1 
ATOM   782  C  CB  . ALA A 1 111 ? -10.788 -0.914  -7.205  1.00 22.11 ? 111  ALA A CB  1 
ATOM   783  N  N   . ASN A 1 112 ? -10.586 1.962   -8.881  1.00 19.10 ? 112  ASN A N   1 
ATOM   784  C  CA  . ASN A 1 112 ? -10.128 2.625   -10.098 1.00 18.82 ? 112  ASN A CA  1 
ATOM   785  C  C   . ASN A 1 112 ? -8.619  2.708   -10.003 1.00 18.67 ? 112  ASN A C   1 
ATOM   786  O  O   . ASN A 1 112 ? -8.109  3.333   -9.088  1.00 18.78 ? 112  ASN A O   1 
ATOM   787  C  CB  . ASN A 1 112 ? -10.761 4.004   -10.194 1.00 19.40 ? 112  ASN A CB  1 
ATOM   788  C  CG  . ASN A 1 112 ? -10.265 4.826   -11.381 1.00 21.19 ? 112  ASN A CG  1 
ATOM   789  O  OD1 . ASN A 1 112 ? -9.715  4.308   -12.351 1.00 24.10 ? 112  ASN A OD1 1 
ATOM   790  N  ND2 . ASN A 1 112 ? -10.477 6.123   -11.306 1.00 22.55 ? 112  ASN A ND2 1 
ATOM   791  N  N   . VAL A 1 113 ? -7.900  2.047   -10.910 1.00 17.34 ? 113  VAL A N   1 
ATOM   792  C  CA  . VAL A 1 113 ? -6.445  2.120   -10.892 1.00 18.56 ? 113  VAL A CA  1 
ATOM   793  C  C   . VAL A 1 113 ? -6.042  3.402   -11.597 1.00 20.55 ? 113  VAL A C   1 
ATOM   794  O  O   . VAL A 1 113 ? -6.317  3.582   -12.781 1.00 22.69 ? 113  VAL A O   1 
ATOM   795  C  CB  . VAL A 1 113 ? -5.779  0.911   -11.570 1.00 19.13 ? 113  VAL A CB  1 
ATOM   796  C  CG1 . VAL A 1 113 ? -4.264  1.078   -11.616 1.00 20.19 ? 113  VAL A CG1 1 
ATOM   797  C  CG2 . VAL A 1 113 ? -6.150  -0.373  -10.835 1.00 20.60 ? 113  VAL A CG2 1 
ATOM   798  N  N   . LEU A 1 114 ? -5.411  4.288   -10.851 1.00 20.68 ? 114  LEU A N   1 
ATOM   799  C  CA  . LEU A 1 114 ? -5.061  5.620   -11.340 1.00 22.98 ? 114  LEU A CA  1 
ATOM   800  C  C   . LEU A 1 114 ? -3.751  5.608   -12.091 1.00 23.48 ? 114  LEU A C   1 
ATOM   801  O  O   . LEU A 1 114 ? -3.613  6.273   -13.121 1.00 21.77 ? 114  LEU A O   1 
ATOM   802  C  CB  . LEU A 1 114 ? -5.002  6.576   -10.163 1.00 25.08 ? 114  LEU A CB  1 
ATOM   803  C  CG  . LEU A 1 114 ? -5.646  7.927   -10.334 1.00 30.49 ? 114  LEU A CG  1 
ATOM   804  C  CD1 . LEU A 1 114 ? -7.044  7.743   -10.909 1.00 30.71 ? 114  LEU A CD1 1 
ATOM   805  C  CD2 . LEU A 1 114 ? -5.694  8.615   -8.981  1.00 32.41 ? 114  LEU A CD2 1 
ATOM   806  N  N   . GLU A 1 115 ? -2.787  4.848   -11.582 1.00 21.87 ? 115  GLU A N   1 
ATOM   807  C  CA  . GLU A 1 115 ? -1.497  4.703   -12.222 1.00 22.86 ? 115  GLU A CA  1 
ATOM   808  C  C   . GLU A 1 115 ? -0.714  3.555   -11.612 1.00 20.48 ? 115  GLU A C   1 
ATOM   809  O  O   . GLU A 1 115 ? -1.017  3.105   -10.513 1.00 18.26 ? 115  GLU A O   1 
ATOM   810  C  CB  . GLU A 1 115 ? -0.678  5.992   -12.102 1.00 26.12 ? 115  GLU A CB  1 
ATOM   811  C  CG  . GLU A 1 115 ? -0.557  6.543   -10.696 1.00 28.87 ? 115  GLU A CG  1 
ATOM   812  C  CD  . GLU A 1 115 ? 0.385   7.732   -10.623 1.00 35.35 ? 115  GLU A CD  1 
ATOM   813  O  OE1 . GLU A 1 115 ? 1.126   7.985   -11.603 1.00 41.21 ? 115  GLU A OE1 1 
ATOM   814  O  OE2 . GLU A 1 115 ? 0.398   8.404   -9.579  1.00 38.71 ? 115  GLU A OE2 1 
ATOM   815  N  N   . SER A 1 116 ? 0.270   3.072   -12.359 1.00 20.50 ? 116  SER A N   1 
ATOM   816  C  CA  . SER A 1 116 ? 1.202   2.094   -11.845 1.00 21.01 ? 116  SER A CA  1 
ATOM   817  C  C   . SER A 1 116 ? 2.567   2.360   -12.437 1.00 21.38 ? 116  SER A C   1 
ATOM   818  O  O   . SER A 1 116 ? 2.710   3.094   -13.425 1.00 20.22 ? 116  SER A O   1 
ATOM   819  C  CB  . SER A 1 116 ? 0.752   0.673   -12.181 1.00 21.64 ? 116  SER A CB  1 
ATOM   820  O  OG  . SER A 1 116 ? 0.913   0.382   -13.565 1.00 22.43 ? 116  SER A OG  1 
ATOM   821  N  N   . SER A 1 117 ? 3.569   1.766   -11.829 1.00 21.40 ? 117  SER A N   1 
ATOM   822  C  CA  . SER A 1 117 ? 4.935   1.979   -12.256 1.00 22.89 ? 117  SER A CA  1 
ATOM   823  C  C   . SER A 1 117 ? 5.793   0.789   -11.873 1.00 22.99 ? 117  SER A C   1 
ATOM   824  O  O   . SER A 1 117 ? 5.433   0.003   -10.999 1.00 19.31 ? 117  SER A O   1 
ATOM   825  C  CB  . SER A 1 117 ? 5.485   3.277   -11.657 1.00 24.24 ? 117  SER A CB  1 
ATOM   826  O  OG  . SER A 1 117 ? 5.401   3.270   -10.247 1.00 24.84 ? 117  SER A OG  1 
ATOM   827  N  N   . THR A 1 118 ? 6.921   0.651   -12.557 1.00 22.78 ? 118  THR A N   1 
ATOM   828  C  CA  . THR A 1 118 ? 7.805   -0.468  -12.328 1.00 22.33 ? 118  THR A CA  1 
ATOM   829  C  C   . THR A 1 118 ? 9.234   0.024   -12.124 1.00 22.29 ? 118  THR A C   1 
ATOM   830  O  O   . THR A 1 118 ? 10.121  -0.343  -12.881 1.00 23.04 ? 118  THR A O   1 
ATOM   831  C  CB  . THR A 1 118 ? 7.766   -1.438  -13.520 1.00 22.71 ? 118  THR A CB  1 
ATOM   832  O  OG1 . THR A 1 118 ? 8.214   -0.748  -14.687 1.00 22.90 ? 118  THR A OG1 1 
ATOM   833  C  CG2 . THR A 1 118 ? 6.345   -1.943  -13.748 1.00 23.11 ? 118  THR A CG2 1 
ATOM   834  N  N   . PRO A 1 119 ? 9.467   0.807   -11.063 1.00 22.18 ? 119  PRO A N   1 
ATOM   835  C  CA  . PRO A 1 119 ? 10.820  1.296   -10.843 1.00 21.80 ? 119  PRO A CA  1 
ATOM   836  C  C   . PRO A 1 119 ? 11.801  0.197   -10.479 1.00 21.96 ? 119  PRO A C   1 
ATOM   837  O  O   . PRO A 1 119 ? 11.486  -0.707  -9.682  1.00 18.43 ? 119  PRO A O   1 
ATOM   838  C  CB  . PRO A 1 119 ? 10.660  2.283   -9.683  1.00 22.27 ? 119  PRO A CB  1 
ATOM   839  C  CG  . PRO A 1 119 ? 9.444   1.852   -8.982  1.00 22.47 ? 119  PRO A CG  1 
ATOM   840  C  CD  . PRO A 1 119 ? 8.539   1.278   -10.023 1.00 21.76 ? 119  PRO A CD  1 
ATOM   841  N  N   . VAL A 1 120 ? 12.970  0.240   -11.114 1.00 23.01 ? 120  VAL A N   1 
ATOM   842  C  CA  . VAL A 1 120 ? 14.080  -0.602  -10.688 1.00 23.63 ? 120  VAL A CA  1 
ATOM   843  C  C   . VAL A 1 120 ? 14.977  0.270   -9.824  1.00 23.53 ? 120  VAL A C   1 
ATOM   844  O  O   . VAL A 1 120 ? 15.383  1.359   -10.233 1.00 25.22 ? 120  VAL A O   1 
ATOM   845  C  CB  . VAL A 1 120 ? 14.859  -1.183  -11.877 1.00 24.45 ? 120  VAL A CB  1 
ATOM   846  C  CG1 . VAL A 1 120 ? 16.022  -2.031  -11.376 1.00 24.99 ? 120  VAL A CG1 1 
ATOM   847  C  CG2 . VAL A 1 120 ? 13.929  -2.004  -12.776 1.00 25.60 ? 120  VAL A CG2 1 
ATOM   848  N  N   . VAL A 1 121 ? 15.278  -0.195  -8.625  1.00 24.25 ? 121  VAL A N   1 
ATOM   849  C  CA  . VAL A 1 121 ? 16.107  0.572   -7.704  1.00 25.47 ? 121  VAL A CA  1 
ATOM   850  C  C   . VAL A 1 121 ? 17.172  -0.341  -7.124  1.00 25.71 ? 121  VAL A C   1 
ATOM   851  O  O   . VAL A 1 121 ? 16.872  -1.395  -6.567  1.00 25.01 ? 121  VAL A O   1 
ATOM   852  C  CB  . VAL A 1 121 ? 15.279  1.225   -6.579  1.00 27.20 ? 121  VAL A CB  1 
ATOM   853  C  CG1 . VAL A 1 121 ? 16.180  2.057   -5.674  1.00 28.53 ? 121  VAL A CG1 1 
ATOM   854  C  CG2 . VAL A 1 121 ? 14.186  2.098   -7.165  1.00 28.05 ? 121  VAL A CG2 1 
ATOM   855  N  N   . ASP A 1 122 ? 18.426  0.070   -7.267  1.00 27.43 ? 122  ASP A N   1 
ATOM   856  C  CA  . ASP A 1 122 ? 19.568  -0.739  -6.833  1.00 29.94 ? 122  ASP A CA  1 
ATOM   857  C  C   . ASP A 1 122 ? 19.489  -2.165  -7.359  1.00 28.17 ? 122  ASP A C   1 
ATOM   858  O  O   . ASP A 1 122 ? 19.735  -3.133  -6.625  1.00 27.70 ? 122  ASP A O   1 
ATOM   859  C  CB  . ASP A 1 122 ? 19.682  -0.748  -5.311  1.00 34.16 ? 122  ASP A CB  1 
ATOM   860  C  CG  . ASP A 1 122 ? 20.298  0.525   -4.768  1.00 39.60 ? 122  ASP A CG  1 
ATOM   861  O  OD1 . ASP A 1 122 ? 20.317  1.552   -5.490  1.00 43.77 ? 122  ASP A OD1 1 
ATOM   862  O  OD2 . ASP A 1 122 ? 20.772  0.489   -3.612  1.00 47.33 ? 122  ASP A OD2 1 
ATOM   863  N  N   . GLY A 1 123 ? 19.133  -2.283  -8.631  1.00 26.78 ? 123  GLY A N   1 
ATOM   864  C  CA  . GLY A 1 123 ? 19.074  -3.580  -9.299  1.00 26.24 ? 123  GLY A CA  1 
ATOM   865  C  C   . GLY A 1 123 ? 17.921  -4.493  -8.900  1.00 26.60 ? 123  GLY A C   1 
ATOM   866  O  O   . GLY A 1 123 ? 17.909  -5.659  -9.293  1.00 26.52 ? 123  GLY A O   1 
ATOM   867  N  N   . LYS A 1 124 ? 16.958  -3.979  -8.136  1.00 24.39 ? 124  LYS A N   1 
ATOM   868  C  CA  . LYS A 1 124 ? 15.804  -4.775  -7.720  1.00 24.46 ? 124  LYS A CA  1 
ATOM   869  C  C   . LYS A 1 124 ? 14.511  -4.198  -8.306  1.00 21.78 ? 124  LYS A C   1 
ATOM   870  O  O   . LYS A 1 124 ? 14.325  -2.989  -8.356  1.00 19.58 ? 124  LYS A O   1 
ATOM   871  C  CB  . LYS A 1 124 ? 15.702  -4.844  -6.195  1.00 26.87 ? 124  LYS A CB  1 
ATOM   872  C  CG  . LYS A 1 124 ? 14.542  -5.708  -5.731  1.00 30.95 ? 124  LYS A CG  1 
ATOM   873  C  CD  . LYS A 1 124 ? 14.801  -6.403  -4.398  1.00 35.74 ? 124  LYS A CD  1 
ATOM   874  C  CE  . LYS A 1 124 ? 15.901  -7.448  -4.518  1.00 37.62 ? 124  LYS A CE  1 
ATOM   875  N  NZ  . LYS A 1 124 ? 15.437  -8.678  -5.219  1.00 39.78 ? 124  LYS A NZ  1 
ATOM   876  N  N   . GLN A 1 125 ? 13.647  -5.075  -8.787  1.00 20.72 ? 125  GLN A N   1 
ATOM   877  C  CA  . GLN A 1 125 ? 12.430  -4.645  -9.448  1.00 19.35 ? 125  GLN A CA  1 
ATOM   878  C  C   . GLN A 1 125 ? 11.373  -4.366  -8.396  1.00 17.69 ? 125  GLN A C   1 
ATOM   879  O  O   . GLN A 1 125 ? 11.088  -5.244  -7.594  1.00 17.58 ? 125  GLN A O   1 
ATOM   880  C  CB  . GLN A 1 125 ? 11.924  -5.747  -10.383 1.00 20.37 ? 125  GLN A CB  1 
ATOM   881  C  CG  . GLN A 1 125 ? 10.624  -5.375  -11.064 1.00 20.98 ? 125  GLN A CG  1 
ATOM   882  C  CD  . GLN A 1 125 ? 10.828  -4.226  -12.029 1.00 21.19 ? 125  GLN A CD  1 
ATOM   883  O  OE1 . GLN A 1 125 ? 11.469  -4.399  -13.053 1.00 22.90 ? 125  GLN A OE1 1 
ATOM   884  N  NE2 . GLN A 1 125 ? 10.331  -3.057  -11.689 1.00 21.11 ? 125  GLN A NE2 1 
ATOM   885  N  N   . TYR A 1 126 ? 10.817  -3.159  -8.402  1.00 16.56 ? 126  TYR A N   1 
ATOM   886  C  CA  . TYR A 1 126 ? 9.671   -2.808  -7.546  1.00 16.26 ? 126  TYR A CA  1 
ATOM   887  C  C   . TYR A 1 126 ? 8.451   -2.567  -8.412  1.00 16.25 ? 126  TYR A C   1 
ATOM   888  O  O   . TYR A 1 126 ? 8.568   -2.204  -9.584  1.00 17.87 ? 126  TYR A O   1 
ATOM   889  C  CB  . TYR A 1 126 ? 9.932   -1.548  -6.717  1.00 15.57 ? 126  TYR A CB  1 
ATOM   890  C  CG  . TYR A 1 126 ? 11.021  -1.705  -5.691  1.00 16.33 ? 126  TYR A CG  1 
ATOM   891  C  CD1 . TYR A 1 126 ? 12.363  -1.716  -6.072  1.00 17.28 ? 126  TYR A CD1 1 
ATOM   892  C  CD2 . TYR A 1 126 ? 10.724  -1.853  -4.346  1.00 16.76 ? 126  TYR A CD2 1 
ATOM   893  C  CE1 . TYR A 1 126 ? 13.368  -1.855  -5.135  1.00 17.98 ? 126  TYR A CE1 1 
ATOM   894  C  CE2 . TYR A 1 126 ? 11.716  -2.002  -3.405  1.00 17.76 ? 126  TYR A CE2 1 
ATOM   895  C  CZ  . TYR A 1 126 ? 13.043  -2.008  -3.804  1.00 17.90 ? 126  TYR A CZ  1 
ATOM   896  O  OH  . TYR A 1 126 ? 14.040  -2.158  -2.878  1.00 17.90 ? 126  TYR A OH  1 
ATOM   897  N  N   . TYR A 1 127 ? 7.278   -2.786  -7.833  1.00 15.88 ? 127  TYR A N   1 
ATOM   898  C  CA  . TYR A 1 127 ? 6.032   -2.366  -8.436  1.00 15.20 ? 127  TYR A CA  1 
ATOM   899  C  C   . TYR A 1 127 ? 5.421   -1.305  -7.528  1.00 15.98 ? 127  TYR A C   1 
ATOM   900  O  O   . TYR A 1 127 ? 5.558   -1.379  -6.300  1.00 16.25 ? 127  TYR A O   1 
ATOM   901  C  CB  . TYR A 1 127 ? 5.043   -3.545  -8.573  1.00 15.80 ? 127  TYR A CB  1 
ATOM   902  C  CG  . TYR A 1 127 ? 5.254   -4.461  -9.759  1.00 15.79 ? 127  TYR A CG  1 
ATOM   903  C  CD1 . TYR A 1 127 ? 6.226   -4.208  -10.711 1.00 16.79 ? 127  TYR A CD1 1 
ATOM   904  C  CD2 . TYR A 1 127 ? 4.446   -5.575  -9.938  1.00 15.93 ? 127  TYR A CD2 1 
ATOM   905  C  CE1 . TYR A 1 127 ? 6.405   -5.044  -11.789 1.00 16.73 ? 127  TYR A CE1 1 
ATOM   906  C  CE2 . TYR A 1 127 ? 4.608   -6.411  -11.020 1.00 15.67 ? 127  TYR A CE2 1 
ATOM   907  C  CZ  . TYR A 1 127 ? 5.572   -6.145  -11.939 1.00 16.26 ? 127  TYR A CZ  1 
ATOM   908  O  OH  . TYR A 1 127 ? 5.717   -6.981  -13.012 1.00 17.64 ? 127  TYR A OH  1 
ATOM   909  N  N   . SER A 1 128 ? 4.758   -0.325  -8.125  1.00 16.07 ? 128  SER A N   1 
ATOM   910  C  CA  . SER A 1 128 ? 3.894   0.565   -7.369  1.00 16.37 ? 128  SER A CA  1 
ATOM   911  C  C   . SER A 1 128 ? 2.581   0.743   -8.131  1.00 16.00 ? 128  SER A C   1 
ATOM   912  O  O   . SER A 1 128 ? 2.567   0.787   -9.374  1.00 16.05 ? 128  SER A O   1 
ATOM   913  C  CB  . SER A 1 128 ? 4.576   1.917   -7.093  1.00 16.76 ? 128  SER A CB  1 
ATOM   914  O  OG  . SER A 1 128 ? 3.739   2.734   -6.275  1.00 18.39 ? 128  SER A OG  1 
ATOM   915  N  N   . ILE A 1 129 ? 1.487   0.824   -7.392  1.00 15.42 ? 129  ILE A N   1 
ATOM   916  C  CA  . ILE A 1 129 ? 0.170   1.002   -7.990  1.00 16.08 ? 129  ILE A CA  1 
ATOM   917  C  C   . ILE A 1 129 ? -0.709  1.844   -7.072  1.00 16.02 ? 129  ILE A C   1 
ATOM   918  O  O   . ILE A 1 129 ? -0.722  1.676   -5.843  1.00 15.06 ? 129  ILE A O   1 
ATOM   919  C  CB  . ILE A 1 129 ? -0.467  -0.351  -8.364  1.00 16.54 ? 129  ILE A CB  1 
ATOM   920  C  CG1 . ILE A 1 129 ? -1.787  -0.172  -9.112  1.00 17.48 ? 129  ILE A CG1 1 
ATOM   921  C  CG2 . ILE A 1 129 ? -0.683  -1.222  -7.149  1.00 17.22 ? 129  ILE A CG2 1 
ATOM   922  C  CD1 . ILE A 1 129 ? -2.105  -1.347  -10.014 1.00 17.37 ? 129  ILE A CD1 1 
ATOM   923  N  N   . THR A 1 130 ? -1.441  2.766   -7.689  1.00 15.11 ? 130  THR A N   1 
ATOM   924  C  CA  . THR A 1 130 ? -2.290  3.698   -6.961  1.00 16.41 ? 130  THR A CA  1 
ATOM   925  C  C   . THR A 1 130 ? -3.719  3.422   -7.364  1.00 16.50 ? 130  THR A C   1 
ATOM   926  O  O   . THR A 1 130 ? -4.015  3.343   -8.560  1.00 17.22 ? 130  THR A O   1 
ATOM   927  C  CB  . THR A 1 130 ? -1.921  5.160   -7.286  1.00 17.68 ? 130  THR A CB  1 
ATOM   928  O  OG1 . THR A 1 130 ? -0.568  5.396   -6.873  1.00 18.73 ? 130  THR A OG1 1 
ATOM   929  C  CG2 . THR A 1 130 ? -2.852  6.141   -6.553  1.00 18.61 ? 130  THR A CG2 1 
ATOM   930  N  N   . VAL A 1 131 ? -4.580  3.246   -6.367  1.00 16.72 ? 131  VAL A N   1 
ATOM   931  C  CA  . VAL A 1 131 ? -5.938  2.797   -6.568  1.00 17.45 ? 131  VAL A CA  1 
ATOM   932  C  C   . VAL A 1 131 ? -6.898  3.640   -5.724  1.00 17.78 ? 131  VAL A C   1 
ATOM   933  O  O   . VAL A 1 131 ? -6.676  3.839   -4.529  1.00 17.56 ? 131  VAL A O   1 
ATOM   934  C  CB  . VAL A 1 131 ? -6.122  1.325   -6.142  1.00 18.61 ? 131  VAL A CB  1 
ATOM   935  C  CG1 . VAL A 1 131 ? -7.463  0.799   -6.656  1.00 19.12 ? 131  VAL A CG1 1 
ATOM   936  C  CG2 . VAL A 1 131 ? -4.978  0.466   -6.648  1.00 19.91 ? 131  VAL A CG2 1 
ATOM   937  N  N   . LEU A 1 132 ? -7.959  4.114   -6.361  1.00 16.95 ? 132  LEU A N   1 
ATOM   938  C  CA  . LEU A 1 132 ? -9.037  4.792   -5.669  1.00 17.65 ? 132  LEU A CA  1 
ATOM   939  C  C   . LEU A 1 132 ? -10.150 3.766   -5.425  1.00 19.50 ? 132  LEU A C   1 
ATOM   940  O  O   . LEU A 1 132 ? -10.594 3.090   -6.363  1.00 20.01 ? 132  LEU A O   1 
ATOM   941  C  CB  . LEU A 1 132 ? -9.563  5.936   -6.506  1.00 17.30 ? 132  LEU A CB  1 
ATOM   942  C  CG  . LEU A 1 132 ? -8.546  6.945   -7.026  1.00 17.79 ? 132  LEU A CG  1 
ATOM   943  C  CD1 . LEU A 1 132 ? -9.278  8.142   -7.613  1.00 18.13 ? 132  LEU A CD1 1 
ATOM   944  C  CD2 . LEU A 1 132 ? -7.556  7.387   -5.951  1.00 18.38 ? 132  LEU A CD2 1 
ATOM   945  N  N   . THR A 1 133 ? -10.583 3.635   -4.180  1.00 18.87 ? 133  THR A N   1 
ATOM   946  C  CA  . THR A 1 133 ? -11.592 2.646   -3.845  1.00 20.17 ? 133  THR A CA  1 
ATOM   947  C  C   . THR A 1 133 ? -12.820 3.258   -3.191  1.00 20.95 ? 133  THR A C   1 
ATOM   948  O  O   . THR A 1 133 ? -12.739 4.344   -2.625  1.00 21.23 ? 133  THR A O   1 
ATOM   949  C  CB  . THR A 1 133 ? -11.019 1.577   -2.895  1.00 20.45 ? 133  THR A CB  1 
ATOM   950  O  OG1 . THR A 1 133 ? -10.538 2.185   -1.691  1.00 18.97 ? 133  THR A OG1 1 
ATOM   951  C  CG2 . THR A 1 133 ? -9.897  0.834   -3.553  1.00 20.58 ? 133  THR A CG2 1 
ATOM   952  N  N   . ARG A 1 134 ? -13.928 2.521   -3.248  1.00 22.72 ? 134  ARG A N   1 
ATOM   953  C  CA  . ARG A 1 134 ? -15.117 2.748   -2.401  1.00 25.83 ? 134  ARG A CA  1 
ATOM   954  C  C   . ARG A 1 134 ? -15.683 1.420   -1.882  1.00 28.15 ? 134  ARG A C   1 
ATOM   955  O  O   . ARG A 1 134 ? -15.513 0.374   -2.508  1.00 26.57 ? 134  ARG A O   1 
ATOM   956  C  CB  . ARG A 1 134 ? -16.242 3.416   -3.185  1.00 26.77 ? 134  ARG A CB  1 
ATOM   957  C  CG  . ARG A 1 134 ? -15.897 4.745   -3.802  1.00 27.90 ? 134  ARG A CG  1 
ATOM   958  C  CD  . ARG A 1 134 ? -17.143 5.315   -4.453  1.00 30.12 ? 134  ARG A CD  1 
ATOM   959  N  NE  . ARG A 1 134 ? -16.799 6.435   -5.313  1.00 31.47 ? 134  ARG A NE  1 
ATOM   960  C  CZ  . ARG A 1 134 ? -16.628 7.679   -4.896  1.00 30.03 ? 134  ARG A CZ  1 
ATOM   961  N  NH1 . ARG A 1 134 ? -16.296 8.619   -5.774  1.00 28.42 ? 134  ARG A NH1 1 
ATOM   962  N  NH2 . ARG A 1 134 ? -16.792 7.995   -3.608  1.00 32.11 ? 134  ARG A NH2 1 
ATOM   963  N  N   . THR A 1 135 ? -16.400 1.479   -0.765  1.00 31.55 ? 135  THR A N   1 
ATOM   964  C  CA  . THR A 1 135 ? -17.099 0.300   -0.229  1.00 37.04 ? 135  THR A CA  1 
ATOM   965  C  C   . THR A 1 135 ? -18.599 0.332   -0.570  1.00 41.71 ? 135  THR A C   1 
ATOM   966  O  O   . THR A 1 135 ? -19.051 1.183   -1.331  1.00 41.25 ? 135  THR A O   1 
ATOM   967  C  CB  . THR A 1 135 ? -16.935 0.226   1.295   1.00 39.73 ? 135  THR A CB  1 
ATOM   968  O  OG1 . THR A 1 135 ? -17.384 1.464   1.869   1.00 44.03 ? 135  THR A OG1 1 
ATOM   969  C  CG2 . THR A 1 135 ? -15.473 -0.026  1.664   1.00 39.39 ? 135  THR A CG2 1 
ATOM   970  N  N   . ALA A 1 136 ? -19.357 -0.597  0.019   1.00 49.77 ? 136  ALA A N   1 
ATOM   971  C  CA  . ALA A 1 136 ? -20.809 -0.740  -0.214  1.00 54.57 ? 136  ALA A CA  1 
ATOM   972  C  C   . ALA A 1 136 ? -21.626 0.509   0.077   1.00 58.65 ? 136  ALA A C   1 
ATOM   973  O  O   . ALA A 1 136 ? -22.499 0.884   -0.715  1.00 58.07 ? 136  ALA A O   1 
ATOM   974  C  CB  . ALA A 1 136 ? -21.353 -1.882  0.625   1.00 55.74 ? 136  ALA A CB  1 
ATOM   975  N  N   . ASP A 1 137 ? -21.380 1.118   1.232   1.00 63.48 ? 137  ASP A N   1 
ATOM   976  C  CA  . ASP A 1 137 ? -22.046 2.370   1.553   1.00 69.95 ? 137  ASP A CA  1 
ATOM   977  C  C   . ASP A 1 137 ? -21.185 3.516   1.050   1.00 73.79 ? 137  ASP A C   1 
ATOM   978  O  O   . ASP A 1 137 ? -20.082 3.775   1.550   1.00 71.91 ? 137  ASP A O   1 
ATOM   979  C  CB  . ASP A 1 137 ? -22.387 2.509   3.044   1.00 71.19 ? 137  ASP A CB  1 
ATOM   980  C  CG  . ASP A 1 137 ? -21.178 2.401   3.941   1.00 71.86 ? 137  ASP A CG  1 
ATOM   981  O  OD1 . ASP A 1 137 ? -20.251 1.633   3.593   1.00 72.67 ? 137  ASP A OD1 1 
ATOM   982  O  OD2 . ASP A 1 137 ? -21.159 3.070   5.000   1.00 69.14 ? 137  ASP A OD2 1 
ATOM   983  N  N   . GLY A 1 138 ? -21.698 4.176   0.019   1.00 76.63 ? 138  GLY A N   1 
ATOM   984  C  CA  . GLY A 1 138 ? -21.146 5.434   -0.442  1.00 77.82 ? 138  GLY A CA  1 
ATOM   985  C  C   . GLY A 1 138 ? -21.597 6.614   0.419   1.00 78.96 ? 138  GLY A C   1 
ATOM   986  O  O   . GLY A 1 138 ? -21.834 7.706   -0.107  1.00 77.67 ? 138  GLY A O   1 
ATOM   987  N  N   . ASP A 1 139 ? -21.767 6.369   1.729   1.00 79.00 ? 139  ASP A N   1 
ATOM   988  C  CA  . ASP A 1 139 ? -21.812 7.401   2.791   1.00 78.70 ? 139  ASP A CA  1 
ATOM   989  C  C   . ASP A 1 139 ? -20.444 7.397   3.507   1.00 76.72 ? 139  ASP A C   1 
ATOM   990  O  O   . ASP A 1 139 ? -20.166 8.225   4.384   1.00 74.26 ? 139  ASP A O   1 
ATOM   991  C  CB  . ASP A 1 139 ? -22.920 7.086   3.825   1.00 79.21 ? 139  ASP A CB  1 
ATOM   992  C  CG  . ASP A 1 139 ? -24.184 7.957   3.671   1.00 78.80 ? 139  ASP A CG  1 
ATOM   993  O  OD1 . ASP A 1 139 ? -24.103 9.206   3.805   1.00 77.65 ? 139  ASP A OD1 1 
ATOM   994  O  OD2 . ASP A 1 139 ? -25.275 7.372   3.472   1.00 73.95 ? 139  ASP A OD2 1 
ATOM   995  N  N   . GLU A 1 140 ? -19.621 6.421   3.133   1.00 72.90 ? 140  GLU A N   1 
ATOM   996  C  CA  . GLU A 1 140 ? -18.253 6.268   3.589   1.00 68.28 ? 140  GLU A CA  1 
ATOM   997  C  C   . GLU A 1 140 ? -17.426 6.857   2.471   1.00 59.51 ? 140  GLU A C   1 
ATOM   998  O  O   . GLU A 1 140 ? -17.669 6.537   1.305   1.00 59.09 ? 140  GLU A O   1 
ATOM   999  C  CB  . GLU A 1 140 ? -17.943 4.773   3.690   1.00 72.28 ? 140  GLU A CB  1 
ATOM   1000 C  CG  . GLU A 1 140 ? -16.693 4.407   4.469   1.00 73.96 ? 140  GLU A CG  1 
ATOM   1001 C  CD  . GLU A 1 140 ? -17.011 4.103   5.922   1.00 77.46 ? 140  GLU A CD  1 
ATOM   1002 O  OE1 . GLU A 1 140 ? -17.843 3.200   6.177   1.00 77.20 ? 140  GLU A OE1 1 
ATOM   1003 O  OE2 . GLU A 1 140 ? -16.437 4.766   6.814   1.00 79.87 ? 140  GLU A OE2 1 
ATOM   1004 N  N   . GLY A 1 141 ? -16.459 7.709   2.792   1.00 48.48 ? 141  GLY A N   1 
ATOM   1005 C  CA  . GLY A 1 141 ? -15.703 8.391   1.742   1.00 42.51 ? 141  GLY A CA  1 
ATOM   1006 C  C   . GLY A 1 141 ? -14.806 7.447   0.952   1.00 35.72 ? 141  GLY A C   1 
ATOM   1007 O  O   . GLY A 1 141 ? -14.458 6.360   1.425   1.00 37.10 ? 141  GLY A O   1 
ATOM   1008 N  N   . GLY A 1 142 ? -14.437 7.864   -0.254  1.00 28.02 ? 142  GLY A N   1 
ATOM   1009 C  CA  . GLY A 1 142 ? -13.476 7.115   -1.075  1.00 24.98 ? 142  GLY A CA  1 
ATOM   1010 C  C   . GLY A 1 142 ? -12.083 7.140   -0.455  1.00 22.49 ? 142  GLY A C   1 
ATOM   1011 O  O   . GLY A 1 142 ? -11.759 8.028   0.334   1.00 21.62 ? 142  GLY A O   1 
ATOM   1012 N  N   . LYS A 1 143 ? -11.261 6.158   -0.787  1.00 19.77 ? 143  LYS A N   1 
ATOM   1013 C  CA  . LYS A 1 143 ? -9.902  6.097   -0.233  1.00 20.03 ? 143  LYS A CA  1 
ATOM   1014 C  C   . LYS A 1 143 ? -8.894  6.066   -1.363  1.00 18.54 ? 143  LYS A C   1 
ATOM   1015 O  O   . LYS A 1 143 ? -9.178  5.518   -2.425  1.00 18.51 ? 143  LYS A O   1 
ATOM   1016 C  CB  . LYS A 1 143 ? -9.713  4.851   0.645   1.00 22.96 ? 143  LYS A CB  1 
ATOM   1017 C  CG  . LYS A 1 143 ? -10.696 4.707   1.802   1.00 27.16 ? 143  LYS A CG  1 
ATOM   1018 C  CD  . LYS A 1 143 ? -10.491 3.381   2.528   1.00 30.57 ? 143  LYS A CD  1 
ATOM   1019 C  CE  . LYS A 1 143 ? -11.762 2.908   3.223   1.00 35.74 ? 143  LYS A CE  1 
ATOM   1020 N  NZ  . LYS A 1 143 ? -11.554 1.628   3.963   1.00 38.71 ? 143  LYS A NZ  1 
ATOM   1021 N  N   . HIS A 1 144 ? -7.725  6.664   -1.129  1.00 17.19 ? 144  HIS A N   1 
ATOM   1022 C  CA  . HIS A 1 144 ? -6.600  6.549   -2.033  1.00 17.26 ? 144  HIS A CA  1 
ATOM   1023 C  C   . HIS A 1 144 ? -5.604  5.579   -1.428  1.00 17.68 ? 144  HIS A C   1 
ATOM   1024 O  O   . HIS A 1 144 ? -5.091  5.821   -0.339  1.00 17.27 ? 144  HIS A O   1 
ATOM   1025 C  CB  . HIS A 1 144 ? -5.931  7.901   -2.244  1.00 17.59 ? 144  HIS A CB  1 
ATOM   1026 C  CG  . HIS A 1 144 ? -6.795  8.906   -2.945  1.00 17.17 ? 144  HIS A CG  1 
ATOM   1027 N  ND1 . HIS A 1 144 ? -6.282  9.826   -3.828  1.00 16.61 ? 144  HIS A ND1 1 
ATOM   1028 C  CD2 . HIS A 1 144 ? -8.126  9.150   -2.885  1.00 17.55 ? 144  HIS A CD2 1 
ATOM   1029 C  CE1 . HIS A 1 144 ? -7.255  10.589  -4.294  1.00 16.99 ? 144  HIS A CE1 1 
ATOM   1030 N  NE2 . HIS A 1 144 ? -8.385  10.201  -3.740  1.00 16.91 ? 144  HIS A NE2 1 
ATOM   1031 N  N   . GLN A 1 145 ? -5.330  4.485   -2.133  1.00 16.94 ? 145  GLN A N   1 
ATOM   1032 C  CA  . GLN A 1 145 ? -4.433  3.459   -1.631  1.00 17.29 ? 145  GLN A CA  1 
ATOM   1033 C  C   . GLN A 1 145 ? -3.264  3.291   -2.582  1.00 16.02 ? 145  GLN A C   1 
ATOM   1034 O  O   . GLN A 1 145 ? -3.438  3.184   -3.787  1.00 15.69 ? 145  GLN A O   1 
ATOM   1035 C  CB  . GLN A 1 145 ? -5.179  2.134   -1.450  1.00 17.76 ? 145  GLN A CB  1 
ATOM   1036 C  CG  . GLN A 1 145 ? -6.517  2.310   -0.747  1.00 19.06 ? 145  GLN A CG  1 
ATOM   1037 C  CD  . GLN A 1 145 ? -7.066  1.026   -0.175  1.00 20.59 ? 145  GLN A CD  1 
ATOM   1038 O  OE1 . GLN A 1 145 ? -6.352  0.284   0.480   1.00 22.84 ? 145  GLN A OE1 1 
ATOM   1039 N  NE2 . GLN A 1 145 ? -8.358  0.772   -0.394  1.00 21.91 ? 145  GLN A NE2 1 
ATOM   1040 N  N   . VAL A 1 146 ? -2.061  3.323   -2.033  1.00 15.42 ? 146  VAL A N   1 
ATOM   1041 C  CA  . VAL A 1 146 ? -0.859  3.124   -2.830  1.00 15.22 ? 146  VAL A CA  1 
ATOM   1042 C  C   . VAL A 1 146 ? -0.126  1.908   -2.290  1.00 15.80 ? 146  VAL A C   1 
ATOM   1043 O  O   . VAL A 1 146 ? 0.145   1.817   -1.090  1.00 15.21 ? 146  VAL A O   1 
ATOM   1044 C  CB  . VAL A 1 146 ? 0.068   4.352   -2.775  1.00 16.64 ? 146  VAL A CB  1 
ATOM   1045 C  CG1 . VAL A 1 146 ? 1.312   4.102   -3.620  1.00 17.27 ? 146  VAL A CG1 1 
ATOM   1046 C  CG2 . VAL A 1 146 ? -0.667  5.605   -3.220  1.00 16.87 ? 146  VAL A CG2 1 
ATOM   1047 N  N   . ILE A 1 147 ? 0.191   0.973   -3.180  1.00 15.19 ? 147  ILE A N   1 
ATOM   1048 C  CA  . ILE A 1 147 ? 0.861   -0.253  -2.797  1.00 16.71 ? 147  ILE A CA  1 
ATOM   1049 C  C   . ILE A 1 147 ? 2.184   -0.347  -3.532  1.00 16.11 ? 147  ILE A C   1 
ATOM   1050 O  O   . ILE A 1 147 ? 2.210   -0.274  -4.773  1.00 16.81 ? 147  ILE A O   1 
ATOM   1051 C  CB  . ILE A 1 147 ? -0.002  -1.479  -3.160  1.00 17.43 ? 147  ILE A CB  1 
ATOM   1052 C  CG1 . ILE A 1 147 ? -1.307  -1.437  -2.375  1.00 17.81 ? 147  ILE A CG1 1 
ATOM   1053 C  CG2 . ILE A 1 147 ? 0.769   -2.781  -2.885  1.00 17.27 ? 147  ILE A CG2 1 
ATOM   1054 C  CD1 . ILE A 1 147 ? -2.401  -2.329  -2.893  1.00 18.54 ? 147  ILE A CD1 1 
ATOM   1055 N  N   . ALA A 1 148 ? 3.274   -0.463  -2.774  1.00 15.64 ? 148  ALA A N   1 
ATOM   1056 C  CA  . ALA A 1 148 ? 4.579   -0.759  -3.336  1.00 15.90 ? 148  ALA A CA  1 
ATOM   1057 C  C   . ALA A 1 148 ? 5.034   -2.135  -2.891  1.00 16.19 ? 148  ALA A C   1 
ATOM   1058 O  O   . ALA A 1 148 ? 4.783   -2.540  -1.762  1.00 16.53 ? 148  ALA A O   1 
ATOM   1059 C  CB  . ALA A 1 148 ? 5.595   0.298   -2.918  1.00 17.16 ? 148  ALA A CB  1 
ATOM   1060 N  N   . ALA A 1 149 ? 5.744   -2.859  -3.754  1.00 15.71 ? 149  ALA A N   1 
ATOM   1061 C  CA  . ALA A 1 149 ? 6.108   -4.213  -3.420  1.00 15.24 ? 149  ALA A CA  1 
ATOM   1062 C  C   . ALA A 1 149 ? 7.334   -4.698  -4.184  1.00 15.23 ? 149  ALA A C   1 
ATOM   1063 O  O   . ALA A 1 149 ? 7.623   -4.225  -5.278  1.00 15.00 ? 149  ALA A O   1 
ATOM   1064 C  CB  . ALA A 1 149 ? 4.938   -5.144  -3.712  1.00 15.11 ? 149  ALA A CB  1 
ATOM   1065 N  N   . THR A 1 150 ? 8.048   -5.625  -3.574  1.00 14.48 ? 150  THR A N   1 
ATOM   1066 C  CA  . THR A 1 150 ? 9.174   -6.283  -4.207  1.00 14.58 ? 150  THR A CA  1 
ATOM   1067 C  C   . THR A 1 150 ? 9.337   -7.660  -3.595  1.00 15.38 ? 150  THR A C   1 
ATOM   1068 O  O   . THR A 1 150 ? 8.732   -7.953  -2.566  1.00 15.55 ? 150  THR A O   1 
ATOM   1069 C  CB  . THR A 1 150 ? 10.469  -5.458  -4.046  1.00 14.70 ? 150  THR A CB  1 
ATOM   1070 O  OG1 . THR A 1 150 ? 11.461  -5.939  -4.964  1.00 15.10 ? 150  THR A OG1 1 
ATOM   1071 C  CG2 . THR A 1 150 ? 10.972  -5.554  -2.633  1.00 14.89 ? 150  THR A CG2 1 
ATOM   1072 N  N   . VAL A 1 151 ? 10.177  -8.490  -4.216  1.00 15.81 ? 151  VAL A N   1 
ATOM   1073 C  CA  . VAL A 1 151 ? 10.450  -9.838  -3.705  1.00 16.65 ? 151  VAL A CA  1 
ATOM   1074 C  C   . VAL A 1 151 ? 11.953  -10.035 -3.506  1.00 18.52 ? 151  VAL A C   1 
ATOM   1075 O  O   . VAL A 1 151 ? 12.762  -9.689  -4.363  1.00 17.61 ? 151  VAL A O   1 
ATOM   1076 C  CB  . VAL A 1 151 ? 9.911   -10.928 -4.669  1.00 17.45 ? 151  VAL A CB  1 
ATOM   1077 C  CG1 . VAL A 1 151 ? 10.315  -12.333 -4.218  1.00 17.93 ? 151  VAL A CG1 1 
ATOM   1078 C  CG2 . VAL A 1 151 ? 8.407   -10.830 -4.799  1.00 17.54 ? 151  VAL A CG2 1 
ATOM   1079 N  N   . LYS A 1 152 ? 12.323  -10.612 -2.370  1.00 19.85 ? 152  LYS A N   1 
ATOM   1080 C  CA  . LYS A 1 152 ? 13.714  -10.903 -2.093  1.00 21.35 ? 152  LYS A CA  1 
ATOM   1081 C  C   . LYS A 1 152 ? 13.798  -12.072 -1.137  1.00 20.59 ? 152  LYS A C   1 
ATOM   1082 O  O   . LYS A 1 152 ? 13.081  -12.110 -0.152  1.00 19.31 ? 152  LYS A O   1 
ATOM   1083 C  CB  . LYS A 1 152 ? 14.416  -9.678  -1.460  1.00 24.10 ? 152  LYS A CB  1 
ATOM   1084 C  CG  . LYS A 1 152 ? 15.870  -9.921  -1.107  1.00 26.75 ? 152  LYS A CG  1 
ATOM   1085 C  CD  . LYS A 1 152 ? 16.527  -8.638  -0.645  1.00 29.81 ? 152  LYS A CD  1 
ATOM   1086 C  CE  . LYS A 1 152 ? 17.869  -8.892  0.022   1.00 34.21 ? 152  LYS A CE  1 
ATOM   1087 N  NZ  . LYS A 1 152 ? 18.948  -9.103  -0.972  1.00 36.38 ? 152  LYS A NZ  1 
ATOM   1088 N  N   . ASP A 1 153 ? 14.680  -13.027 -1.452  1.00 21.39 ? 153  ASP A N   1 
ATOM   1089 C  CA  . ASP A 1 153 ? 15.024  -14.113 -0.527  1.00 22.79 ? 153  ASP A CA  1 
ATOM   1090 C  C   . ASP A 1 153 ? 13.796  -14.885 -0.050  1.00 21.44 ? 153  ASP A C   1 
ATOM   1091 O  O   . ASP A 1 153 ? 13.683  -15.233 1.123   1.00 22.59 ? 153  ASP A O   1 
ATOM   1092 C  CB  . ASP A 1 153 ? 15.804  -13.565 0.679   1.00 23.15 ? 153  ASP A CB  1 
ATOM   1093 C  CG  . ASP A 1 153 ? 17.150  -12.966 0.303   1.00 25.97 ? 153  ASP A CG  1 
ATOM   1094 O  OD1 . ASP A 1 153 ? 17.695  -13.302 -0.760  1.00 27.92 ? 153  ASP A OD1 1 
ATOM   1095 O  OD2 . ASP A 1 153 ? 17.678  -12.147 1.086   1.00 27.80 ? 153  ASP A OD2 1 
ATOM   1096 N  N   . GLY A 1 154 ? 12.873  -15.153 -0.961  1.00 20.67 ? 154  GLY A N   1 
ATOM   1097 C  CA  . GLY A 1 154 ? 11.729  -15.981 -0.658  1.00 20.88 ? 154  GLY A CA  1 
ATOM   1098 C  C   . GLY A 1 154 ? 10.641  -15.262 0.114   1.00 19.81 ? 154  GLY A C   1 
ATOM   1099 O  O   . GLY A 1 154 ? 9.713   -15.890 0.608   1.00 19.12 ? 154  GLY A O   1 
ATOM   1100 N  N   . LYS A 1 155 ? 10.759  -13.942 0.204   1.00 18.08 ? 155  LYS A N   1 
ATOM   1101 C  CA  . LYS A 1 155 ? 9.766   -13.125 0.869   1.00 17.06 ? 155  LYS A CA  1 
ATOM   1102 C  C   . LYS A 1 155 ? 9.167   -12.071 -0.053  1.00 17.38 ? 155  LYS A C   1 
ATOM   1103 O  O   . LYS A 1 155 ? 9.885   -11.448 -0.838  1.00 17.62 ? 155  LYS A O   1 
ATOM   1104 C  CB  . LYS A 1 155 ? 10.386  -12.451 2.085   1.00 18.34 ? 155  LYS A CB  1 
ATOM   1105 C  CG  . LYS A 1 155 ? 10.680  -13.409 3.229   1.00 20.15 ? 155  LYS A CG  1 
ATOM   1106 C  CD  . LYS A 1 155 ? 11.669  -12.810 4.224   1.00 22.20 ? 155  LYS A CD  1 
ATOM   1107 C  CE  . LYS A 1 155 ? 13.055  -12.702 3.587   1.00 25.35 ? 155  LYS A CE  1 
ATOM   1108 N  NZ  . LYS A 1 155 ? 14.106  -12.237 4.532   1.00 28.67 ? 155  LYS A NZ  1 
ATOM   1109 N  N   . LEU A 1 156 ? 7.853   -11.872 0.074   1.00 16.17 ? 156  LEU A N   1 
ATOM   1110 C  CA  . LEU A 1 156 ? 7.147   -10.766 -0.553  1.00 16.59 ? 156  LEU A CA  1 
ATOM   1111 C  C   . LEU A 1 156 ? 7.101   -9.611  0.437   1.00 16.54 ? 156  LEU A C   1 
ATOM   1112 O  O   . LEU A 1 156 ? 6.564   -9.740  1.531   1.00 16.21 ? 156  LEU A O   1 
ATOM   1113 C  CB  . LEU A 1 156 ? 5.728   -11.182 -0.948  1.00 16.62 ? 156  LEU A CB  1 
ATOM   1114 C  CG  . LEU A 1 156 ? 4.781   -10.116 -1.490  1.00 16.46 ? 156  LEU A CG  1 
ATOM   1115 C  CD1 . LEU A 1 156 ? 5.347   -9.444  -2.736  1.00 16.65 ? 156  LEU A CD1 1 
ATOM   1116 C  CD2 . LEU A 1 156 ? 3.407   -10.711 -1.778  1.00 16.61 ? 156  LEU A CD2 1 
ATOM   1117 N  N   . TYR A 1 157 ? 7.680   -8.492  0.037   1.00 16.10 ? 157  TYR A N   1 
ATOM   1118 C  CA  . TYR A 1 157 ? 7.669   -7.287  0.840   1.00 15.59 ? 157  TYR A CA  1 
ATOM   1119 C  C   . TYR A 1 157 ? 6.643   -6.317  0.299   1.00 15.91 ? 157  TYR A C   1 
ATOM   1120 O  O   . TYR A 1 157 ? 6.706   -5.939  -0.866  1.00 16.00 ? 157  TYR A O   1 
ATOM   1121 C  CB  . TYR A 1 157 ? 9.034   -6.618  0.810   1.00 15.46 ? 157  TYR A CB  1 
ATOM   1122 C  CG  . TYR A 1 157 ? 10.117  -7.370  1.549   1.00 16.08 ? 157  TYR A CG  1 
ATOM   1123 C  CD1 . TYR A 1 157 ? 10.807  -8.409  0.936   1.00 15.97 ? 157  TYR A CD1 1 
ATOM   1124 C  CD2 . TYR A 1 157 ? 10.477  -7.012  2.837   1.00 16.21 ? 157  TYR A CD2 1 
ATOM   1125 C  CE1 . TYR A 1 157 ? 11.802  -9.083  1.598   1.00 17.53 ? 157  TYR A CE1 1 
ATOM   1126 C  CE2 . TYR A 1 157 ? 11.477  -7.679  3.508   1.00 17.79 ? 157  TYR A CE2 1 
ATOM   1127 C  CZ  . TYR A 1 157 ? 12.130  -8.720  2.887   1.00 18.36 ? 157  TYR A CZ  1 
ATOM   1128 O  OH  . TYR A 1 157 ? 13.120  -9.386  3.565   1.00 20.17 ? 157  TYR A OH  1 
ATOM   1129 N  N   . ILE A 1 158 ? 5.719   -5.885  1.147   1.00 15.90 ? 158  ILE A N   1 
ATOM   1130 C  CA  . ILE A 1 158 ? 4.672   -4.959  0.730   1.00 16.13 ? 158  ILE A CA  1 
ATOM   1131 C  C   . ILE A 1 158 ? 4.611   -3.756  1.639   1.00 16.32 ? 158  ILE A C   1 
ATOM   1132 O  O   . ILE A 1 158 ? 4.585   -3.897  2.837   1.00 16.16 ? 158  ILE A O   1 
ATOM   1133 C  CB  . ILE A 1 158 ? 3.278   -5.619  0.732   1.00 16.95 ? 158  ILE A CB  1 
ATOM   1134 C  CG1 . ILE A 1 158 ? 3.181   -6.751  -0.306  1.00 18.78 ? 158  ILE A CG1 1 
ATOM   1135 C  CG2 . ILE A 1 158 ? 2.185   -4.582  0.473   1.00 17.04 ? 158  ILE A CG2 1 
ATOM   1136 C  CD1 . ILE A 1 158 ? 2.007   -7.700  -0.050  1.00 20.02 ? 158  ILE A CD1 1 
ATOM   1137 N  N   . CYS A 1 159 ? 4.590   -2.568  1.049   1.00 16.07 ? 159  CYS A N   1 
ATOM   1138 C  CA  . CYS A 1 159 ? 4.217   -1.364  1.778   1.00 15.64 ? 159  CYS A CA  1 
ATOM   1139 C  C   . CYS A 1 159 ? 2.935   -0.786  1.197   1.00 15.99 ? 159  CYS A C   1 
ATOM   1140 O  O   . CYS A 1 159 ? 2.893   -0.428  0.012   1.00 15.66 ? 159  CYS A O   1 
ATOM   1141 C  CB  . CYS A 1 159 ? 5.330   -0.321  1.671   1.00 16.05 ? 159  CYS A CB  1 
ATOM   1142 S  SG  . CYS A 1 159 ? 5.003   1.178   2.633   1.00 19.80 ? 159  CYS A SG  1 
ATOM   1143 N  N   . LYS A 1 160 ? 1.910   -0.651  2.026   1.00 15.87 ? 160  LYS A N   1 
ATOM   1144 C  CA  . LYS A 1 160 ? 0.639   -0.044  1.600   1.00 16.92 ? 160  LYS A CA  1 
ATOM   1145 C  C   . LYS A 1 160 ? 0.362   1.162   2.473   1.00 17.23 ? 160  LYS A C   1 
ATOM   1146 O  O   . LYS A 1 160 ? 0.406   1.055   3.682   1.00 16.97 ? 160  LYS A O   1 
ATOM   1147 C  CB  . LYS A 1 160 ? -0.527  -1.034  1.711   1.00 18.87 ? 160  LYS A CB  1 
ATOM   1148 C  CG  . LYS A 1 160 ? -1.875  -0.434  1.319   1.00 21.45 ? 160  LYS A CG  1 
ATOM   1149 C  CD  . LYS A 1 160 ? -3.057  -1.109  1.996   1.00 25.43 ? 160  LYS A CD  1 
ATOM   1150 C  CE  . LYS A 1 160 ? -4.043  -0.049  2.455   1.00 27.38 ? 160  LYS A CE  1 
ATOM   1151 N  NZ  . LYS A 1 160 ? -5.313  -0.592  2.962   1.00 30.84 ? 160  LYS A NZ  1 
ATOM   1152 N  N   . ALA A 1 161 ? 0.119   2.315   1.852   1.00 16.37 ? 161  ALA A N   1 
ATOM   1153 C  CA  . ALA A 1 161 ? -0.258  3.500   2.594   1.00 16.30 ? 161  ALA A CA  1 
ATOM   1154 C  C   . ALA A 1 161 ? -1.520  4.067   1.970   1.00 16.74 ? 161  ALA A C   1 
ATOM   1155 O  O   . ALA A 1 161 ? -1.812  3.833   0.796   1.00 18.83 ? 161  ALA A O   1 
ATOM   1156 C  CB  . ALA A 1 161 ? 0.854   4.519   2.609   1.00 16.18 ? 161  ALA A CB  1 
ATOM   1157 N  N   . GLN A 1 162 ? -2.300  4.764   2.764   1.00 16.42 ? 162  GLN A N   1 
ATOM   1158 C  CA  . GLN A 1 162 ? -3.589  5.222   2.274   1.00 17.56 ? 162  GLN A CA  1 
ATOM   1159 C  C   . GLN A 1 162 ? -4.032  6.462   3.021   1.00 17.85 ? 162  GLN A C   1 
ATOM   1160 O  O   . GLN A 1 162 ? -3.549  6.737   4.120   1.00 16.01 ? 162  GLN A O   1 
ATOM   1161 C  CB  . GLN A 1 162 ? -4.646  4.130   2.416   1.00 18.48 ? 162  GLN A CB  1 
ATOM   1162 C  CG  . GLN A 1 162 ? -5.022  3.757   3.843   1.00 20.86 ? 162  GLN A CG  1 
ATOM   1163 C  CD  . GLN A 1 162 ? -6.323  2.985   3.909   1.00 23.52 ? 162  GLN A CD  1 
ATOM   1164 O  OE1 . GLN A 1 162 ? -6.534  2.032   3.161   1.00 24.88 ? 162  GLN A OE1 1 
ATOM   1165 N  NE2 . GLN A 1 162 ? -7.225  3.418   4.784   1.00 24.74 ? 162  GLN A NE2 1 
ATOM   1166 N  N   . ALA A 1 163 ? -4.956  7.190   2.400   1.00 17.46 ? 163  ALA A N   1 
ATOM   1167 C  CA  . ALA A 1 163 ? -5.621  8.317   3.046   1.00 16.76 ? 163  ALA A CA  1 
ATOM   1168 C  C   . ALA A 1 163 ? -6.975  8.511   2.386   1.00 15.94 ? 163  ALA A C   1 
ATOM   1169 O  O   . ALA A 1 163 ? -7.178  8.118   1.245   1.00 14.99 ? 163  ALA A O   1 
ATOM   1170 C  CB  . ALA A 1 163 ? -4.773  9.577   2.920   1.00 17.04 ? 163  ALA A CB  1 
ATOM   1171 N  N   . GLY A 1 164 ? -7.907  9.098   3.109   1.00 16.15 ? 164  GLY A N   1 
ATOM   1172 C  CA  . GLY A 1 164 ? -9.204  9.408   2.544   1.00 16.71 ? 164  GLY A CA  1 
ATOM   1173 C  C   . GLY A 1 164 ? -9.088  10.512  1.509   1.00 16.97 ? 164  GLY A C   1 
ATOM   1174 O  O   . GLY A 1 164 ? -8.148  11.291  1.523   1.00 16.62 ? 164  GLY A O   1 
ATOM   1175 N  N   . ASP A 1 165 ? -10.067 10.584  0.619   1.00 17.41 ? 165  ASP A N   1 
ATOM   1176 C  CA  . ASP A 1 165 ? -10.046 11.573  -0.461  1.00 18.50 ? 165  ASP A CA  1 
ATOM   1177 C  C   . ASP A 1 165 ? -9.789  12.995  0.003   1.00 18.57 ? 165  ASP A C   1 
ATOM   1178 O  O   . ASP A 1 165 ? -8.937  13.718  -0.552  1.00 20.10 ? 165  ASP A O   1 
ATOM   1179 C  CB  . ASP A 1 165 ? -11.361 11.524  -1.229  1.00 18.70 ? 165  ASP A CB  1 
ATOM   1180 C  CG  . ASP A 1 165 ? -11.397 12.522  -2.351  1.00 19.60 ? 165  ASP A CG  1 
ATOM   1181 O  OD1 . ASP A 1 165 ? -10.895 12.183  -3.448  1.00 17.95 ? 165  ASP A OD1 1 
ATOM   1182 O  OD2 . ASP A 1 165 ? -11.908 13.631  -2.109  1.00 19.43 ? 165  ASP A OD2 1 
ATOM   1183 N  N   . LYS A 1 166 ? -10.536 13.445  0.999   1.00 19.64 ? 166  LYS A N   1 
ATOM   1184 C  CA  . LYS A 1 166 ? -10.381 14.831  1.455   1.00 21.96 ? 166  LYS A CA  1 
ATOM   1185 C  C   . LYS A 1 166 ? -9.034  15.099  2.089   1.00 21.65 ? 166  LYS A C   1 
ATOM   1186 O  O   . LYS A 1 166 ? -8.383  16.100  1.785   1.00 20.59 ? 166  LYS A O   1 
ATOM   1187 C  CB  . LYS A 1 166 ? -11.522 15.208  2.410   1.00 23.80 ? 166  LYS A CB  1 
ATOM   1188 C  CG  . LYS A 1 166 ? -12.893 15.195  1.746   1.00 27.26 ? 166  LYS A CG  1 
ATOM   1189 C  CD  . LYS A 1 166 ? -13.007 16.227  0.623   1.00 30.25 ? 166  LYS A CD  1 
ATOM   1190 C  CE  . LYS A 1 166 ? -14.282 16.037  -0.195  1.00 33.12 ? 166  LYS A CE  1 
ATOM   1191 N  NZ  . LYS A 1 166 ? -14.243 14.812  -1.067  1.00 34.35 ? 166  LYS A NZ  1 
ATOM   1192 N  N   . ARG A 1 167 ? -8.595  14.192  2.953   1.00 22.52 ? 167  ARG A N   1 
ATOM   1193 C  CA  . ARG A 1 167 ? -7.272  14.320  3.583   1.00 23.13 ? 167  ARG A CA  1 
ATOM   1194 C  C   . ARG A 1 167 ? -6.141  14.253  2.584   1.00 22.03 ? 167  ARG A C   1 
ATOM   1195 O  O   . ARG A 1 167 ? -5.148  14.957  2.715   1.00 22.41 ? 167  ARG A O   1 
ATOM   1196 C  CB  . ARG A 1 167 ? -7.055  13.254  4.673   1.00 25.83 ? 167  ARG A CB  1 
ATOM   1197 C  CG  . ARG A 1 167 ? -7.142  13.753  6.109   1.00 30.32 ? 167  ARG A CG  1 
ATOM   1198 C  CD  . ARG A 1 167 ? -6.179  14.887  6.426   1.00 32.57 ? 167  ARG A CD  1 
ATOM   1199 N  NE  . ARG A 1 167 ? -4.789  14.437  6.493   1.00 40.72 ? 167  ARG A NE  1 
ATOM   1200 C  CZ  . ARG A 1 167 ? -3.727  15.248  6.527   1.00 45.01 ? 167  ARG A CZ  1 
ATOM   1201 N  NH1 . ARG A 1 167 ? -3.890  16.567  6.487   1.00 47.77 ? 167  ARG A NH1 1 
ATOM   1202 N  NH2 . ARG A 1 167 ? -2.489  14.739  6.581   1.00 49.51 ? 167  ARG A NH2 1 
ATOM   1203 N  N   . TRP A 1 168 ? -6.307  13.410  1.568   1.00 20.06 ? 168  TRP A N   1 
ATOM   1204 C  CA  . TRP A 1 168 ? -5.355  13.291  0.479   1.00 19.52 ? 168  TRP A CA  1 
ATOM   1205 C  C   . TRP A 1 168 ? -4.986  14.649  -0.117  1.00 19.89 ? 168  TRP A C   1 
ATOM   1206 O  O   . TRP A 1 168 ? -3.808  14.959  -0.271  1.00 20.95 ? 168  TRP A O   1 
ATOM   1207 C  CB  . TRP A 1 168 ? -5.940  12.403  -0.608  1.00 19.68 ? 168  TRP A CB  1 
ATOM   1208 C  CG  . TRP A 1 168 ? -5.088  12.202  -1.816  1.00 19.93 ? 168  TRP A CG  1 
ATOM   1209 C  CD1 . TRP A 1 168 ? -5.133  12.919  -2.991  1.00 19.48 ? 168  TRP A CD1 1 
ATOM   1210 C  CD2 . TRP A 1 168 ? -4.090  11.193  -2.003  1.00 19.41 ? 168  TRP A CD2 1 
ATOM   1211 N  NE1 . TRP A 1 168 ? -4.222  12.416  -3.877  1.00 19.49 ? 168  TRP A NE1 1 
ATOM   1212 C  CE2 . TRP A 1 168 ? -3.563  11.362  -3.294  1.00 20.61 ? 168  TRP A CE2 1 
ATOM   1213 C  CE3 . TRP A 1 168 ? -3.584  10.166  -1.195  1.00 19.04 ? 168  TRP A CE3 1 
ATOM   1214 C  CZ2 . TRP A 1 168 ? -2.566  10.529  -3.807  1.00 21.51 ? 168  TRP A CZ2 1 
ATOM   1215 C  CZ3 . TRP A 1 168 ? -2.592  9.357   -1.697  1.00 19.94 ? 168  TRP A CZ3 1 
ATOM   1216 C  CH2 . TRP A 1 168 ? -2.091  9.536   -2.981  1.00 20.54 ? 168  TRP A CH2 1 
ATOM   1217 N  N   . PHE A 1 169 ? -6.000  15.446  -0.433  1.00 20.48 ? 169  PHE A N   1 
ATOM   1218 C  CA  . PHE A 1 169 ? -5.785  16.758  -1.042  1.00 21.50 ? 169  PHE A CA  1 
ATOM   1219 C  C   . PHE A 1 169 ? -5.426  17.842  -0.038  1.00 23.01 ? 169  PHE A C   1 
ATOM   1220 O  O   . PHE A 1 169 ? -5.112  18.969  -0.420  1.00 22.87 ? 169  PHE A O   1 
ATOM   1221 C  CB  . PHE A 1 169 ? -7.000  17.158  -1.876  1.00 20.60 ? 169  PHE A CB  1 
ATOM   1222 C  CG  . PHE A 1 169 ? -7.154  16.332  -3.114  1.00 20.39 ? 169  PHE A CG  1 
ATOM   1223 C  CD1 . PHE A 1 169 ? -6.230  16.427  -4.149  1.00 20.80 ? 169  PHE A CD1 1 
ATOM   1224 C  CD2 . PHE A 1 169 ? -8.188  15.416  -3.226  1.00 20.00 ? 169  PHE A CD2 1 
ATOM   1225 C  CE1 . PHE A 1 169 ? -6.364  15.654  -5.296  1.00 20.73 ? 169  PHE A CE1 1 
ATOM   1226 C  CE2 . PHE A 1 169 ? -8.320  14.626  -4.364  1.00 19.99 ? 169  PHE A CE2 1 
ATOM   1227 C  CZ  . PHE A 1 169 ? -7.422  14.748  -5.395  1.00 20.12 ? 169  PHE A CZ  1 
ATOM   1228 N  N   . LYS A 1 170 ? -5.434  17.496  1.239   1.00 24.15 ? 170  LYS A N   1 
ATOM   1229 C  CA  . LYS A 1 170 ? -4.973  18.423  2.281   1.00 27.11 ? 170  LYS A CA  1 
ATOM   1230 C  C   . LYS A 1 170 ? -3.658  17.964  2.908   1.00 28.18 ? 170  LYS A C   1 
ATOM   1231 O  O   . LYS A 1 170 ? -3.460  18.058  4.121   1.00 30.42 ? 170  LYS A O   1 
ATOM   1232 C  CB  . LYS A 1 170 ? -6.049  18.601  3.334   1.00 29.98 ? 170  LYS A CB  1 
ATOM   1233 C  CG  . LYS A 1 170 ? -7.221  19.436  2.837   1.00 36.10 ? 170  LYS A CG  1 
ATOM   1234 C  CD  . LYS A 1 170 ? -8.440  19.277  3.730   1.00 41.02 ? 170  LYS A CD  1 
ATOM   1235 C  CE  . LYS A 1 170 ? -8.245  19.964  5.077   1.00 44.66 ? 170  LYS A CE  1 
ATOM   1236 N  NZ  . LYS A 1 170 ? -9.528  20.048  5.841   1.00 47.84 ? 170  LYS A NZ  1 
ATOM   1237 N  N   . GLY A 1 171 ? -2.762  17.463  2.064   1.00 27.84 ? 171  GLY A N   1 
ATOM   1238 C  CA  . GLY A 1 171 ? -1.395  17.166  2.483   1.00 25.99 ? 171  GLY A CA  1 
ATOM   1239 C  C   . GLY A 1 171 ? -1.044  15.712  2.717   1.00 24.05 ? 171  GLY A C   1 
ATOM   1240 O  O   . GLY A 1 171 ? 0.121   15.397  2.823   1.00 23.35 ? 171  GLY A O   1 
ATOM   1241 N  N   . ALA A 1 172 ? -2.034  14.825  2.804   1.00 22.56 ? 172  ALA A N   1 
ATOM   1242 C  CA  . ALA A 1 172 ? -1.741  13.418  3.081   1.00 21.76 ? 172  ALA A CA  1 
ATOM   1243 C  C   . ALA A 1 172 ? -1.107  12.747  1.869   1.00 21.01 ? 172  ALA A C   1 
ATOM   1244 O  O   . ALA A 1 172 ? -0.350  11.790  2.018   1.00 23.24 ? 172  ALA A O   1 
ATOM   1245 C  CB  . ALA A 1 172 ? -2.983  12.670  3.518   1.00 21.72 ? 172  ALA A CB  1 
ATOM   1246 N  N   . LYS A 1 173 ? -1.393  13.264  0.676   1.00 19.42 ? 173  LYS A N   1 
ATOM   1247 C  CA  . LYS A 1 173 ? -0.800  12.747  -0.554  1.00 19.35 ? 173  LYS A CA  1 
ATOM   1248 C  C   . LYS A 1 173 ? 0.716   12.621  -0.442  1.00 20.24 ? 173  LYS A C   1 
ATOM   1249 O  O   . LYS A 1 173 ? 1.307   11.606  -0.837  1.00 18.40 ? 173  LYS A O   1 
ATOM   1250 C  CB  . LYS A 1 173 ? -1.165  13.656  -1.747  1.00 20.25 ? 173  LYS A CB  1 
ATOM   1251 C  CG  . LYS A 1 173 ? -0.468  13.316  -3.060  1.00 23.01 ? 173  LYS A CG  1 
ATOM   1252 C  CD  . LYS A 1 173 ? -0.959  14.212  -4.198  1.00 26.12 ? 173  LYS A CD  1 
ATOM   1253 C  CE  . LYS A 1 173 ? -0.622  13.653  -5.575  1.00 29.96 ? 173  LYS A CE  1 
ATOM   1254 N  NZ  . LYS A 1 173 ? 0.822   13.758  -5.912  1.00 32.72 ? 173  LYS A NZ  1 
ATOM   1255 N  N   . LYS A 1 174 ? 1.343   13.676  0.061   1.00 21.59 ? 174  LYS A N   1 
ATOM   1256 C  CA  . LYS A 1 174 ? 2.782   13.749  0.156   1.00 21.45 ? 174  LYS A CA  1 
ATOM   1257 C  C   . LYS A 1 174 ? 3.324   12.592  0.982   1.00 20.01 ? 174  LYS A C   1 
ATOM   1258 O  O   . LYS A 1 174 ? 4.310   11.945  0.614   1.00 19.11 ? 174  LYS A O   1 
ATOM   1259 C  CB  . LYS A 1 174 ? 3.202   15.063  0.812   1.00 23.78 ? 174  LYS A CB  1 
ATOM   1260 C  CG  . LYS A 1 174 ? 4.700   15.231  0.909   1.00 27.15 ? 174  LYS A CG  1 
ATOM   1261 C  CD  . LYS A 1 174 ? 5.086   16.601  1.437   1.00 30.38 ? 174  LYS A CD  1 
ATOM   1262 C  CE  . LYS A 1 174 ? 4.793   16.731  2.924   1.00 32.96 ? 174  LYS A CE  1 
ATOM   1263 N  NZ  . LYS A 1 174 ? 5.181   18.071  3.426   1.00 35.80 ? 174  LYS A NZ  1 
ATOM   1264 N  N   . PHE A 1 175 ? 2.652   12.348  2.086   1.00 20.29 ? 175  PHE A N   1 
ATOM   1265 C  CA  . PHE A 1 175 ? 3.067   11.339  3.051   1.00 20.48 ? 175  PHE A CA  1 
ATOM   1266 C  C   . PHE A 1 175 ? 2.851   9.928   2.552   1.00 19.50 ? 175  PHE A C   1 
ATOM   1267 O  O   . PHE A 1 175 ? 3.711   9.060   2.733   1.00 19.31 ? 175  PHE A O   1 
ATOM   1268 C  CB  . PHE A 1 175 ? 2.340   11.580  4.356   1.00 20.70 ? 175  PHE A CB  1 
ATOM   1269 C  CG  . PHE A 1 175 ? 2.864   12.781  5.110   1.00 23.04 ? 175  PHE A CG  1 
ATOM   1270 C  CD1 . PHE A 1 175 ? 4.162   12.783  5.617   1.00 24.89 ? 175  PHE A CD1 1 
ATOM   1271 C  CD2 . PHE A 1 175 ? 2.082   13.898  5.300   1.00 26.20 ? 175  PHE A CD2 1 
ATOM   1272 C  CE1 . PHE A 1 175 ? 4.651   13.876  6.321   1.00 26.82 ? 175  PHE A CE1 1 
ATOM   1273 C  CE2 . PHE A 1 175 ? 2.574   15.009  5.994   1.00 27.37 ? 175  PHE A CE2 1 
ATOM   1274 C  CZ  . PHE A 1 175 ? 3.848   14.992  6.507   1.00 26.91 ? 175  PHE A CZ  1 
ATOM   1275 N  N   . VAL A 1 176 ? 1.719   9.700   1.899   1.00 18.02 ? 176  VAL A N   1 
ATOM   1276 C  CA  . VAL A 1 176 ? 1.415   8.386   1.354   1.00 17.66 ? 176  VAL A CA  1 
ATOM   1277 C  C   . VAL A 1 176 ? 2.360   8.038   0.214   1.00 17.64 ? 176  VAL A C   1 
ATOM   1278 O  O   . VAL A 1 176 ? 2.901   6.924   0.160   1.00 17.06 ? 176  VAL A O   1 
ATOM   1279 C  CB  . VAL A 1 176 ? -0.058  8.282   0.896   1.00 17.86 ? 176  VAL A CB  1 
ATOM   1280 C  CG1 . VAL A 1 176 ? -0.300  6.989   0.132   1.00 18.31 ? 176  VAL A CG1 1 
ATOM   1281 C  CG2 . VAL A 1 176 ? -0.987  8.371   2.089   1.00 17.97 ? 176  VAL A CG2 1 
ATOM   1282 N  N   . GLU A 1 177 ? 2.558   8.974   -0.715  1.00 17.02 ? 177  GLU A N   1 
ATOM   1283 C  CA  . GLU A 1 177 ? 3.431   8.732   -1.835  1.00 18.43 ? 177  GLU A CA  1 
ATOM   1284 C  C   . GLU A 1 177 ? 4.894   8.656   -1.403  1.00 18.06 ? 177  GLU A C   1 
ATOM   1285 O  O   . GLU A 1 177 ? 5.643   7.869   -1.949  1.00 17.35 ? 177  GLU A O   1 
ATOM   1286 C  CB  . GLU A 1 177 ? 3.226   9.795   -2.919  1.00 20.72 ? 177  GLU A CB  1 
ATOM   1287 C  CG  . GLU A 1 177 ? 1.820   9.713   -3.510  1.00 22.49 ? 177  GLU A CG  1 
ATOM   1288 C  CD  . GLU A 1 177 ? 1.621   10.553  -4.759  1.00 25.23 ? 177  GLU A CD  1 
ATOM   1289 O  OE1 . GLU A 1 177 ? 2.291   11.588  -4.902  1.00 25.63 ? 177  GLU A OE1 1 
ATOM   1290 O  OE2 . GLU A 1 177 ? 0.770   10.175  -5.593  1.00 27.80 ? 177  GLU A OE2 1 
ATOM   1291 N  N   . SER A 1 178 ? 5.296   9.473   -0.427  1.00 19.34 ? 178  SER A N   1 
ATOM   1292 C  CA  . SER A 1 178 ? 6.689   9.431   0.072   1.00 19.41 ? 178  SER A CA  1 
ATOM   1293 C  C   . SER A 1 178 ? 7.016   8.108   0.765   1.00 18.93 ? 178  SER A C   1 
ATOM   1294 O  O   . SER A 1 178 ? 8.066   7.518   0.511   1.00 19.37 ? 178  SER A O   1 
ATOM   1295 C  CB  . SER A 1 178 ? 6.976   10.593  1.013   1.00 20.45 ? 178  SER A CB  1 
ATOM   1296 O  OG  . SER A 1 178 ? 7.010   11.829  0.302   1.00 22.58 ? 178  SER A OG  1 
ATOM   1297 N  N   . ALA A 1 179 ? 6.101   7.642   1.607   1.00 17.20 ? 179  ALA A N   1 
ATOM   1298 C  CA  . ALA A 1 179 ? 6.276   6.375   2.325   1.00 16.87 ? 179  ALA A CA  1 
ATOM   1299 C  C   . ALA A 1 179 ? 6.454   5.237   1.351   1.00 17.51 ? 179  ALA A C   1 
ATOM   1300 O  O   . ALA A 1 179 ? 7.403   4.477   1.448   1.00 18.83 ? 179  ALA A O   1 
ATOM   1301 C  CB  . ALA A 1 179 ? 5.116   6.101   3.255   1.00 17.02 ? 179  ALA A CB  1 
ATOM   1302 N  N   . THR A 1 180 ? 5.543   5.123   0.394   1.00 16.84 ? 180  THR A N   1 
ATOM   1303 C  CA  . THR A 1 180 ? 5.622   4.039   -0.555  1.00 16.89 ? 180  THR A CA  1 
ATOM   1304 C  C   . THR A 1 180 ? 6.807   4.150   -1.493  1.00 17.25 ? 180  THR A C   1 
ATOM   1305 O  O   . THR A 1 180 ? 7.476   3.146   -1.761  1.00 18.37 ? 180  THR A O   1 
ATOM   1306 C  CB  . THR A 1 180 ? 4.308   3.897   -1.331  1.00 17.15 ? 180  THR A CB  1 
ATOM   1307 O  OG1 . THR A 1 180 ? 3.939   5.167   -1.860  1.00 17.38 ? 180  THR A OG1 1 
ATOM   1308 C  CG2 . THR A 1 180 ? 3.209   3.370   -0.414  1.00 16.86 ? 180  THR A CG2 1 
ATOM   1309 N  N   . SER A 1 181 ? 7.109   5.343   -2.013  1.00 18.01 ? 181  SER A N   1 
ATOM   1310 C  CA  . SER A 1 181 ? 8.212   5.442   -2.953  1.00 19.92 ? 181  SER A CA  1 
ATOM   1311 C  C   . SER A 1 181 ? 9.568   5.288   -2.258  1.00 18.73 ? 181  SER A C   1 
ATOM   1312 O  O   . SER A 1 181 ? 10.530  4.849   -2.875  1.00 19.19 ? 181  SER A O   1 
ATOM   1313 C  CB  . SER A 1 181 ? 8.174   6.741   -3.760  1.00 21.38 ? 181  SER A CB  1 
ATOM   1314 O  OG  . SER A 1 181 ? 8.518   7.833   -2.967  1.00 24.59 ? 181  SER A OG  1 
ATOM   1315 N  N   . SER A 1 182 ? 9.634   5.615   -0.976  1.00 17.95 ? 182  SER A N   1 
ATOM   1316 C  CA  . SER A 1 182 ? 10.876  5.411   -0.201  1.00 17.25 ? 182  SER A CA  1 
ATOM   1317 C  C   . SER A 1 182 ? 11.135  3.961   0.215   1.00 16.71 ? 182  SER A C   1 
ATOM   1318 O  O   . SER A 1 182 ? 12.240  3.632   0.649   1.00 17.22 ? 182  SER A O   1 
ATOM   1319 C  CB  . SER A 1 182 ? 10.836  6.260   1.073   1.00 16.82 ? 182  SER A CB  1 
ATOM   1320 O  OG  . SER A 1 182 ? 9.907   5.721   1.989   1.00 16.67 ? 182  SER A OG  1 
ATOM   1321 N  N   . PHE A 1 183 ? 10.103  3.125   0.170   1.00 15.86 ? 183  PHE A N   1 
ATOM   1322 C  CA  . PHE A 1 183 ? 10.192  1.752   0.642   1.00 15.59 ? 183  PHE A CA  1 
ATOM   1323 C  C   . PHE A 1 183 ? 11.270  1.010   -0.138  1.00 16.32 ? 183  PHE A C   1 
ATOM   1324 O  O   . PHE A 1 183 ? 11.198  0.893   -1.355  1.00 16.92 ? 183  PHE A O   1 
ATOM   1325 C  CB  . PHE A 1 183 ? 8.845   1.043   0.479   1.00 15.21 ? 183  PHE A CB  1 
ATOM   1326 C  CG  . PHE A 1 183 ? 8.810   -0.368  1.012   1.00 15.87 ? 183  PHE A CG  1 
ATOM   1327 C  CD1 . PHE A 1 183 ? 9.099   -0.632  2.334   1.00 15.78 ? 183  PHE A CD1 1 
ATOM   1328 C  CD2 . PHE A 1 183 ? 8.456   -1.426  0.193   1.00 16.51 ? 183  PHE A CD2 1 
ATOM   1329 C  CE1 . PHE A 1 183 ? 9.048   -1.916  2.842   1.00 16.45 ? 183  PHE A CE1 1 
ATOM   1330 C  CE2 . PHE A 1 183 ? 8.394   -2.731  0.697   1.00 17.35 ? 183  PHE A CE2 1 
ATOM   1331 C  CZ  . PHE A 1 183 ? 8.692   -2.969  2.023   1.00 16.86 ? 183  PHE A CZ  1 
ATOM   1332 N  N   . SER A 1 184 ? 12.251  0.499   0.592   1.00 17.01 ? 184  SER A N   1 
ATOM   1333 C  CA  . SER A 1 184 ? 13.441  -0.089  0.003   1.00 19.39 ? 184  SER A CA  1 
ATOM   1334 C  C   . SER A 1 184 ? 13.876  -1.337  0.776   1.00 19.22 ? 184  SER A C   1 
ATOM   1335 O  O   . SER A 1 184 ? 13.915  -1.333  1.993   1.00 19.10 ? 184  SER A O   1 
ATOM   1336 C  CB  . SER A 1 184 ? 14.543  0.976   -0.003  1.00 21.86 ? 184  SER A CB  1 
ATOM   1337 O  OG  . SER A 1 184 ? 15.828  0.426   -0.034  1.00 24.79 ? 184  SER A OG  1 
ATOM   1338 N  N   . VAL A 1 185 ? 14.202  -2.393  0.045   1.00 19.27 ? 185  VAL A N   1 
ATOM   1339 C  CA  . VAL A 1 185 ? 14.628  -3.645  0.621   1.00 22.60 ? 185  VAL A CA  1 
ATOM   1340 C  C   . VAL A 1 185 ? 16.105  -3.864  0.342   1.00 26.71 ? 185  VAL A C   1 
ATOM   1341 O  O   . VAL A 1 185 ? 16.563  -3.725  -0.781  1.00 30.11 ? 185  VAL A O   1 
ATOM   1342 C  CB  . VAL A 1 185 ? 13.788  -4.823  0.081   1.00 23.21 ? 185  VAL A CB  1 
ATOM   1343 C  CG1 . VAL A 1 185 ? 14.247  -6.136  0.673   1.00 25.45 ? 185  VAL A CG1 1 
ATOM   1344 C  CG2 . VAL A 1 185 ? 12.325  -4.604  0.398   1.00 21.26 ? 185  VAL A CG2 1 
ATOM   1345 N  N   . ALA A 1 186 ? 16.839  -4.193  1.395   1.00 31.30 ? 186  ALA A N   1 
ATOM   1346 C  CA  . ALA A 1 186 ? 18.279  -4.384  1.330   1.00 35.28 ? 186  ALA A CA  1 
ATOM   1347 C  C   . ALA A 1 186 ? 18.594  -5.634  0.517   1.00 39.22 ? 186  ALA A C   1 
ATOM   1348 O  O   . ALA A 1 186 ? 19.724  -6.130  0.546   1.00 50.06 ? 186  ALA A O   1 
ATOM   1349 C  CB  . ALA A 1 186 ? 18.854  -4.508  2.730   1.00 34.66 ? 186  ALA A CB  1 
HETATM 1350 MN MN  . MN  B 2 .   ? -10.268 10.620  -4.246  1.00 13.24 ? 801  MN  A MN  1 
HETATM 1351 MN MN  . MN  C 2 .   ? -19.653 2.434   -10.163 1.00 14.72 ? 802  MN  A MN  1 
HETATM 1352 CL CL  . CL  D 3 .   ? -11.463 9.089   -3.766  1.00 28.52 ? 803  CL  A CL  1 
HETATM 1353 O  O   . HOH E 4 .   ? -18.584 -1.271  -8.689  1.00 17.49 ? 901  HOH A O   1 
HETATM 1354 O  O   . HOH E 4 .   ? 9.105   1.315   -3.120  1.00 19.83 ? 902  HOH A O   1 
HETATM 1355 O  O   . HOH E 4 .   ? -19.107 1.276   -8.461  1.00 20.12 ? 903  HOH A O   1 
HETATM 1356 O  O   . HOH E 4 .   ? 9.049   -3.340  11.527  1.00 19.87 ? 904  HOH A O   1 
HETATM 1357 O  O   . HOH E 4 .   ? 11.111  -8.145  -7.279  1.00 18.93 ? 905  HOH A O   1 
HETATM 1358 O  O   . HOH E 4 .   ? 1.722   4.261   -7.436  1.00 20.65 ? 906  HOH A O   1 
HETATM 1359 O  O   . HOH E 4 .   ? 12.729  -14.924 -3.633  1.00 22.86 ? 907  HOH A O   1 
HETATM 1360 O  O   . HOH E 4 .   ? 2.803   4.445   -10.145 1.00 25.09 ? 908  HOH A O   1 
HETATM 1361 O  O   . HOH E 4 .   ? -7.400  9.889   5.774   1.00 24.98 ? 909  HOH A O   1 
HETATM 1362 O  O   . HOH E 4 .   ? -2.213  17.055  -0.824  1.00 22.90 ? 910  HOH A O   1 
HETATM 1363 O  O   . HOH E 4 .   ? 4.365   11.189  16.645  1.00 24.41 ? 911  HOH A O   1 
HETATM 1364 O  O   . HOH E 4 .   ? -14.110 -0.885  -10.077 1.00 22.26 ? 912  HOH A O   1 
HETATM 1365 O  O   . HOH E 4 .   ? -4.328  1.487   16.208  1.00 23.33 ? 913  HOH A O   1 
HETATM 1366 O  O   . HOH E 4 .   ? 16.496  -7.148  2.548   1.00 30.58 ? 914  HOH A O   1 
HETATM 1367 O  O   . HOH E 4 .   ? 11.308  -5.002  11.164  1.00 22.14 ? 915  HOH A O   1 
HETATM 1368 O  O   . HOH E 4 .   ? -16.293 -6.449  -5.781  1.00 24.12 ? 916  HOH A O   1 
HETATM 1369 O  O   . HOH E 4 .   ? 2.711   -13.985 -0.154  1.00 24.02 ? 917  HOH A O   1 
HETATM 1370 O  O   . HOH E 4 .   ? -10.491 12.229  4.046   1.00 24.56 ? 918  HOH A O   1 
HETATM 1371 O  O   . HOH E 4 .   ? -1.711  4.443   17.213  1.00 28.11 ? 919  HOH A O   1 
HETATM 1372 O  O   . HOH E 4 .   ? 16.475  -1.778  -3.815  1.00 25.74 ? 920  HOH A O   1 
HETATM 1373 O  O   . HOH E 4 .   ? -12.652 2.025   0.094   1.00 26.21 ? 921  HOH A O   1 
HETATM 1374 O  O   . HOH E 4 .   ? 5.348   4.183   -4.862  1.00 25.69 ? 922  HOH A O   1 
HETATM 1375 O  O   . HOH E 4 .   ? 7.073   10.656  -3.604  1.00 25.87 ? 923  HOH A O   1 
HETATM 1376 O  O   . HOH E 4 .   ? 6.062   9.198   -5.494  1.00 26.15 ? 924  HOH A O   1 
HETATM 1377 O  O   . HOH E 4 .   ? -11.712 16.173  -3.073  1.00 24.09 ? 925  HOH A O   1 
HETATM 1378 O  O   . HOH E 4 .   ? -4.758  -10.620 -13.419 1.00 22.43 ? 926  HOH A O   1 
HETATM 1379 O  O   . HOH E 4 .   ? 6.280   -11.437 8.799   1.00 25.59 ? 927  HOH A O   1 
HETATM 1380 O  O   . HOH E 4 .   ? 0.466   16.453  -0.370  1.00 25.21 ? 928  HOH A O   1 
HETATM 1381 O  O   . HOH E 4 .   ? -15.973 0.831   -10.183 1.00 25.42 ? 929  HOH A O   1 
HETATM 1382 O  O   . HOH E 4 .   ? 1.514   -1.797  -16.192 1.00 27.25 ? 930  HOH A O   1 
HETATM 1383 O  O   . HOH E 4 .   ? -0.941  11.080  14.776  1.00 27.08 ? 931  HOH A O   1 
HETATM 1384 O  O   . HOH E 4 .   ? -0.051  13.400  16.303  1.00 26.32 ? 932  HOH A O   1 
HETATM 1385 O  O   . HOH E 4 .   ? 4.373   20.569  16.673  1.00 27.73 ? 933  HOH A O   1 
HETATM 1386 O  O   . HOH E 4 .   ? 4.634   14.144  10.052  1.00 25.01 ? 934  HOH A O   1 
HETATM 1387 O  O   . HOH E 4 .   ? 3.476   13.485  -3.594  1.00 27.36 ? 935  HOH A O   1 
HETATM 1388 O  O   . HOH E 4 .   ? 4.687   6.462   -4.328  1.00 31.83 ? 936  HOH A O   1 
HETATM 1389 O  O   . HOH E 4 .   ? 3.092   0.025   -14.878 1.00 28.95 ? 937  HOH A O   1 
HETATM 1390 O  O   . HOH E 4 .   ? 14.555  4.488   -0.475  1.00 28.60 ? 938  HOH A O   1 
HETATM 1391 O  O   . HOH E 4 .   ? -19.101 1.691   -19.405 1.00 33.67 ? 939  HOH A O   1 
HETATM 1392 O  O   . HOH E 4 .   ? -9.899  18.175  0.764   1.00 26.13 ? 940  HOH A O   1 
HETATM 1393 O  O   . HOH E 4 .   ? -12.679 11.682  2.364   1.00 31.00 ? 941  HOH A O   1 
HETATM 1394 O  O   . HOH E 4 .   ? 21.385  -9.615  -1.432  1.00 29.80 ? 942  HOH A O   1 
HETATM 1395 O  O   . HOH E 4 .   ? -3.641  12.342  7.573   1.00 28.09 ? 943  HOH A O   1 
HETATM 1396 O  O   . HOH E 4 .   ? -2.467  -5.728  19.583  1.00 30.69 ? 944  HOH A O   1 
HETATM 1397 O  O   . HOH E 4 .   ? -14.453 -8.437  -17.631 1.00 31.50 ? 945  HOH A O   1 
HETATM 1398 O  O   . HOH E 4 .   ? -9.135  0.551   -13.075 1.00 26.60 ? 946  HOH A O   1 
HETATM 1399 O  O   . HOH E 4 .   ? 2.496   -10.478 11.572  1.00 37.77 ? 947  HOH A O   1 
HETATM 1400 O  O   . HOH E 4 .   ? -2.348  14.622  12.511  1.00 31.61 ? 948  HOH A O   1 
HETATM 1401 O  O   . HOH E 4 .   ? 19.607  -0.369  -10.145 1.00 27.11 ? 949  HOH A O   1 
HETATM 1402 O  O   . HOH E 4 .   ? 10.372  9.175   -0.993  1.00 29.74 ? 950  HOH A O   1 
HETATM 1403 O  O   . HOH E 4 .   ? 0.055   4.282   -14.979 1.00 38.64 ? 951  HOH A O   1 
HETATM 1404 O  O   . HOH E 4 .   ? -18.925 -7.834  2.910   1.00 28.64 ? 952  HOH A O   1 
HETATM 1405 O  O   . HOH E 4 .   ? 0.617   -4.575  23.161  1.00 35.38 ? 953  HOH A O   1 
HETATM 1406 O  O   . HOH E 4 .   ? 0.148   7.991   -6.623  1.00 36.23 ? 954  HOH A O   1 
HETATM 1407 O  O   . HOH E 4 .   ? -3.783  13.208  -6.506  1.00 28.49 ? 955  HOH A O   1 
HETATM 1408 O  O   . HOH E 4 .   ? 5.294   -17.325 -11.549 1.00 33.29 ? 956  HOH A O   1 
HETATM 1409 O  O   . HOH E 4 .   ? -16.772 1.584   -13.156 1.00 32.10 ? 957  HOH A O   1 
HETATM 1410 O  O   . HOH E 4 .   ? 2.911   6.661   -6.538  1.00 34.27 ? 958  HOH A O   1 
HETATM 1411 O  O   . HOH E 4 .   ? -2.556  0.721   18.549  1.00 38.40 ? 959  HOH A O   1 
HETATM 1412 O  O   . HOH E 4 .   ? -2.274  1.180   4.711   1.00 40.31 ? 960  HOH A O   1 
HETATM 1413 O  O   . HOH E 4 .   ? 3.454   -1.462  14.353  1.00 28.34 ? 961  HOH A O   1 
HETATM 1414 O  O   . HOH E 4 .   ? 5.843   9.322   4.487   1.00 29.07 ? 962  HOH A O   1 
HETATM 1415 O  O   . HOH E 4 .   ? 11.353  -0.244  -15.611 1.00 42.86 ? 963  HOH A O   1 
HETATM 1416 O  O   . HOH E 4 .   ? -11.783 -0.071  -12.789 1.00 34.21 ? 964  HOH A O   1 
HETATM 1417 O  O   . HOH E 4 .   ? 9.247   -18.660 0.985   1.00 29.23 ? 965  HOH A O   1 
HETATM 1418 O  O   . HOH E 4 .   ? -12.877 6.744   -4.640  1.00 33.60 ? 966  HOH A O   1 
HETATM 1419 O  O   . HOH E 4 .   ? -2.705  -0.445  6.783   1.00 37.08 ? 967  HOH A O   1 
HETATM 1420 O  O   . HOH E 4 .   ? -13.480 3.566   -7.210  1.00 28.36 ? 968  HOH A O   1 
HETATM 1421 O  O   . HOH E 4 .   ? 8.183   -13.760 -14.657 1.00 33.78 ? 969  HOH A O   1 
HETATM 1422 O  O   . HOH E 4 .   ? 13.208  -9.759  6.285   1.00 29.52 ? 970  HOH A O   1 
HETATM 1423 O  O   . HOH E 4 .   ? -8.460  -3.870  6.224   1.00 35.55 ? 971  HOH A O   1 
HETATM 1424 O  O   . HOH E 4 .   ? 16.529  -11.857 3.597   1.00 33.08 ? 972  HOH A O   1 
HETATM 1425 O  O   . HOH E 4 .   ? 5.253   1.182   -16.023 1.00 41.09 ? 973  HOH A O   1 
HETATM 1426 O  O   . HOH E 4 .   ? -7.326  7.730   17.067  1.00 31.60 ? 974  HOH A O   1 
HETATM 1427 O  O   . HOH E 4 .   ? -10.717 12.620  6.827   1.00 39.10 ? 975  HOH A O   1 
HETATM 1428 O  O   . HOH E 4 .   ? 16.142  -12.985 -3.958  1.00 35.50 ? 976  HOH A O   1 
HETATM 1429 O  O   . HOH E 4 .   ? 5.240   6.677   -8.418  1.00 37.67 ? 977  HOH A O   1 
HETATM 1430 O  O   . HOH E 4 .   ? 10.496  -7.819  11.025  1.00 26.77 ? 978  HOH A O   1 
HETATM 1431 O  O   . HOH E 4 .   ? -8.166  -6.476  7.199   1.00 38.69 ? 979  HOH A O   1 
HETATM 1432 O  O   . HOH E 4 .   ? -0.273  -11.910 -0.268  1.00 30.37 ? 980  HOH A O   1 
HETATM 1433 O  O   . HOH E 4 .   ? 5.526   12.478  -2.153  1.00 29.25 ? 981  HOH A O   1 
HETATM 1434 O  O   . HOH E 4 .   ? 6.598   -5.826  -15.257 1.00 34.14 ? 982  HOH A O   1 
HETATM 1435 O  O   . HOH E 4 .   ? 12.899  -6.575  -13.920 1.00 36.17 ? 983  HOH A O   1 
HETATM 1436 O  O   . HOH E 4 .   ? -10.665 18.225  -1.824  1.00 33.06 ? 984  HOH A O   1 
HETATM 1437 O  O   . HOH E 4 .   ? 7.468   2.649   -14.463 1.00 33.85 ? 985  HOH A O   1 
HETATM 1438 O  O   . HOH E 4 .   ? -9.023  -8.913  -8.018  1.00 37.56 ? 986  HOH A O   1 
HETATM 1439 O  O   . HOH E 4 .   ? 7.081   4.769   -8.670  1.00 35.29 ? 987  HOH A O   1 
HETATM 1440 O  O   . HOH E 4 .   ? -8.723  15.387  12.059  1.00 28.76 ? 988  HOH A O   1 
HETATM 1441 O  O   . HOH E 4 .   ? 13.968  11.981  19.325  1.00 49.75 ? 989  HOH A O   1 
HETATM 1442 O  O   . HOH E 4 .   ? -7.961  -1.778  3.142   1.00 34.85 ? 990  HOH A O   1 
HETATM 1443 O  O   . HOH E 4 .   ? -22.004 -5.640  0.083   1.00 39.95 ? 991  HOH A O   1 
HETATM 1444 O  O   . HOH E 4 .   ? 8.574   -0.644  15.197  1.00 33.98 ? 992  HOH A O   1 
HETATM 1445 O  O   . HOH E 4 .   ? 5.635   7.392   17.872  1.00 36.44 ? 993  HOH A O   1 
HETATM 1446 O  O   . HOH E 4 .   ? -11.681 -0.366  1.381   1.00 40.48 ? 994  HOH A O   1 
HETATM 1447 O  O   . HOH E 4 .   ? 13.093  -16.556 3.235   1.00 32.72 ? 995  HOH A O   1 
HETATM 1448 O  O   . HOH E 4 .   ? -15.904 -3.072  -0.482  1.00 39.88 ? 996  HOH A O   1 
HETATM 1449 O  O   . HOH E 4 .   ? -7.156  -11.221 -2.381  1.00 36.41 ? 997  HOH A O   1 
HETATM 1450 O  O   . HOH E 4 .   ? 13.025  1.524   -3.381  1.00 27.64 ? 998  HOH A O   1 
HETATM 1451 O  O   . HOH E 4 .   ? -6.225  -5.303  -11.043 1.00 33.75 ? 999  HOH A O   1 
HETATM 1452 O  O   . HOH E 4 .   ? -8.830  0.500   3.471   1.00 33.04 ? 1000 HOH A O   1 
HETATM 1453 O  O   . HOH E 4 .   ? -1.933  0.197   -17.696 1.00 47.58 ? 1001 HOH A O   1 
HETATM 1454 O  O   . HOH E 4 .   ? 11.693  -2.982  -15.262 1.00 33.32 ? 1002 HOH A O   1 
HETATM 1455 O  O   . HOH E 4 .   ? 1.748   17.431  3.578   1.00 33.35 ? 1003 HOH A O   1 
HETATM 1456 O  O   . HOH E 4 .   ? 17.261  -2.289  7.996   1.00 38.52 ? 1004 HOH A O   1 
HETATM 1457 O  O   . HOH E 4 .   ? 3.049   -15.133 -3.075  1.00 43.53 ? 1005 HOH A O   1 
HETATM 1458 O  O   . HOH E 4 .   ? 4.303   -5.751  -16.470 1.00 43.08 ? 1006 HOH A O   1 
HETATM 1459 O  O   . HOH E 4 .   ? -15.534 10.326  -0.813  1.00 40.84 ? 1007 HOH A O   1 
HETATM 1460 O  O   . HOH E 4 .   ? -17.392 -8.437  -18.143 1.00 43.67 ? 1008 HOH A O   1 
HETATM 1461 O  O   . HOH E 4 .   ? -5.123  14.788  10.287  1.00 30.85 ? 1009 HOH A O   1 
HETATM 1462 O  O   . HOH E 4 .   ? -5.446  -6.453  16.119  1.00 33.66 ? 1010 HOH A O   1 
HETATM 1463 O  O   . HOH E 4 .   ? -16.090 15.058  -2.980  1.00 32.53 ? 1011 HOH A O   1 
HETATM 1464 O  O   . HOH E 4 .   ? -6.963  -3.639  -12.620 1.00 48.25 ? 1012 HOH A O   1 
HETATM 1465 O  O   . HOH E 4 .   ? 19.241  -8.326  -3.404  1.00 39.83 ? 1013 HOH A O   1 
HETATM 1466 O  O   . HOH E 4 .   ? -5.904  3.114   11.340  1.00 38.28 ? 1014 HOH A O   1 
HETATM 1467 O  O   . HOH E 4 .   ? -4.603  9.878   -6.205  1.00 36.71 ? 1015 HOH A O   1 
HETATM 1468 O  O   . HOH E 4 .   ? 12.644  -9.114  -12.559 1.00 39.39 ? 1016 HOH A O   1 
HETATM 1469 O  O   . HOH E 4 .   ? 15.851  0.643   -2.923  1.00 39.95 ? 1017 HOH A O   1 
HETATM 1470 O  O   . HOH E 4 .   ? 14.154  -19.032 -1.029  1.00 44.47 ? 1018 HOH A O   1 
HETATM 1471 O  O   . HOH E 4 .   ? 6.071   -23.791 -1.689  1.00 38.74 ? 1019 HOH A O   1 
HETATM 1472 O  O   . HOH E 4 .   ? -17.809 6.737   -1.390  1.00 45.69 ? 1020 HOH A O   1 
HETATM 1473 O  O   . HOH E 4 .   ? 3.517   -19.678 -7.558  1.00 33.48 ? 1021 HOH A O   1 
HETATM 1474 O  O   . HOH E 4 .   ? -14.402 3.723   1.325   1.00 42.26 ? 1022 HOH A O   1 
HETATM 1475 O  O   . HOH E 4 .   ? -6.859  0.641   15.216  1.00 41.54 ? 1023 HOH A O   1 
HETATM 1476 O  O   . HOH E 4 .   ? 7.846   18.840  3.284   1.00 37.29 ? 1024 HOH A O   1 
HETATM 1477 O  O   . HOH E 4 .   ? 14.822  3.969   -10.807 1.00 34.66 ? 1025 HOH A O   1 
HETATM 1478 O  O   . HOH E 4 .   ? -15.053 -5.342  -20.658 1.00 38.50 ? 1026 HOH A O   1 
HETATM 1479 O  O   . HOH E 4 .   ? -9.596  1.971   5.746   1.00 39.57 ? 1027 HOH A O   1 
HETATM 1480 O  O   . HOH E 4 .   ? 5.208   -19.591 0.051   1.00 44.51 ? 1028 HOH A O   1 
HETATM 1481 O  O   . HOH E 4 .   ? -7.309  0.603   7.443   1.00 34.69 ? 1029 HOH A O   1 
HETATM 1482 O  O   . HOH E 4 .   ? 5.817   18.477  11.717  1.00 40.56 ? 1030 HOH A O   1 
HETATM 1483 O  O   . HOH E 4 .   ? 13.274  1.965   -13.357 1.00 34.27 ? 1031 HOH A O   1 
HETATM 1484 O  O   . HOH E 4 .   ? 18.917  2.545   -8.432  1.00 39.23 ? 1032 HOH A O   1 
HETATM 1485 O  O   . HOH E 4 .   ? -4.323  3.120   -15.086 1.00 37.65 ? 1033 HOH A O   1 
HETATM 1486 O  O   . HOH E 4 .   ? -21.384 0.140   5.663   1.00 49.43 ? 1034 HOH A O   1 
HETATM 1487 O  O   . HOH E 4 .   ? 12.778  19.027  10.454  1.00 41.00 ? 1035 HOH A O   1 
HETATM 1488 O  O   . HOH E 4 .   ? 18.174  -10.725 -4.432  1.00 46.16 ? 1036 HOH A O   1 
HETATM 1489 O  O   . HOH E 4 .   ? 15.936  14.902  6.567   1.00 39.90 ? 1037 HOH A O   1 
HETATM 1490 O  O   . HOH E 4 .   ? -7.865  15.117  9.446   1.00 41.81 ? 1038 HOH A O   1 
HETATM 1491 O  O   . HOH E 4 .   ? 5.977   20.516  1.812   1.00 46.69 ? 1039 HOH A O   1 
HETATM 1492 O  O   . HOH E 4 .   ? 8.520   10.502  14.770  1.00 39.00 ? 1040 HOH A O   1 
HETATM 1493 O  O   . HOH E 4 .   ? -8.236  -7.656  4.285   1.00 35.68 ? 1041 HOH A O   1 
HETATM 1494 O  O   . HOH E 4 .   ? -19.525 -5.265  1.697   1.00 41.08 ? 1042 HOH A O   1 
HETATM 1495 O  O   . HOH E 4 .   ? -0.031  -6.905  16.606  1.00 37.56 ? 1043 HOH A O   1 
HETATM 1496 O  O   . HOH E 4 .   ? -5.048  -0.253  5.511   1.00 40.93 ? 1044 HOH A O   1 
HETATM 1497 O  O   . HOH E 4 .   ? -10.666 -5.504  -16.740 1.00 39.99 ? 1045 HOH A O   1 
HETATM 1498 O  O   . HOH E 4 .   ? 14.470  -17.366 -3.246  1.00 40.12 ? 1046 HOH A O   1 
HETATM 1499 O  O   . HOH E 4 .   ? -3.749  0.360   -15.086 1.00 43.69 ? 1047 HOH A O   1 
HETATM 1500 O  O   . HOH E 4 .   ? 14.016  -8.063  -8.600  1.00 39.87 ? 1048 HOH A O   1 
# 
loop_
_pdbx_poly_seq_scheme.asym_id 
_pdbx_poly_seq_scheme.entity_id 
_pdbx_poly_seq_scheme.seq_id 
_pdbx_poly_seq_scheme.mon_id 
_pdbx_poly_seq_scheme.ndb_seq_num 
_pdbx_poly_seq_scheme.pdb_seq_num 
_pdbx_poly_seq_scheme.auth_seq_num 
_pdbx_poly_seq_scheme.pdb_mon_id 
_pdbx_poly_seq_scheme.auth_mon_id 
_pdbx_poly_seq_scheme.pdb_strand_id 
_pdbx_poly_seq_scheme.pdb_ins_code 
_pdbx_poly_seq_scheme.hetero 
A 1 1   ALA 1   1   ?   ?   ?   A . n 
A 1 2   TYR 2   2   ?   ?   ?   A . n 
A 1 3   GLY 3   3   ?   ?   ?   A . n 
A 1 4   GLU 4   4   ?   ?   ?   A . n 
A 1 5   ALA 5   5   ?   ?   ?   A . n 
A 1 6   ALA 6   6   ?   ?   ?   A . n 
A 1 7   ASN 7   7   ?   ?   ?   A . n 
A 1 8   VAL 8   8   ?   ?   ?   A . n 
A 1 9   PHE 9   9   ?   ?   ?   A . n 
A 1 10  GLY 10  10  ?   ?   ?   A . n 
A 1 11  LYS 11  11  ?   ?   ?   A . n 
A 1 12  PRO 12  12  12  PRO PRO A . n 
A 1 13  LYS 13  13  13  LYS LYS A . n 
A 1 14  LYS 14  14  14  LYS LYS A . n 
A 1 15  ASN 15  15  15  ASN ASN A . n 
A 1 16  THR 16  16  16  THR THR A . n 
A 1 17  GLU 17  17  17  GLU GLU A . n 
A 1 18  PHE 18  18  18  PHE PHE A . n 
A 1 19  MET 19  19  19  MET MET A . n 
A 1 20  PRO 20  20  20  PRO PRO A . n 
A 1 21  TYR 21  21  21  TYR TYR A . n 
A 1 22  ASN 22  22  22  ASN ASN A . n 
A 1 23  GLY 23  23  23  GLY GLY A . n 
A 1 24  ASP 24  24  24  ASP ASP A . n 
A 1 25  GLY 25  25  25  GLY GLY A . n 
A 1 26  PHE 26  26  26  PHE PHE A . n 
A 1 27  LYS 27  27  27  LYS LYS A . n 
A 1 28  LEU 28  28  28  LEU LEU A . n 
A 1 29  LEU 29  29  29  LEU LEU A . n 
A 1 30  VAL 30  30  30  VAL VAL A . n 
A 1 31  PRO 31  31  31  PRO PRO A . n 
A 1 32  SER 32  32  32  SER SER A . n 
A 1 33  LYS 33  33  33  LYS LYS A . n 
A 1 34  TRP 34  34  34  TRP TRP A . n 
A 1 35  ASN 35  35  35  ASN ASN A . n 
A 1 36  PRO 36  36  36  PRO PRO A . n 
A 1 37  SER 37  37  37  SER SER A . n 
A 1 38  LYS 38  38  38  LYS LYS A . n 
A 1 39  GLU 39  39  39  GLU GLU A . n 
A 1 40  LYS 40  40  40  LYS LYS A . n 
A 1 41  GLU 41  41  41  GLU GLU A . n 
A 1 42  PHE 42  42  42  PHE PHE A . n 
A 1 43  PRO 43  43  43  PRO PRO A . n 
A 1 44  GLY 44  44  44  GLY GLY A . n 
A 1 45  GLN 45  45  45  GLN GLN A . n 
A 1 46  VAL 46  46  46  VAL VAL A . n 
A 1 47  LEU 47  47  47  LEU LEU A . n 
A 1 48  ARG 48  48  48  ARG ARG A . n 
A 1 49  TYR 49  49  49  TYR TYR A . n 
A 1 50  GLU 50  50  50  GLU GLU A . n 
A 1 51  ASP 51  51  51  ASP ASP A . n 
A 1 52  ASN 52  52  52  ASN ASN A . n 
A 1 53  PHE 53  53  53  PHE PHE A . n 
A 1 54  ASP 54  54  54  ASP ASP A . n 
A 1 55  ALA 55  55  55  ALA ALA A . n 
A 1 56  THR 56  56  56  THR THR A . n 
A 1 57  SER 57  57  57  SER SER A . n 
A 1 58  ASN 58  58  58  ASN ASN A . n 
A 1 59  LEU 59  59  59  LEU LEU A . n 
A 1 60  SER 60  60  60  SER SER A . n 
A 1 61  VAL 61  61  61  VAL VAL A . n 
A 1 62  LEU 62  62  62  LEU LEU A . n 
A 1 63  VAL 63  63  63  VAL VAL A . n 
A 1 64  GLN 64  64  64  GLN GLN A . n 
A 1 65  PRO 65  65  65  PRO PRO A . n 
A 1 66  THR 66  66  66  THR THR A . n 
A 1 67  ASP 67  67  67  ASP ASP A . n 
A 1 68  LYS 68  68  68  LYS LYS A . n 
A 1 69  LYS 69  69  69  LYS LYS A . n 
A 1 70  SER 70  70  70  SER SER A . n 
A 1 71  ILE 71  71  71  ILE ILE A . n 
A 1 72  THR 72  72  72  THR THR A . n 
A 1 73  ASP 73  73  73  ASP ASP A . n 
A 1 74  PHE 74  74  74  PHE PHE A . n 
A 1 75  GLY 75  75  75  GLY GLY A . n 
A 1 76  SER 76  76  76  SER SER A . n 
A 1 77  PRO 77  77  77  PRO PRO A . n 
A 1 78  GLU 78  78  78  GLU GLU A . n 
A 1 79  ASP 79  79  79  ASP ASP A . n 
A 1 80  PHE 80  80  80  PHE PHE A . n 
A 1 81  LEU 81  81  81  LEU LEU A . n 
A 1 82  SER 82  82  82  SER SER A . n 
A 1 83  GLN 83  83  83  GLN GLN A . n 
A 1 84  VAL 84  84  84  VAL VAL A . n 
A 1 85  ASP 85  85  85  ASP ASP A . n 
A 1 86  TYR 86  86  86  TYR TYR A . n 
A 1 87  LEU 87  87  87  LEU LEU A . n 
A 1 88  LEU 88  88  88  LEU LEU A . n 
A 1 89  GLY 89  89  89  GLY GLY A . n 
A 1 90  LYS 90  90  90  LYS LYS A . n 
A 1 91  GLN 91  91  91  GLN GLN A . n 
A 1 92  ALA 92  92  92  ALA ALA A . n 
A 1 93  TYR 93  93  93  TYR TYR A . n 
A 1 94  PHE 94  94  94  PHE PHE A . n 
A 1 95  GLY 95  95  95  GLY GLY A . n 
A 1 96  LYS 96  96  96  LYS LYS A . n 
A 1 97  THR 97  97  97  THR THR A . n 
A 1 98  ASP 98  98  98  ASP ASP A . n 
A 1 99  SER 99  99  99  SER SER A . n 
A 1 100 GLU 100 100 100 GLU GLU A . n 
A 1 101 GLY 101 101 101 GLY GLY A . n 
A 1 102 GLY 102 102 102 GLY GLY A . n 
A 1 103 PHE 103 103 103 PHE PHE A . n 
A 1 104 ASP 104 104 104 ASP ASP A . n 
A 1 105 SER 105 105 105 SER SER A . n 
A 1 106 GLY 106 106 106 GLY GLY A . n 
A 1 107 VAL 107 107 107 VAL VAL A . n 
A 1 108 VAL 108 108 108 VAL VAL A . n 
A 1 109 ALA 109 109 109 ALA ALA A . n 
A 1 110 SER 110 110 110 SER SER A . n 
A 1 111 ALA 111 111 111 ALA ALA A . n 
A 1 112 ASN 112 112 112 ASN ASN A . n 
A 1 113 VAL 113 113 113 VAL VAL A . n 
A 1 114 LEU 114 114 114 LEU LEU A . n 
A 1 115 GLU 115 115 115 GLU GLU A . n 
A 1 116 SER 116 116 116 SER SER A . n 
A 1 117 SER 117 117 117 SER SER A . n 
A 1 118 THR 118 118 118 THR THR A . n 
A 1 119 PRO 119 119 119 PRO PRO A . n 
A 1 120 VAL 120 120 120 VAL VAL A . n 
A 1 121 VAL 121 121 121 VAL VAL A . n 
A 1 122 ASP 122 122 122 ASP ASP A . n 
A 1 123 GLY 123 123 123 GLY GLY A . n 
A 1 124 LYS 124 124 124 LYS LYS A . n 
A 1 125 GLN 125 125 125 GLN GLN A . n 
A 1 126 TYR 126 126 126 TYR TYR A . n 
A 1 127 TYR 127 127 127 TYR TYR A . n 
A 1 128 SER 128 128 128 SER SER A . n 
A 1 129 ILE 129 129 129 ILE ILE A . n 
A 1 130 THR 130 130 130 THR THR A . n 
A 1 131 VAL 131 131 131 VAL VAL A . n 
A 1 132 LEU 132 132 132 LEU LEU A . n 
A 1 133 THR 133 133 133 THR THR A . n 
A 1 134 ARG 134 134 134 ARG ARG A . n 
A 1 135 THR 135 135 135 THR THR A . n 
A 1 136 ALA 136 136 136 ALA ALA A . n 
A 1 137 ASP 137 137 137 ASP ASP A . n 
A 1 138 GLY 138 138 138 GLY GLY A . n 
A 1 139 ASP 139 139 139 ASP ASP A . n 
A 1 140 GLU 140 140 140 GLU GLU A . n 
A 1 141 GLY 141 141 141 GLY GLY A . n 
A 1 142 GLY 142 142 142 GLY GLY A . n 
A 1 143 LYS 143 143 143 LYS LYS A . n 
A 1 144 HIS 144 144 144 HIS HIS A . n 
A 1 145 GLN 145 145 145 GLN GLN A . n 
A 1 146 VAL 146 146 146 VAL VAL A . n 
A 1 147 ILE 147 147 147 ILE ILE A . n 
A 1 148 ALA 148 148 148 ALA ALA A . n 
A 1 149 ALA 149 149 149 ALA ALA A . n 
A 1 150 THR 150 150 150 THR THR A . n 
A 1 151 VAL 151 151 151 VAL VAL A . n 
A 1 152 LYS 152 152 152 LYS LYS A . n 
A 1 153 ASP 153 153 153 ASP ASP A . n 
A 1 154 GLY 154 154 154 GLY GLY A . n 
A 1 155 LYS 155 155 155 LYS LYS A . n 
A 1 156 LEU 156 156 156 LEU LEU A . n 
A 1 157 TYR 157 157 157 TYR TYR A . n 
A 1 158 ILE 158 158 158 ILE ILE A . n 
A 1 159 CYS 159 159 159 CYS CYS A . n 
A 1 160 LYS 160 160 160 LYS LYS A . n 
A 1 161 ALA 161 161 161 ALA ALA A . n 
A 1 162 GLN 162 162 162 GLN GLN A . n 
A 1 163 ALA 163 163 163 ALA ALA A . n 
A 1 164 GLY 164 164 164 GLY GLY A . n 
A 1 165 ASP 165 165 165 ASP ASP A . n 
A 1 166 LYS 166 166 166 LYS LYS A . n 
A 1 167 ARG 167 167 167 ARG ARG A . n 
A 1 168 TRP 168 168 168 TRP TRP A . n 
A 1 169 PHE 169 169 169 PHE PHE A . n 
A 1 170 LYS 170 170 170 LYS LYS A . n 
A 1 171 GLY 171 171 171 GLY GLY A . n 
A 1 172 ALA 172 172 172 ALA ALA A . n 
A 1 173 LYS 173 173 173 LYS LYS A . n 
A 1 174 LYS 174 174 174 LYS LYS A . n 
A 1 175 PHE 175 175 175 PHE PHE A . n 
A 1 176 VAL 176 176 176 VAL VAL A . n 
A 1 177 GLU 177 177 177 GLU GLU A . n 
A 1 178 SER 178 178 178 SER SER A . n 
A 1 179 ALA 179 179 179 ALA ALA A . n 
A 1 180 THR 180 180 180 THR THR A . n 
A 1 181 SER 181 181 181 SER SER A . n 
A 1 182 SER 182 182 182 SER SER A . n 
A 1 183 PHE 183 183 183 PHE PHE A . n 
A 1 184 SER 184 184 184 SER SER A . n 
A 1 185 VAL 185 185 185 VAL VAL A . n 
A 1 186 ALA 186 186 186 ALA ALA A . n 
# 
loop_
_pdbx_nonpoly_scheme.asym_id 
_pdbx_nonpoly_scheme.entity_id 
_pdbx_nonpoly_scheme.mon_id 
_pdbx_nonpoly_scheme.ndb_seq_num 
_pdbx_nonpoly_scheme.pdb_seq_num 
_pdbx_nonpoly_scheme.auth_seq_num 
_pdbx_nonpoly_scheme.pdb_mon_id 
_pdbx_nonpoly_scheme.auth_mon_id 
_pdbx_nonpoly_scheme.pdb_strand_id 
_pdbx_nonpoly_scheme.pdb_ins_code 
B 2 MN  1   801  801 MN  MN  A . 
C 2 MN  1   802  802 MN  MN  A . 
D 3 CL  1   803  803 CL  CL  A . 
E 4 HOH 1   901  1   HOH HOH A . 
E 4 HOH 2   902  2   HOH HOH A . 
E 4 HOH 3   903  3   HOH HOH A . 
E 4 HOH 4   904  4   HOH HOH A . 
E 4 HOH 5   905  5   HOH HOH A . 
E 4 HOH 6   906  6   HOH HOH A . 
E 4 HOH 7   907  7   HOH HOH A . 
E 4 HOH 8   908  8   HOH HOH A . 
E 4 HOH 9   909  9   HOH HOH A . 
E 4 HOH 10  910  10  HOH HOH A . 
E 4 HOH 11  911  11  HOH HOH A . 
E 4 HOH 12  912  12  HOH HOH A . 
E 4 HOH 13  913  13  HOH HOH A . 
E 4 HOH 14  914  14  HOH HOH A . 
E 4 HOH 15  915  15  HOH HOH A . 
E 4 HOH 16  916  16  HOH HOH A . 
E 4 HOH 17  917  17  HOH HOH A . 
E 4 HOH 18  918  18  HOH HOH A . 
E 4 HOH 19  919  19  HOH HOH A . 
E 4 HOH 20  920  20  HOH HOH A . 
E 4 HOH 21  921  21  HOH HOH A . 
E 4 HOH 22  922  22  HOH HOH A . 
E 4 HOH 23  923  23  HOH HOH A . 
E 4 HOH 24  924  24  HOH HOH A . 
E 4 HOH 25  925  25  HOH HOH A . 
E 4 HOH 26  926  26  HOH HOH A . 
E 4 HOH 27  927  27  HOH HOH A . 
E 4 HOH 28  928  28  HOH HOH A . 
E 4 HOH 29  929  29  HOH HOH A . 
E 4 HOH 30  930  30  HOH HOH A . 
E 4 HOH 31  931  31  HOH HOH A . 
E 4 HOH 32  932  32  HOH HOH A . 
E 4 HOH 33  933  33  HOH HOH A . 
E 4 HOH 34  934  34  HOH HOH A . 
E 4 HOH 35  935  35  HOH HOH A . 
E 4 HOH 36  936  36  HOH HOH A . 
E 4 HOH 37  937  37  HOH HOH A . 
E 4 HOH 38  938  38  HOH HOH A . 
E 4 HOH 39  939  39  HOH HOH A . 
E 4 HOH 40  940  40  HOH HOH A . 
E 4 HOH 41  941  41  HOH HOH A . 
E 4 HOH 42  942  42  HOH HOH A . 
E 4 HOH 43  943  43  HOH HOH A . 
E 4 HOH 44  944  44  HOH HOH A . 
E 4 HOH 45  945  45  HOH HOH A . 
E 4 HOH 46  946  46  HOH HOH A . 
E 4 HOH 47  947  47  HOH HOH A . 
E 4 HOH 48  948  48  HOH HOH A . 
E 4 HOH 49  949  49  HOH HOH A . 
E 4 HOH 50  950  50  HOH HOH A . 
E 4 HOH 51  951  51  HOH HOH A . 
E 4 HOH 52  952  52  HOH HOH A . 
E 4 HOH 53  953  53  HOH HOH A . 
E 4 HOH 54  954  54  HOH HOH A . 
E 4 HOH 55  955  55  HOH HOH A . 
E 4 HOH 56  956  56  HOH HOH A . 
E 4 HOH 57  957  57  HOH HOH A . 
E 4 HOH 58  958  58  HOH HOH A . 
E 4 HOH 59  959  59  HOH HOH A . 
E 4 HOH 60  960  60  HOH HOH A . 
E 4 HOH 61  961  61  HOH HOH A . 
E 4 HOH 62  962  62  HOH HOH A . 
E 4 HOH 63  963  63  HOH HOH A . 
E 4 HOH 64  964  64  HOH HOH A . 
E 4 HOH 65  965  65  HOH HOH A . 
E 4 HOH 66  966  66  HOH HOH A . 
E 4 HOH 67  967  67  HOH HOH A . 
E 4 HOH 68  968  68  HOH HOH A . 
E 4 HOH 69  969  69  HOH HOH A . 
E 4 HOH 70  970  70  HOH HOH A . 
E 4 HOH 71  971  71  HOH HOH A . 
E 4 HOH 72  972  72  HOH HOH A . 
E 4 HOH 73  973  73  HOH HOH A . 
E 4 HOH 74  974  74  HOH HOH A . 
E 4 HOH 75  975  75  HOH HOH A . 
E 4 HOH 76  976  76  HOH HOH A . 
E 4 HOH 77  977  77  HOH HOH A . 
E 4 HOH 78  978  78  HOH HOH A . 
E 4 HOH 79  979  79  HOH HOH A . 
E 4 HOH 80  980  80  HOH HOH A . 
E 4 HOH 81  981  81  HOH HOH A . 
E 4 HOH 82  982  82  HOH HOH A . 
E 4 HOH 83  983  83  HOH HOH A . 
E 4 HOH 84  984  84  HOH HOH A . 
E 4 HOH 85  985  85  HOH HOH A . 
E 4 HOH 86  986  86  HOH HOH A . 
E 4 HOH 87  987  87  HOH HOH A . 
E 4 HOH 88  988  88  HOH HOH A . 
E 4 HOH 89  989  89  HOH HOH A . 
E 4 HOH 90  990  90  HOH HOH A . 
E 4 HOH 91  991  91  HOH HOH A . 
E 4 HOH 92  992  92  HOH HOH A . 
E 4 HOH 93  993  93  HOH HOH A . 
E 4 HOH 94  994  94  HOH HOH A . 
E 4 HOH 95  995  95  HOH HOH A . 
E 4 HOH 96  996  96  HOH HOH A . 
E 4 HOH 97  997  97  HOH HOH A . 
E 4 HOH 98  998  98  HOH HOH A . 
E 4 HOH 99  999  99  HOH HOH A . 
E 4 HOH 100 1000 100 HOH HOH A . 
E 4 HOH 101 1001 101 HOH HOH A . 
E 4 HOH 102 1002 102 HOH HOH A . 
E 4 HOH 103 1003 103 HOH HOH A . 
E 4 HOH 104 1004 104 HOH HOH A . 
E 4 HOH 105 1005 105 HOH HOH A . 
E 4 HOH 106 1006 106 HOH HOH A . 
E 4 HOH 107 1007 107 HOH HOH A . 
E 4 HOH 108 1008 108 HOH HOH A . 
E 4 HOH 109 1009 109 HOH HOH A . 
E 4 HOH 110 1010 110 HOH HOH A . 
E 4 HOH 111 1011 111 HOH HOH A . 
E 4 HOH 112 1012 112 HOH HOH A . 
E 4 HOH 113 1013 113 HOH HOH A . 
E 4 HOH 114 1014 114 HOH HOH A . 
E 4 HOH 115 1015 115 HOH HOH A . 
E 4 HOH 116 1016 116 HOH HOH A . 
E 4 HOH 117 1017 117 HOH HOH A . 
E 4 HOH 118 1018 118 HOH HOH A . 
E 4 HOH 119 1019 119 HOH HOH A . 
E 4 HOH 120 1020 120 HOH HOH A . 
E 4 HOH 121 1021 121 HOH HOH A . 
E 4 HOH 122 1022 122 HOH HOH A . 
E 4 HOH 123 1023 123 HOH HOH A . 
E 4 HOH 124 1024 124 HOH HOH A . 
E 4 HOH 125 1025 125 HOH HOH A . 
E 4 HOH 126 1026 126 HOH HOH A . 
E 4 HOH 127 1027 127 HOH HOH A . 
E 4 HOH 128 1028 128 HOH HOH A . 
E 4 HOH 129 1029 129 HOH HOH A . 
E 4 HOH 130 1030 130 HOH HOH A . 
E 4 HOH 131 1031 131 HOH HOH A . 
E 4 HOH 132 1032 132 HOH HOH A . 
E 4 HOH 133 1033 133 HOH HOH A . 
E 4 HOH 134 1034 134 HOH HOH A . 
E 4 HOH 135 1035 135 HOH HOH A . 
E 4 HOH 136 1036 136 HOH HOH A . 
E 4 HOH 137 1037 137 HOH HOH A . 
E 4 HOH 138 1038 138 HOH HOH A . 
E 4 HOH 139 1039 139 HOH HOH A . 
E 4 HOH 140 1040 140 HOH HOH A . 
E 4 HOH 141 1041 143 HOH HOH A . 
E 4 HOH 142 1042 144 HOH HOH A . 
E 4 HOH 143 1043 145 HOH HOH A . 
E 4 HOH 144 1044 146 HOH HOH A . 
E 4 HOH 145 1045 147 HOH HOH A . 
E 4 HOH 146 1046 149 HOH HOH A . 
E 4 HOH 147 1047 150 HOH HOH A . 
E 4 HOH 148 1048 151 HOH HOH A . 
# 
_pdbx_struct_assembly.id                   1 
_pdbx_struct_assembly.details              author_and_software_defined_assembly 
_pdbx_struct_assembly.method_details       PISA 
_pdbx_struct_assembly.oligomeric_details   monomeric 
_pdbx_struct_assembly.oligomeric_count     1 
# 
_pdbx_struct_assembly_gen.assembly_id       1 
_pdbx_struct_assembly_gen.oper_expression   1 
_pdbx_struct_assembly_gen.asym_id_list      A,B,C,D,E 
# 
_pdbx_struct_oper_list.id                   1 
_pdbx_struct_oper_list.type                 'identity operation' 
_pdbx_struct_oper_list.name                 1_555 
_pdbx_struct_oper_list.symmetry_operation   x,y,z 
_pdbx_struct_oper_list.matrix[1][1]         1.0000000000 
_pdbx_struct_oper_list.matrix[1][2]         0.0000000000 
_pdbx_struct_oper_list.matrix[1][3]         0.0000000000 
_pdbx_struct_oper_list.vector[1]            0.0000000000 
_pdbx_struct_oper_list.matrix[2][1]         0.0000000000 
_pdbx_struct_oper_list.matrix[2][2]         1.0000000000 
_pdbx_struct_oper_list.matrix[2][3]         0.0000000000 
_pdbx_struct_oper_list.vector[2]            0.0000000000 
_pdbx_struct_oper_list.matrix[3][1]         0.0000000000 
_pdbx_struct_oper_list.matrix[3][2]         0.0000000000 
_pdbx_struct_oper_list.matrix[3][3]         1.0000000000 
_pdbx_struct_oper_list.vector[3]            0.0000000000 
# 
loop_
_pdbx_struct_conn_angle.id 
_pdbx_struct_conn_angle.ptnr1_label_atom_id 
_pdbx_struct_conn_angle.ptnr1_label_alt_id 
_pdbx_struct_conn_angle.ptnr1_label_asym_id 
_pdbx_struct_conn_angle.ptnr1_label_comp_id 
_pdbx_struct_conn_angle.ptnr1_label_seq_id 
_pdbx_struct_conn_angle.ptnr1_auth_atom_id 
_pdbx_struct_conn_angle.ptnr1_auth_asym_id 
_pdbx_struct_conn_angle.ptnr1_auth_comp_id 
_pdbx_struct_conn_angle.ptnr1_auth_seq_id 
_pdbx_struct_conn_angle.ptnr1_PDB_ins_code 
_pdbx_struct_conn_angle.ptnr1_symmetry 
_pdbx_struct_conn_angle.ptnr2_label_atom_id 
_pdbx_struct_conn_angle.ptnr2_label_alt_id 
_pdbx_struct_conn_angle.ptnr2_label_asym_id 
_pdbx_struct_conn_angle.ptnr2_label_comp_id 
_pdbx_struct_conn_angle.ptnr2_label_seq_id 
_pdbx_struct_conn_angle.ptnr2_auth_atom_id 
_pdbx_struct_conn_angle.ptnr2_auth_asym_id 
_pdbx_struct_conn_angle.ptnr2_auth_comp_id 
_pdbx_struct_conn_angle.ptnr2_auth_seq_id 
_pdbx_struct_conn_angle.ptnr2_PDB_ins_code 
_pdbx_struct_conn_angle.ptnr2_symmetry 
_pdbx_struct_conn_angle.ptnr3_label_atom_id 
_pdbx_struct_conn_angle.ptnr3_label_alt_id 
_pdbx_struct_conn_angle.ptnr3_label_asym_id 
_pdbx_struct_conn_angle.ptnr3_label_comp_id 
_pdbx_struct_conn_angle.ptnr3_label_seq_id 
_pdbx_struct_conn_angle.ptnr3_auth_atom_id 
_pdbx_struct_conn_angle.ptnr3_auth_asym_id 
_pdbx_struct_conn_angle.ptnr3_auth_comp_id 
_pdbx_struct_conn_angle.ptnr3_auth_seq_id 
_pdbx_struct_conn_angle.ptnr3_PDB_ins_code 
_pdbx_struct_conn_angle.ptnr3_symmetry 
_pdbx_struct_conn_angle.value 
_pdbx_struct_conn_angle.value_esd 
1 OD2 ? A ASP 98  ? A ASP 98  ? 1_555 MN ? C MN . ? A MN 802 ? 1_555 OD1 ? A ASP 98  ? A ASP 98  ? 1_555 51.8  ? 
2 OD2 ? A ASP 98  ? A ASP 98  ? 1_555 MN ? C MN . ? A MN 802 ? 1_555 O   ? E HOH .   ? A HOH 903 ? 1_555 97.6  ? 
3 OD1 ? A ASP 98  ? A ASP 98  ? 1_555 MN ? C MN . ? A MN 802 ? 1_555 O   ? E HOH .   ? A HOH 903 ? 1_555 82.0  ? 
4 NE2 ? A HIS 144 ? A HIS 144 ? 1_555 MN ? B MN . ? A MN 801 ? 1_555 OD1 ? A ASP 165 ? A ASP 165 ? 1_555 112.6 ? 
5 NE2 ? A HIS 144 ? A HIS 144 ? 1_555 MN ? B MN . ? A MN 801 ? 1_555 CL  ? D CL  .   ? A CL  803 ? 1_555 110.0 ? 
6 OD1 ? A ASP 165 ? A ASP 165 ? 1_555 MN ? B MN . ? A MN 801 ? 1_555 CL  ? D CL  .   ? A CL  803 ? 1_555 109.8 ? 
# 
loop_
_pdbx_audit_revision_history.ordinal 
_pdbx_audit_revision_history.data_content_type 
_pdbx_audit_revision_history.major_revision 
_pdbx_audit_revision_history.minor_revision 
_pdbx_audit_revision_history.revision_date 
1 'Structure model' 1 0 2015-03-11 
2 'Structure model' 1 1 2022-08-24 
3 'Structure model' 1 2 2023-11-08 
# 
_pdbx_audit_revision_details.ordinal             1 
_pdbx_audit_revision_details.revision_ordinal    1 
_pdbx_audit_revision_details.data_content_type   'Structure model' 
_pdbx_audit_revision_details.provider            repository 
_pdbx_audit_revision_details.type                'Initial release' 
_pdbx_audit_revision_details.description         ? 
_pdbx_audit_revision_details.details             ? 
# 
loop_
_pdbx_audit_revision_group.ordinal 
_pdbx_audit_revision_group.revision_ordinal 
_pdbx_audit_revision_group.data_content_type 
_pdbx_audit_revision_group.group 
1 2 'Structure model' 'Database references'    
2 2 'Structure model' 'Derived calculations'   
3 3 'Structure model' 'Data collection'        
4 3 'Structure model' 'Refinement description' 
# 
loop_
_pdbx_audit_revision_category.ordinal 
_pdbx_audit_revision_category.revision_ordinal 
_pdbx_audit_revision_category.data_content_type 
_pdbx_audit_revision_category.category 
1 2 'Structure model' citation                      
2 2 'Structure model' citation_author               
3 2 'Structure model' database_2                    
4 2 'Structure model' pdbx_struct_conn_angle        
5 2 'Structure model' struct_conn                   
6 2 'Structure model' struct_site                   
7 3 'Structure model' chem_comp_atom                
8 3 'Structure model' chem_comp_bond                
9 3 'Structure model' pdbx_initial_refinement_model 
# 
loop_
_pdbx_audit_revision_item.ordinal 
_pdbx_audit_revision_item.revision_ordinal 
_pdbx_audit_revision_item.data_content_type 
_pdbx_audit_revision_item.item 
1  2 'Structure model' '_citation.journal_volume'                    
2  2 'Structure model' '_citation.page_first'                        
3  2 'Structure model' '_citation.page_last'                         
4  2 'Structure model' '_citation.title'                             
5  2 'Structure model' '_citation_author.name'                       
6  2 'Structure model' '_database_2.pdbx_DOI'                        
7  2 'Structure model' '_database_2.pdbx_database_accession'         
8  2 'Structure model' '_pdbx_struct_conn_angle.ptnr1_auth_comp_id'  
9  2 'Structure model' '_pdbx_struct_conn_angle.ptnr1_auth_seq_id'   
10 2 'Structure model' '_pdbx_struct_conn_angle.ptnr1_label_asym_id' 
11 2 'Structure model' '_pdbx_struct_conn_angle.ptnr1_label_atom_id' 
12 2 'Structure model' '_pdbx_struct_conn_angle.ptnr1_label_comp_id' 
13 2 'Structure model' '_pdbx_struct_conn_angle.ptnr1_label_seq_id'  
14 2 'Structure model' '_pdbx_struct_conn_angle.ptnr2_auth_seq_id'   
15 2 'Structure model' '_pdbx_struct_conn_angle.ptnr2_label_asym_id' 
16 2 'Structure model' '_pdbx_struct_conn_angle.ptnr3_auth_comp_id'  
17 2 'Structure model' '_pdbx_struct_conn_angle.ptnr3_auth_seq_id'   
18 2 'Structure model' '_pdbx_struct_conn_angle.ptnr3_label_asym_id' 
19 2 'Structure model' '_pdbx_struct_conn_angle.ptnr3_label_atom_id' 
20 2 'Structure model' '_pdbx_struct_conn_angle.ptnr3_label_comp_id' 
21 2 'Structure model' '_pdbx_struct_conn_angle.ptnr3_label_seq_id'  
22 2 'Structure model' '_pdbx_struct_conn_angle.value'               
23 2 'Structure model' '_struct_conn.pdbx_dist_value'                
24 2 'Structure model' '_struct_conn.ptnr1_auth_comp_id'             
25 2 'Structure model' '_struct_conn.ptnr1_auth_seq_id'              
26 2 'Structure model' '_struct_conn.ptnr1_label_asym_id'            
27 2 'Structure model' '_struct_conn.ptnr1_label_atom_id'            
28 2 'Structure model' '_struct_conn.ptnr1_label_comp_id'            
29 2 'Structure model' '_struct_conn.ptnr1_label_seq_id'             
30 2 'Structure model' '_struct_conn.ptnr2_auth_comp_id'             
31 2 'Structure model' '_struct_conn.ptnr2_auth_seq_id'              
32 2 'Structure model' '_struct_conn.ptnr2_label_asym_id'            
33 2 'Structure model' '_struct_conn.ptnr2_label_atom_id'            
34 2 'Structure model' '_struct_conn.ptnr2_label_comp_id'            
35 2 'Structure model' '_struct_site.pdbx_auth_asym_id'              
36 2 'Structure model' '_struct_site.pdbx_auth_comp_id'              
37 2 'Structure model' '_struct_site.pdbx_auth_seq_id'               
# 
loop_
_software.name 
_software.classification 
_software.version 
_software.citation_id 
_software.pdbx_ordinal 
ADSC     'data collection' Quantum  ? 1 
PHASES   phasing           .        ? 2 
REFMAC   refinement        5.8.0073 ? 3 
HKL-2000 'data reduction'  .        ? 4 
HKL-2000 'data scaling'    .        ? 5 
# 
_pdbx_validate_torsion.id              1 
_pdbx_validate_torsion.PDB_model_num   1 
_pdbx_validate_torsion.auth_comp_id    ASP 
_pdbx_validate_torsion.auth_asym_id    A 
_pdbx_validate_torsion.auth_seq_id     54 
_pdbx_validate_torsion.PDB_ins_code    ? 
_pdbx_validate_torsion.label_alt_id    ? 
_pdbx_validate_torsion.phi             -167.01 
_pdbx_validate_torsion.psi             91.58 
# 
loop_
_pdbx_unobs_or_zero_occ_residues.id 
_pdbx_unobs_or_zero_occ_residues.PDB_model_num 
_pdbx_unobs_or_zero_occ_residues.polymer_flag 
_pdbx_unobs_or_zero_occ_residues.occupancy_flag 
_pdbx_unobs_or_zero_occ_residues.auth_asym_id 
_pdbx_unobs_or_zero_occ_residues.auth_comp_id 
_pdbx_unobs_or_zero_occ_residues.auth_seq_id 
_pdbx_unobs_or_zero_occ_residues.PDB_ins_code 
_pdbx_unobs_or_zero_occ_residues.label_asym_id 
_pdbx_unobs_or_zero_occ_residues.label_comp_id 
_pdbx_unobs_or_zero_occ_residues.label_seq_id 
1  1 Y 1 A ALA 1  ? A ALA 1  
2  1 Y 1 A TYR 2  ? A TYR 2  
3  1 Y 1 A GLY 3  ? A GLY 3  
4  1 Y 1 A GLU 4  ? A GLU 4  
5  1 Y 1 A ALA 5  ? A ALA 5  
6  1 Y 1 A ALA 6  ? A ALA 6  
7  1 Y 1 A ASN 7  ? A ASN 7  
8  1 Y 1 A VAL 8  ? A VAL 8  
9  1 Y 1 A PHE 9  ? A PHE 9  
10 1 Y 1 A GLY 10 ? A GLY 10 
11 1 Y 1 A LYS 11 ? A LYS 11 
# 
loop_
_chem_comp_atom.comp_id 
_chem_comp_atom.atom_id 
_chem_comp_atom.type_symbol 
_chem_comp_atom.pdbx_aromatic_flag 
_chem_comp_atom.pdbx_stereo_config 
_chem_comp_atom.pdbx_ordinal 
ALA N    N  N N 1   
ALA CA   C  N S 2   
ALA C    C  N N 3   
ALA O    O  N N 4   
ALA CB   C  N N 5   
ALA OXT  O  N N 6   
ALA H    H  N N 7   
ALA H2   H  N N 8   
ALA HA   H  N N 9   
ALA HB1  H  N N 10  
ALA HB2  H  N N 11  
ALA HB3  H  N N 12  
ALA HXT  H  N N 13  
ARG N    N  N N 14  
ARG CA   C  N S 15  
ARG C    C  N N 16  
ARG O    O  N N 17  
ARG CB   C  N N 18  
ARG CG   C  N N 19  
ARG CD   C  N N 20  
ARG NE   N  N N 21  
ARG CZ   C  N N 22  
ARG NH1  N  N N 23  
ARG NH2  N  N N 24  
ARG OXT  O  N N 25  
ARG H    H  N N 26  
ARG H2   H  N N 27  
ARG HA   H  N N 28  
ARG HB2  H  N N 29  
ARG HB3  H  N N 30  
ARG HG2  H  N N 31  
ARG HG3  H  N N 32  
ARG HD2  H  N N 33  
ARG HD3  H  N N 34  
ARG HE   H  N N 35  
ARG HH11 H  N N 36  
ARG HH12 H  N N 37  
ARG HH21 H  N N 38  
ARG HH22 H  N N 39  
ARG HXT  H  N N 40  
ASN N    N  N N 41  
ASN CA   C  N S 42  
ASN C    C  N N 43  
ASN O    O  N N 44  
ASN CB   C  N N 45  
ASN CG   C  N N 46  
ASN OD1  O  N N 47  
ASN ND2  N  N N 48  
ASN OXT  O  N N 49  
ASN H    H  N N 50  
ASN H2   H  N N 51  
ASN HA   H  N N 52  
ASN HB2  H  N N 53  
ASN HB3  H  N N 54  
ASN HD21 H  N N 55  
ASN HD22 H  N N 56  
ASN HXT  H  N N 57  
ASP N    N  N N 58  
ASP CA   C  N S 59  
ASP C    C  N N 60  
ASP O    O  N N 61  
ASP CB   C  N N 62  
ASP CG   C  N N 63  
ASP OD1  O  N N 64  
ASP OD2  O  N N 65  
ASP OXT  O  N N 66  
ASP H    H  N N 67  
ASP H2   H  N N 68  
ASP HA   H  N N 69  
ASP HB2  H  N N 70  
ASP HB3  H  N N 71  
ASP HD2  H  N N 72  
ASP HXT  H  N N 73  
CL  CL   CL N N 74  
CYS N    N  N N 75  
CYS CA   C  N R 76  
CYS C    C  N N 77  
CYS O    O  N N 78  
CYS CB   C  N N 79  
CYS SG   S  N N 80  
CYS OXT  O  N N 81  
CYS H    H  N N 82  
CYS H2   H  N N 83  
CYS HA   H  N N 84  
CYS HB2  H  N N 85  
CYS HB3  H  N N 86  
CYS HG   H  N N 87  
CYS HXT  H  N N 88  
GLN N    N  N N 89  
GLN CA   C  N S 90  
GLN C    C  N N 91  
GLN O    O  N N 92  
GLN CB   C  N N 93  
GLN CG   C  N N 94  
GLN CD   C  N N 95  
GLN OE1  O  N N 96  
GLN NE2  N  N N 97  
GLN OXT  O  N N 98  
GLN H    H  N N 99  
GLN H2   H  N N 100 
GLN HA   H  N N 101 
GLN HB2  H  N N 102 
GLN HB3  H  N N 103 
GLN HG2  H  N N 104 
GLN HG3  H  N N 105 
GLN HE21 H  N N 106 
GLN HE22 H  N N 107 
GLN HXT  H  N N 108 
GLU N    N  N N 109 
GLU CA   C  N S 110 
GLU C    C  N N 111 
GLU O    O  N N 112 
GLU CB   C  N N 113 
GLU CG   C  N N 114 
GLU CD   C  N N 115 
GLU OE1  O  N N 116 
GLU OE2  O  N N 117 
GLU OXT  O  N N 118 
GLU H    H  N N 119 
GLU H2   H  N N 120 
GLU HA   H  N N 121 
GLU HB2  H  N N 122 
GLU HB3  H  N N 123 
GLU HG2  H  N N 124 
GLU HG3  H  N N 125 
GLU HE2  H  N N 126 
GLU HXT  H  N N 127 
GLY N    N  N N 128 
GLY CA   C  N N 129 
GLY C    C  N N 130 
GLY O    O  N N 131 
GLY OXT  O  N N 132 
GLY H    H  N N 133 
GLY H2   H  N N 134 
GLY HA2  H  N N 135 
GLY HA3  H  N N 136 
GLY HXT  H  N N 137 
HIS N    N  N N 138 
HIS CA   C  N S 139 
HIS C    C  N N 140 
HIS O    O  N N 141 
HIS CB   C  N N 142 
HIS CG   C  Y N 143 
HIS ND1  N  Y N 144 
HIS CD2  C  Y N 145 
HIS CE1  C  Y N 146 
HIS NE2  N  Y N 147 
HIS OXT  O  N N 148 
HIS H    H  N N 149 
HIS H2   H  N N 150 
HIS HA   H  N N 151 
HIS HB2  H  N N 152 
HIS HB3  H  N N 153 
HIS HD1  H  N N 154 
HIS HD2  H  N N 155 
HIS HE1  H  N N 156 
HIS HE2  H  N N 157 
HIS HXT  H  N N 158 
HOH O    O  N N 159 
HOH H1   H  N N 160 
HOH H2   H  N N 161 
ILE N    N  N N 162 
ILE CA   C  N S 163 
ILE C    C  N N 164 
ILE O    O  N N 165 
ILE CB   C  N S 166 
ILE CG1  C  N N 167 
ILE CG2  C  N N 168 
ILE CD1  C  N N 169 
ILE OXT  O  N N 170 
ILE H    H  N N 171 
ILE H2   H  N N 172 
ILE HA   H  N N 173 
ILE HB   H  N N 174 
ILE HG12 H  N N 175 
ILE HG13 H  N N 176 
ILE HG21 H  N N 177 
ILE HG22 H  N N 178 
ILE HG23 H  N N 179 
ILE HD11 H  N N 180 
ILE HD12 H  N N 181 
ILE HD13 H  N N 182 
ILE HXT  H  N N 183 
LEU N    N  N N 184 
LEU CA   C  N S 185 
LEU C    C  N N 186 
LEU O    O  N N 187 
LEU CB   C  N N 188 
LEU CG   C  N N 189 
LEU CD1  C  N N 190 
LEU CD2  C  N N 191 
LEU OXT  O  N N 192 
LEU H    H  N N 193 
LEU H2   H  N N 194 
LEU HA   H  N N 195 
LEU HB2  H  N N 196 
LEU HB3  H  N N 197 
LEU HG   H  N N 198 
LEU HD11 H  N N 199 
LEU HD12 H  N N 200 
LEU HD13 H  N N 201 
LEU HD21 H  N N 202 
LEU HD22 H  N N 203 
LEU HD23 H  N N 204 
LEU HXT  H  N N 205 
LYS N    N  N N 206 
LYS CA   C  N S 207 
LYS C    C  N N 208 
LYS O    O  N N 209 
LYS CB   C  N N 210 
LYS CG   C  N N 211 
LYS CD   C  N N 212 
LYS CE   C  N N 213 
LYS NZ   N  N N 214 
LYS OXT  O  N N 215 
LYS H    H  N N 216 
LYS H2   H  N N 217 
LYS HA   H  N N 218 
LYS HB2  H  N N 219 
LYS HB3  H  N N 220 
LYS HG2  H  N N 221 
LYS HG3  H  N N 222 
LYS HD2  H  N N 223 
LYS HD3  H  N N 224 
LYS HE2  H  N N 225 
LYS HE3  H  N N 226 
LYS HZ1  H  N N 227 
LYS HZ2  H  N N 228 
LYS HZ3  H  N N 229 
LYS HXT  H  N N 230 
MET N    N  N N 231 
MET CA   C  N S 232 
MET C    C  N N 233 
MET O    O  N N 234 
MET CB   C  N N 235 
MET CG   C  N N 236 
MET SD   S  N N 237 
MET CE   C  N N 238 
MET OXT  O  N N 239 
MET H    H  N N 240 
MET H2   H  N N 241 
MET HA   H  N N 242 
MET HB2  H  N N 243 
MET HB3  H  N N 244 
MET HG2  H  N N 245 
MET HG3  H  N N 246 
MET HE1  H  N N 247 
MET HE2  H  N N 248 
MET HE3  H  N N 249 
MET HXT  H  N N 250 
MN  MN   MN N N 251 
PHE N    N  N N 252 
PHE CA   C  N S 253 
PHE C    C  N N 254 
PHE O    O  N N 255 
PHE CB   C  N N 256 
PHE CG   C  Y N 257 
PHE CD1  C  Y N 258 
PHE CD2  C  Y N 259 
PHE CE1  C  Y N 260 
PHE CE2  C  Y N 261 
PHE CZ   C  Y N 262 
PHE OXT  O  N N 263 
PHE H    H  N N 264 
PHE H2   H  N N 265 
PHE HA   H  N N 266 
PHE HB2  H  N N 267 
PHE HB3  H  N N 268 
PHE HD1  H  N N 269 
PHE HD2  H  N N 270 
PHE HE1  H  N N 271 
PHE HE2  H  N N 272 
PHE HZ   H  N N 273 
PHE HXT  H  N N 274 
PRO N    N  N N 275 
PRO CA   C  N S 276 
PRO C    C  N N 277 
PRO O    O  N N 278 
PRO CB   C  N N 279 
PRO CG   C  N N 280 
PRO CD   C  N N 281 
PRO OXT  O  N N 282 
PRO H    H  N N 283 
PRO HA   H  N N 284 
PRO HB2  H  N N 285 
PRO HB3  H  N N 286 
PRO HG2  H  N N 287 
PRO HG3  H  N N 288 
PRO HD2  H  N N 289 
PRO HD3  H  N N 290 
PRO HXT  H  N N 291 
SER N    N  N N 292 
SER CA   C  N S 293 
SER C    C  N N 294 
SER O    O  N N 295 
SER CB   C  N N 296 
SER OG   O  N N 297 
SER OXT  O  N N 298 
SER H    H  N N 299 
SER H2   H  N N 300 
SER HA   H  N N 301 
SER HB2  H  N N 302 
SER HB3  H  N N 303 
SER HG   H  N N 304 
SER HXT  H  N N 305 
THR N    N  N N 306 
THR CA   C  N S 307 
THR C    C  N N 308 
THR O    O  N N 309 
THR CB   C  N R 310 
THR OG1  O  N N 311 
THR CG2  C  N N 312 
THR OXT  O  N N 313 
THR H    H  N N 314 
THR H2   H  N N 315 
THR HA   H  N N 316 
THR HB   H  N N 317 
THR HG1  H  N N 318 
THR HG21 H  N N 319 
THR HG22 H  N N 320 
THR HG23 H  N N 321 
THR HXT  H  N N 322 
TRP N    N  N N 323 
TRP CA   C  N S 324 
TRP C    C  N N 325 
TRP O    O  N N 326 
TRP CB   C  N N 327 
TRP CG   C  Y N 328 
TRP CD1  C  Y N 329 
TRP CD2  C  Y N 330 
TRP NE1  N  Y N 331 
TRP CE2  C  Y N 332 
TRP CE3  C  Y N 333 
TRP CZ2  C  Y N 334 
TRP CZ3  C  Y N 335 
TRP CH2  C  Y N 336 
TRP OXT  O  N N 337 
TRP H    H  N N 338 
TRP H2   H  N N 339 
TRP HA   H  N N 340 
TRP HB2  H  N N 341 
TRP HB3  H  N N 342 
TRP HD1  H  N N 343 
TRP HE1  H  N N 344 
TRP HE3  H  N N 345 
TRP HZ2  H  N N 346 
TRP HZ3  H  N N 347 
TRP HH2  H  N N 348 
TRP HXT  H  N N 349 
TYR N    N  N N 350 
TYR CA   C  N S 351 
TYR C    C  N N 352 
TYR O    O  N N 353 
TYR CB   C  N N 354 
TYR CG   C  Y N 355 
TYR CD1  C  Y N 356 
TYR CD2  C  Y N 357 
TYR CE1  C  Y N 358 
TYR CE2  C  Y N 359 
TYR CZ   C  Y N 360 
TYR OH   O  N N 361 
TYR OXT  O  N N 362 
TYR H    H  N N 363 
TYR H2   H  N N 364 
TYR HA   H  N N 365 
TYR HB2  H  N N 366 
TYR HB3  H  N N 367 
TYR HD1  H  N N 368 
TYR HD2  H  N N 369 
TYR HE1  H  N N 370 
TYR HE2  H  N N 371 
TYR HH   H  N N 372 
TYR HXT  H  N N 373 
VAL N    N  N N 374 
VAL CA   C  N S 375 
VAL C    C  N N 376 
VAL O    O  N N 377 
VAL CB   C  N N 378 
VAL CG1  C  N N 379 
VAL CG2  C  N N 380 
VAL OXT  O  N N 381 
VAL H    H  N N 382 
VAL H2   H  N N 383 
VAL HA   H  N N 384 
VAL HB   H  N N 385 
VAL HG11 H  N N 386 
VAL HG12 H  N N 387 
VAL HG13 H  N N 388 
VAL HG21 H  N N 389 
VAL HG22 H  N N 390 
VAL HG23 H  N N 391 
VAL HXT  H  N N 392 
# 
loop_
_chem_comp_bond.comp_id 
_chem_comp_bond.atom_id_1 
_chem_comp_bond.atom_id_2 
_chem_comp_bond.value_order 
_chem_comp_bond.pdbx_aromatic_flag 
_chem_comp_bond.pdbx_stereo_config 
_chem_comp_bond.pdbx_ordinal 
ALA N   CA   sing N N 1   
ALA N   H    sing N N 2   
ALA N   H2   sing N N 3   
ALA CA  C    sing N N 4   
ALA CA  CB   sing N N 5   
ALA CA  HA   sing N N 6   
ALA C   O    doub N N 7   
ALA C   OXT  sing N N 8   
ALA CB  HB1  sing N N 9   
ALA CB  HB2  sing N N 10  
ALA CB  HB3  sing N N 11  
ALA OXT HXT  sing N N 12  
ARG N   CA   sing N N 13  
ARG N   H    sing N N 14  
ARG N   H2   sing N N 15  
ARG CA  C    sing N N 16  
ARG CA  CB   sing N N 17  
ARG CA  HA   sing N N 18  
ARG C   O    doub N N 19  
ARG C   OXT  sing N N 20  
ARG CB  CG   sing N N 21  
ARG CB  HB2  sing N N 22  
ARG CB  HB3  sing N N 23  
ARG CG  CD   sing N N 24  
ARG CG  HG2  sing N N 25  
ARG CG  HG3  sing N N 26  
ARG CD  NE   sing N N 27  
ARG CD  HD2  sing N N 28  
ARG CD  HD3  sing N N 29  
ARG NE  CZ   sing N N 30  
ARG NE  HE   sing N N 31  
ARG CZ  NH1  sing N N 32  
ARG CZ  NH2  doub N N 33  
ARG NH1 HH11 sing N N 34  
ARG NH1 HH12 sing N N 35  
ARG NH2 HH21 sing N N 36  
ARG NH2 HH22 sing N N 37  
ARG OXT HXT  sing N N 38  
ASN N   CA   sing N N 39  
ASN N   H    sing N N 40  
ASN N   H2   sing N N 41  
ASN CA  C    sing N N 42  
ASN CA  CB   sing N N 43  
ASN CA  HA   sing N N 44  
ASN C   O    doub N N 45  
ASN C   OXT  sing N N 46  
ASN CB  CG   sing N N 47  
ASN CB  HB2  sing N N 48  
ASN CB  HB3  sing N N 49  
ASN CG  OD1  doub N N 50  
ASN CG  ND2  sing N N 51  
ASN ND2 HD21 sing N N 52  
ASN ND2 HD22 sing N N 53  
ASN OXT HXT  sing N N 54  
ASP N   CA   sing N N 55  
ASP N   H    sing N N 56  
ASP N   H2   sing N N 57  
ASP CA  C    sing N N 58  
ASP CA  CB   sing N N 59  
ASP CA  HA   sing N N 60  
ASP C   O    doub N N 61  
ASP C   OXT  sing N N 62  
ASP CB  CG   sing N N 63  
ASP CB  HB2  sing N N 64  
ASP CB  HB3  sing N N 65  
ASP CG  OD1  doub N N 66  
ASP CG  OD2  sing N N 67  
ASP OD2 HD2  sing N N 68  
ASP OXT HXT  sing N N 69  
CYS N   CA   sing N N 70  
CYS N   H    sing N N 71  
CYS N   H2   sing N N 72  
CYS CA  C    sing N N 73  
CYS CA  CB   sing N N 74  
CYS CA  HA   sing N N 75  
CYS C   O    doub N N 76  
CYS C   OXT  sing N N 77  
CYS CB  SG   sing N N 78  
CYS CB  HB2  sing N N 79  
CYS CB  HB3  sing N N 80  
CYS SG  HG   sing N N 81  
CYS OXT HXT  sing N N 82  
GLN N   CA   sing N N 83  
GLN N   H    sing N N 84  
GLN N   H2   sing N N 85  
GLN CA  C    sing N N 86  
GLN CA  CB   sing N N 87  
GLN CA  HA   sing N N 88  
GLN C   O    doub N N 89  
GLN C   OXT  sing N N 90  
GLN CB  CG   sing N N 91  
GLN CB  HB2  sing N N 92  
GLN CB  HB3  sing N N 93  
GLN CG  CD   sing N N 94  
GLN CG  HG2  sing N N 95  
GLN CG  HG3  sing N N 96  
GLN CD  OE1  doub N N 97  
GLN CD  NE2  sing N N 98  
GLN NE2 HE21 sing N N 99  
GLN NE2 HE22 sing N N 100 
GLN OXT HXT  sing N N 101 
GLU N   CA   sing N N 102 
GLU N   H    sing N N 103 
GLU N   H2   sing N N 104 
GLU CA  C    sing N N 105 
GLU CA  CB   sing N N 106 
GLU CA  HA   sing N N 107 
GLU C   O    doub N N 108 
GLU C   OXT  sing N N 109 
GLU CB  CG   sing N N 110 
GLU CB  HB2  sing N N 111 
GLU CB  HB3  sing N N 112 
GLU CG  CD   sing N N 113 
GLU CG  HG2  sing N N 114 
GLU CG  HG3  sing N N 115 
GLU CD  OE1  doub N N 116 
GLU CD  OE2  sing N N 117 
GLU OE2 HE2  sing N N 118 
GLU OXT HXT  sing N N 119 
GLY N   CA   sing N N 120 
GLY N   H    sing N N 121 
GLY N   H2   sing N N 122 
GLY CA  C    sing N N 123 
GLY CA  HA2  sing N N 124 
GLY CA  HA3  sing N N 125 
GLY C   O    doub N N 126 
GLY C   OXT  sing N N 127 
GLY OXT HXT  sing N N 128 
HIS N   CA   sing N N 129 
HIS N   H    sing N N 130 
HIS N   H2   sing N N 131 
HIS CA  C    sing N N 132 
HIS CA  CB   sing N N 133 
HIS CA  HA   sing N N 134 
HIS C   O    doub N N 135 
HIS C   OXT  sing N N 136 
HIS CB  CG   sing N N 137 
HIS CB  HB2  sing N N 138 
HIS CB  HB3  sing N N 139 
HIS CG  ND1  sing Y N 140 
HIS CG  CD2  doub Y N 141 
HIS ND1 CE1  doub Y N 142 
HIS ND1 HD1  sing N N 143 
HIS CD2 NE2  sing Y N 144 
HIS CD2 HD2  sing N N 145 
HIS CE1 NE2  sing Y N 146 
HIS CE1 HE1  sing N N 147 
HIS NE2 HE2  sing N N 148 
HIS OXT HXT  sing N N 149 
HOH O   H1   sing N N 150 
HOH O   H2   sing N N 151 
ILE N   CA   sing N N 152 
ILE N   H    sing N N 153 
ILE N   H2   sing N N 154 
ILE CA  C    sing N N 155 
ILE CA  CB   sing N N 156 
ILE CA  HA   sing N N 157 
ILE C   O    doub N N 158 
ILE C   OXT  sing N N 159 
ILE CB  CG1  sing N N 160 
ILE CB  CG2  sing N N 161 
ILE CB  HB   sing N N 162 
ILE CG1 CD1  sing N N 163 
ILE CG1 HG12 sing N N 164 
ILE CG1 HG13 sing N N 165 
ILE CG2 HG21 sing N N 166 
ILE CG2 HG22 sing N N 167 
ILE CG2 HG23 sing N N 168 
ILE CD1 HD11 sing N N 169 
ILE CD1 HD12 sing N N 170 
ILE CD1 HD13 sing N N 171 
ILE OXT HXT  sing N N 172 
LEU N   CA   sing N N 173 
LEU N   H    sing N N 174 
LEU N   H2   sing N N 175 
LEU CA  C    sing N N 176 
LEU CA  CB   sing N N 177 
LEU CA  HA   sing N N 178 
LEU C   O    doub N N 179 
LEU C   OXT  sing N N 180 
LEU CB  CG   sing N N 181 
LEU CB  HB2  sing N N 182 
LEU CB  HB3  sing N N 183 
LEU CG  CD1  sing N N 184 
LEU CG  CD2  sing N N 185 
LEU CG  HG   sing N N 186 
LEU CD1 HD11 sing N N 187 
LEU CD1 HD12 sing N N 188 
LEU CD1 HD13 sing N N 189 
LEU CD2 HD21 sing N N 190 
LEU CD2 HD22 sing N N 191 
LEU CD2 HD23 sing N N 192 
LEU OXT HXT  sing N N 193 
LYS N   CA   sing N N 194 
LYS N   H    sing N N 195 
LYS N   H2   sing N N 196 
LYS CA  C    sing N N 197 
LYS CA  CB   sing N N 198 
LYS CA  HA   sing N N 199 
LYS C   O    doub N N 200 
LYS C   OXT  sing N N 201 
LYS CB  CG   sing N N 202 
LYS CB  HB2  sing N N 203 
LYS CB  HB3  sing N N 204 
LYS CG  CD   sing N N 205 
LYS CG  HG2  sing N N 206 
LYS CG  HG3  sing N N 207 
LYS CD  CE   sing N N 208 
LYS CD  HD2  sing N N 209 
LYS CD  HD3  sing N N 210 
LYS CE  NZ   sing N N 211 
LYS CE  HE2  sing N N 212 
LYS CE  HE3  sing N N 213 
LYS NZ  HZ1  sing N N 214 
LYS NZ  HZ2  sing N N 215 
LYS NZ  HZ3  sing N N 216 
LYS OXT HXT  sing N N 217 
MET N   CA   sing N N 218 
MET N   H    sing N N 219 
MET N   H2   sing N N 220 
MET CA  C    sing N N 221 
MET CA  CB   sing N N 222 
MET CA  HA   sing N N 223 
MET C   O    doub N N 224 
MET C   OXT  sing N N 225 
MET CB  CG   sing N N 226 
MET CB  HB2  sing N N 227 
MET CB  HB3  sing N N 228 
MET CG  SD   sing N N 229 
MET CG  HG2  sing N N 230 
MET CG  HG3  sing N N 231 
MET SD  CE   sing N N 232 
MET CE  HE1  sing N N 233 
MET CE  HE2  sing N N 234 
MET CE  HE3  sing N N 235 
MET OXT HXT  sing N N 236 
PHE N   CA   sing N N 237 
PHE N   H    sing N N 238 
PHE N   H2   sing N N 239 
PHE CA  C    sing N N 240 
PHE CA  CB   sing N N 241 
PHE CA  HA   sing N N 242 
PHE C   O    doub N N 243 
PHE C   OXT  sing N N 244 
PHE CB  CG   sing N N 245 
PHE CB  HB2  sing N N 246 
PHE CB  HB3  sing N N 247 
PHE CG  CD1  doub Y N 248 
PHE CG  CD2  sing Y N 249 
PHE CD1 CE1  sing Y N 250 
PHE CD1 HD1  sing N N 251 
PHE CD2 CE2  doub Y N 252 
PHE CD2 HD2  sing N N 253 
PHE CE1 CZ   doub Y N 254 
PHE CE1 HE1  sing N N 255 
PHE CE2 CZ   sing Y N 256 
PHE CE2 HE2  sing N N 257 
PHE CZ  HZ   sing N N 258 
PHE OXT HXT  sing N N 259 
PRO N   CA   sing N N 260 
PRO N   CD   sing N N 261 
PRO N   H    sing N N 262 
PRO CA  C    sing N N 263 
PRO CA  CB   sing N N 264 
PRO CA  HA   sing N N 265 
PRO C   O    doub N N 266 
PRO C   OXT  sing N N 267 
PRO CB  CG   sing N N 268 
PRO CB  HB2  sing N N 269 
PRO CB  HB3  sing N N 270 
PRO CG  CD   sing N N 271 
PRO CG  HG2  sing N N 272 
PRO CG  HG3  sing N N 273 
PRO CD  HD2  sing N N 274 
PRO CD  HD3  sing N N 275 
PRO OXT HXT  sing N N 276 
SER N   CA   sing N N 277 
SER N   H    sing N N 278 
SER N   H2   sing N N 279 
SER CA  C    sing N N 280 
SER CA  CB   sing N N 281 
SER CA  HA   sing N N 282 
SER C   O    doub N N 283 
SER C   OXT  sing N N 284 
SER CB  OG   sing N N 285 
SER CB  HB2  sing N N 286 
SER CB  HB3  sing N N 287 
SER OG  HG   sing N N 288 
SER OXT HXT  sing N N 289 
THR N   CA   sing N N 290 
THR N   H    sing N N 291 
THR N   H2   sing N N 292 
THR CA  C    sing N N 293 
THR CA  CB   sing N N 294 
THR CA  HA   sing N N 295 
THR C   O    doub N N 296 
THR C   OXT  sing N N 297 
THR CB  OG1  sing N N 298 
THR CB  CG2  sing N N 299 
THR CB  HB   sing N N 300 
THR OG1 HG1  sing N N 301 
THR CG2 HG21 sing N N 302 
THR CG2 HG22 sing N N 303 
THR CG2 HG23 sing N N 304 
THR OXT HXT  sing N N 305 
TRP N   CA   sing N N 306 
TRP N   H    sing N N 307 
TRP N   H2   sing N N 308 
TRP CA  C    sing N N 309 
TRP CA  CB   sing N N 310 
TRP CA  HA   sing N N 311 
TRP C   O    doub N N 312 
TRP C   OXT  sing N N 313 
TRP CB  CG   sing N N 314 
TRP CB  HB2  sing N N 315 
TRP CB  HB3  sing N N 316 
TRP CG  CD1  doub Y N 317 
TRP CG  CD2  sing Y N 318 
TRP CD1 NE1  sing Y N 319 
TRP CD1 HD1  sing N N 320 
TRP CD2 CE2  doub Y N 321 
TRP CD2 CE3  sing Y N 322 
TRP NE1 CE2  sing Y N 323 
TRP NE1 HE1  sing N N 324 
TRP CE2 CZ2  sing Y N 325 
TRP CE3 CZ3  doub Y N 326 
TRP CE3 HE3  sing N N 327 
TRP CZ2 CH2  doub Y N 328 
TRP CZ2 HZ2  sing N N 329 
TRP CZ3 CH2  sing Y N 330 
TRP CZ3 HZ3  sing N N 331 
TRP CH2 HH2  sing N N 332 
TRP OXT HXT  sing N N 333 
TYR N   CA   sing N N 334 
TYR N   H    sing N N 335 
TYR N   H2   sing N N 336 
TYR CA  C    sing N N 337 
TYR CA  CB   sing N N 338 
TYR CA  HA   sing N N 339 
TYR C   O    doub N N 340 
TYR C   OXT  sing N N 341 
TYR CB  CG   sing N N 342 
TYR CB  HB2  sing N N 343 
TYR CB  HB3  sing N N 344 
TYR CG  CD1  doub Y N 345 
TYR CG  CD2  sing Y N 346 
TYR CD1 CE1  sing Y N 347 
TYR CD1 HD1  sing N N 348 
TYR CD2 CE2  doub Y N 349 
TYR CD2 HD2  sing N N 350 
TYR CE1 CZ   doub Y N 351 
TYR CE1 HE1  sing N N 352 
TYR CE2 CZ   sing Y N 353 
TYR CE2 HE2  sing N N 354 
TYR CZ  OH   sing N N 355 
TYR OH  HH   sing N N 356 
TYR OXT HXT  sing N N 357 
VAL N   CA   sing N N 358 
VAL N   H    sing N N 359 
VAL N   H2   sing N N 360 
VAL CA  C    sing N N 361 
VAL CA  CB   sing N N 362 
VAL CA  HA   sing N N 363 
VAL C   O    doub N N 364 
VAL C   OXT  sing N N 365 
VAL CB  CG1  sing N N 366 
VAL CB  CG2  sing N N 367 
VAL CB  HB   sing N N 368 
VAL CG1 HG11 sing N N 369 
VAL CG1 HG12 sing N N 370 
VAL CG1 HG13 sing N N 371 
VAL CG2 HG21 sing N N 372 
VAL CG2 HG22 sing N N 373 
VAL CG2 HG23 sing N N 374 
VAL OXT HXT  sing N N 375 
# 
loop_
_pdbx_entity_nonpoly.entity_id 
_pdbx_entity_nonpoly.name 
_pdbx_entity_nonpoly.comp_id 
2 'MANGANESE (II) ION' MN  
3 'CHLORIDE ION'       CL  
4 water                HOH 
# 
_pdbx_initial_refinement_model.id               1 
_pdbx_initial_refinement_model.entity_id_list   ? 
_pdbx_initial_refinement_model.type             'experimental model' 
_pdbx_initial_refinement_model.source_name      PDB 
_pdbx_initial_refinement_model.accession_code   1V2B 
_pdbx_initial_refinement_model.details          ? 
# 
